data_7PC0
#
_entry.id   7PC0
#
_cell.length_a   1.00
_cell.length_b   1.00
_cell.length_c   1.00
_cell.angle_alpha   90.00
_cell.angle_beta   90.00
_cell.angle_gamma   90.00
#
_symmetry.space_group_name_H-M   'P 1'
#
loop_
_entity.id
_entity.type
_entity.pdbx_description
1 polymer 'Megabody 25'
2 polymer 'Gamma-aminobutyric acid receptor subunit alpha-1'
3 polymer 'Gamma-aminobutyric acid receptor subunit beta-3'
4 polymer 'Gamma-aminobutyric acid receptor subunit alpha-1'
5 polymer Alpha-cobratoxin
6 branched alpha-D-mannopyranose-(1-3)-[alpha-D-mannopyranose-(1-6)]alpha-D-mannopyranose-(1-6)-[alpha-D-mannopyranose-(1-3)]beta-D-mannopyranose-(1-4)-2-acetamido-2-deoxy-beta-D-glucopyranose-(1-4)-2-acetamido-2-deoxy-beta-D-glucopyranose
7 branched 2-acetamido-2-deoxy-beta-D-glucopyranose-(1-4)-2-acetamido-2-deoxy-beta-D-glucopyranose
8 branched alpha-D-mannopyranose-(1-3)-alpha-D-mannopyranose-(1-6)-[alpha-D-mannopyranose-(1-3)]beta-D-mannopyranose-(1-4)-2-acetamido-2-deoxy-beta-D-glucopyranose-(1-4)-2-acetamido-2-deoxy-beta-D-glucopyranose
9 branched alpha-D-mannopyranose-(1-6)-beta-D-mannopyranose-(1-4)-2-acetamido-2-deoxy-beta-D-glucopyranose-(1-4)-2-acetamido-2-deoxy-beta-D-glucopyranose
10 non-polymer 2-acetamido-2-deoxy-beta-D-glucopyranose
11 non-polymer HISTAMINE
12 non-polymer 'ZINC ION'
13 non-polymer HEXANE
#
loop_
_entity_poly.entity_id
_entity_poly.type
_entity_poly.pdbx_seq_one_letter_code
_entity_poly.pdbx_strand_id
1 'polypeptide(L)'
;QVQLQESGGGLVQTKTTTSVIDTTNDAQNLLTQAQTIVNTLKDYCPILIAKSSSSNGGTNNANTPSWQTAGGGKNSCATF
GAEFSAASDMINNAQKIVQETQQLSANQPKNITQPHNLNLNSPSSLTALAQKMLKNAQSQAEILKLANQVESDFNKLSSG
HLKDYIGKCDASAISSANMTMQNQKNNWGNGCAGVEETQSLLKTSAADFNNQTPQINQAQNLANTLIQELGNNTYEQLSR
LLTNDNGTNSKTSAQAINQAVNNLNERAKTLAGGTTNSPAYQATLLALRSVLGLWNSMGYAVICGGYTKSPGENNQKDFH
YTDENGNGTTINCGGSTNSNGTHSYNGTNTLKADKNVSLSIEQYEKIHEAYQILSKALKQAGLAPLNSKGEKLEAHVTTS
KYGSLRLSCAASGHTFNYPIMGWFRQAPGKEREFVGAISWSGGSTSYADSVKDRFTISRDNAKNTVYLEMNNLKPEDTAV
YYCAAKGRYSGGLYYPTNYDYWGQGTQVTVSSHHHHHHEPEA
;
F
2 'polypeptide(L)'
;QPSQDELKDNTTVFTRILDRLLDGYDNRLRPGLGERVTEVKTDIFVTSFGPVSDHDMEYTIDVFFRQSWKDERLKFKGPM
TVLRLNNLMASKIWTPDTFFHNGKKSVAHNMTMPNKLLRITEDGTLLYTMRLTVRAECPMHLEDFPMDAHACPLKFGSYA
YTRAEVVYEWTREPARSVVVAEDGSRLNQYDLLGQTVDSGIVQSSTGEYVVMTTHFHLKRKIGYFVIQTYLPCIMTVILS
QVSFWLNRESVPARTVFGVTTVLTMTTLSISARNSLPKVAYATAMDWFIAVCYAFVFSALIEFATVNYFTKSQPARAAKI
DRLSRIAFPLLFGIFNLVYWATYLNREPQLKAPTPHQGTTESTQVAPA
;
A
3 'polypeptide(L)'
;QSVNDPGNMSFVKETVDKLLKGYDIRLRPDFGGPPVCVGMNIDIASIDMVSEVNMDYTLTMYFQQYWRDKRLAYSGIPLN
LTLDNRVADQLWVPDTYFLNDKKSFVHGVTVKNRMIRLHPDGTVLYGLRITTTAACMMDLRRYPLDEQNCTLEIESYGYT
TDDIEFYWRGGDKAVTGVERIELPQFSIVEHRLVSRNVVFATGAYPRLSLSFRLKRNIGYFILQTYMPSILITILSWVSF
WINYDASAARVALGITTVLTMTTINTHLRETLPKIPYVKAIDMYLMGCFVFVFLALLEYAFVNYIFFSQPAGTADLEDNW
ETLNDNLKVIEKADNAAQVKDALTKMRAAALDAQKATPPKLEDKSPDSPEMKDFRHGFDILVGQIDDALKLANEGKVKEA
QAAAEQLKTTRNAYIQKYLTGRAAAIDRWSRIVFPFTFSLFNLVYWLYYVN
;
B,C,E
4 'polypeptide(L)'
;MDEKTTGWRGGHVVEGLAGELEQLRARLEHHPQGQREPDYDIPTTENLYFQGTGQPSQDELKDNTTVFTRILDRLLDGYD
NRLRPGLGERVTEVKTDIFVTSFGPVSDHDMEYTIDVFFRQSWKDERLKFKGPMTVLRLNNLMASKIWTPDTFFHNGKKS
VAHNMTMPNKLLRITEDGTLLYTMRLTVRAECPMHLEDFPMDAHACPLKFGSYAYTRAEVVYEWTREPARSVVVAEDGSR
LNQYDLLGQTVDSGIVQSSTGEYVVMTTHFHLKRKIGYFVIQTYLPCIMTVILSQVSFWLNRESVPARTVFGVTTVLTMT
TLSISARNSLPKVAYATAMDWFIAVCYAFVFSALIEFATVNYFTKSQPARAAKIDRLSRIAFPLLFGIFNLVYWATYLNR
EPQLKAPTPHQ
;
D
5 'polypeptide(L)' IRCFITPDITSKDCPNGHVCYTKTWCDAFCSIRGKRVDLGCAATCPTVKTGVDIQCCSTDNCNPFPTRKRP K,L
#
# COMPACT_ATOMS: atom_id res chain seq x y z
N GLN A 1 -13.24 -22.48 -25.38
CA GLN A 1 -13.83 -22.90 -26.68
C GLN A 1 -15.28 -22.47 -26.78
N VAL A 2 -15.50 -21.30 -27.36
CA VAL A 2 -16.82 -20.69 -27.45
C VAL A 2 -17.40 -20.99 -28.83
N GLN A 3 -18.50 -21.73 -28.86
CA GLN A 3 -19.13 -22.17 -30.11
C GLN A 3 -20.28 -21.24 -30.46
N LEU A 4 -19.97 -20.27 -31.31
CA LEU A 4 -20.94 -19.25 -31.68
C LEU A 4 -22.04 -19.86 -32.55
N GLN A 5 -23.24 -19.27 -32.49
CA GLN A 5 -24.33 -19.67 -33.37
C GLN A 5 -25.25 -18.50 -33.63
N GLU A 6 -25.60 -18.30 -34.90
CA GLU A 6 -26.44 -17.17 -35.29
C GLU A 6 -27.92 -17.56 -35.29
N SER A 7 -28.78 -16.58 -35.57
CA SER A 7 -30.22 -16.81 -35.63
C SER A 7 -30.90 -15.62 -36.27
N GLY A 8 -31.87 -15.87 -37.16
CA GLY A 8 -32.55 -14.82 -37.87
C GLY A 8 -33.35 -13.91 -36.96
N LEU A 405 -34.51 -5.62 -40.21
CA LEU A 405 -34.28 -7.04 -40.02
C LEU A 405 -33.67 -7.26 -38.64
N ARG A 406 -33.67 -8.51 -38.17
CA ARG A 406 -33.12 -8.87 -36.87
C ARG A 406 -32.16 -10.04 -37.05
N LEU A 407 -31.06 -10.02 -36.30
CA LEU A 407 -30.08 -11.10 -36.38
C LEU A 407 -29.39 -11.19 -35.02
N SER A 408 -29.60 -12.30 -34.32
CA SER A 408 -29.01 -12.52 -33.00
C SER A 408 -27.91 -13.57 -33.10
N CYS A 409 -27.06 -13.59 -32.08
CA CYS A 409 -25.93 -14.52 -32.02
C CYS A 409 -25.75 -14.94 -30.57
N ALA A 410 -25.97 -16.23 -30.32
CA ALA A 410 -25.77 -16.82 -29.00
C ALA A 410 -24.39 -17.48 -28.93
N ALA A 411 -23.81 -17.47 -27.75
CA ALA A 411 -22.49 -18.02 -27.49
C ALA A 411 -22.59 -19.08 -26.39
N SER A 412 -21.47 -19.79 -26.18
CA SER A 412 -21.40 -20.85 -25.19
C SER A 412 -19.94 -21.02 -24.78
N GLY A 413 -19.65 -22.09 -24.07
CA GLY A 413 -18.27 -22.36 -23.69
C GLY A 413 -17.71 -21.33 -22.73
N HIS A 414 -16.41 -21.06 -22.87
CA HIS A 414 -15.71 -20.13 -22.00
C HIS A 414 -15.90 -18.72 -22.55
N THR A 415 -17.10 -18.18 -22.33
CA THR A 415 -17.42 -16.84 -22.83
C THR A 415 -16.56 -15.78 -22.18
N PHE A 416 -16.25 -15.95 -20.89
CA PHE A 416 -15.50 -14.93 -20.16
C PHE A 416 -14.10 -14.73 -20.74
N ASN A 417 -13.51 -15.79 -21.31
CA ASN A 417 -12.20 -15.64 -21.95
C ASN A 417 -12.26 -14.83 -23.23
N TYR A 418 -13.45 -14.67 -23.82
CA TYR A 418 -13.63 -13.91 -25.06
C TYR A 418 -14.74 -12.88 -24.84
N PRO A 419 -14.45 -11.84 -24.04
CA PRO A 419 -15.50 -10.88 -23.72
C PRO A 419 -16.03 -10.11 -24.91
N ILE A 420 -15.20 -9.83 -25.92
CA ILE A 420 -15.59 -8.91 -26.98
C ILE A 420 -16.25 -9.69 -28.10
N MET A 421 -17.29 -9.11 -28.70
CA MET A 421 -18.09 -9.75 -29.73
C MET A 421 -18.13 -8.83 -30.93
N GLY A 422 -17.84 -9.37 -32.12
CA GLY A 422 -17.77 -8.59 -33.33
C GLY A 422 -18.70 -9.14 -34.40
N TRP A 423 -19.25 -8.24 -35.19
CA TRP A 423 -20.14 -8.55 -36.30
C TRP A 423 -19.47 -8.08 -37.59
N PHE A 424 -19.14 -9.03 -38.47
CA PHE A 424 -18.41 -8.76 -39.70
C PHE A 424 -19.31 -9.00 -40.89
N ARG A 425 -19.05 -8.24 -41.96
CA ARG A 425 -19.79 -8.33 -43.22
C ARG A 425 -18.81 -8.72 -44.31
N GLN A 426 -19.09 -9.82 -45.01
CA GLN A 426 -18.20 -10.37 -46.03
C GLN A 426 -18.86 -10.12 -47.39
N ALA A 427 -18.35 -9.14 -48.12
CA ALA A 427 -18.89 -8.81 -49.43
C ALA A 427 -18.39 -9.81 -50.48
N PRO A 428 -19.08 -9.93 -51.62
CA PRO A 428 -18.58 -10.82 -52.68
C PRO A 428 -17.19 -10.43 -53.17
N GLY A 429 -16.91 -9.13 -53.24
CA GLY A 429 -15.63 -8.67 -53.77
C GLY A 429 -14.56 -8.48 -52.72
N LYS A 430 -14.85 -7.68 -51.70
CA LYS A 430 -13.88 -7.35 -50.67
C LYS A 430 -14.16 -8.17 -49.42
N GLU A 431 -13.11 -8.39 -48.62
CA GLU A 431 -13.16 -9.36 -47.54
C GLU A 431 -13.99 -8.83 -46.38
N ARG A 432 -13.90 -9.48 -45.22
CA ARG A 432 -14.65 -9.08 -44.03
C ARG A 432 -14.27 -7.66 -43.65
N GLU A 433 -15.24 -6.74 -43.78
CA GLU A 433 -14.94 -5.34 -44.04
C GLU A 433 -15.15 -4.41 -42.84
N PHE A 434 -16.33 -4.39 -42.23
CA PHE A 434 -16.61 -3.52 -41.08
C PHE A 434 -16.94 -4.37 -39.87
N VAL A 435 -17.03 -3.68 -38.73
CA VAL A 435 -17.14 -4.32 -37.42
C VAL A 435 -18.25 -3.64 -36.64
N GLY A 436 -19.23 -4.43 -36.20
CA GLY A 436 -20.15 -4.01 -35.15
C GLY A 436 -19.73 -4.66 -33.85
N ALA A 437 -19.19 -3.86 -32.93
CA ALA A 437 -18.57 -4.39 -31.72
C ALA A 437 -19.49 -4.21 -30.52
N ILE A 438 -19.42 -5.18 -29.60
CA ILE A 438 -20.18 -5.11 -28.36
C ILE A 438 -19.46 -5.94 -27.31
N SER A 439 -19.38 -5.41 -26.10
CA SER A 439 -18.80 -6.12 -24.98
C SER A 439 -19.87 -6.93 -24.27
N TRP A 440 -19.51 -8.15 -23.84
CA TRP A 440 -20.47 -8.98 -23.11
C TRP A 440 -20.87 -8.33 -21.80
N SER A 441 -19.91 -7.73 -21.09
CA SER A 441 -20.15 -7.10 -19.81
C SER A 441 -20.26 -5.59 -19.99
N GLY A 442 -21.36 -5.01 -19.52
CA GLY A 442 -21.61 -3.59 -19.61
C GLY A 442 -22.27 -3.14 -20.89
N GLY A 443 -22.32 -4.00 -21.91
CA GLY A 443 -22.99 -3.65 -23.15
C GLY A 443 -22.39 -2.49 -23.91
N SER A 444 -21.13 -2.15 -23.63
CA SER A 444 -20.49 -1.07 -24.35
C SER A 444 -20.34 -1.44 -25.82
N THR A 445 -20.74 -0.54 -26.71
CA THR A 445 -20.85 -0.81 -28.13
C THR A 445 -19.97 0.15 -28.93
N SER A 446 -19.58 -0.30 -30.11
CA SER A 446 -18.80 0.51 -31.04
C SER A 446 -19.12 0.06 -32.46
N TYR A 447 -19.43 1.02 -33.33
CA TYR A 447 -19.88 0.74 -34.68
C TYR A 447 -18.93 1.39 -35.69
N ALA A 448 -18.96 0.86 -36.91
CA ALA A 448 -18.29 1.52 -38.02
C ALA A 448 -19.07 2.77 -38.40
N ASP A 449 -18.40 3.67 -39.12
CA ASP A 449 -19.03 4.94 -39.48
C ASP A 449 -20.25 4.73 -40.36
N SER A 450 -20.15 3.82 -41.33
CA SER A 450 -21.24 3.64 -42.28
C SER A 450 -22.51 3.06 -41.64
N VAL A 451 -22.38 2.40 -40.48
CA VAL A 451 -23.50 1.69 -39.85
C VAL A 451 -23.85 2.34 -38.53
N LYS A 452 -23.69 3.66 -38.44
CA LYS A 452 -24.06 4.40 -37.23
C LYS A 452 -25.50 4.90 -37.38
N ASP A 453 -26.28 4.69 -36.32
CA ASP A 453 -27.68 5.11 -36.20
C ASP A 453 -28.64 4.30 -37.07
N ARG A 454 -28.17 3.27 -37.77
CA ARG A 454 -29.02 2.43 -38.61
C ARG A 454 -28.96 0.96 -38.22
N PHE A 455 -27.80 0.46 -37.83
CA PHE A 455 -27.67 -0.89 -37.29
C PHE A 455 -27.28 -0.73 -35.82
N THR A 456 -28.03 -1.38 -34.93
CA THR A 456 -27.77 -1.21 -33.50
C THR A 456 -27.74 -2.57 -32.79
N ILE A 457 -26.97 -2.62 -31.71
CA ILE A 457 -26.62 -3.86 -31.01
C ILE A 457 -27.10 -3.76 -29.57
N SER A 458 -27.69 -4.85 -29.09
CA SER A 458 -28.01 -5.04 -27.68
C SER A 458 -27.50 -6.40 -27.25
N ARG A 459 -27.64 -6.69 -25.96
CA ARG A 459 -27.15 -7.95 -25.42
C ARG A 459 -28.05 -8.40 -24.27
N ASP A 460 -28.04 -9.70 -24.02
CA ASP A 460 -28.82 -10.29 -22.94
C ASP A 460 -28.11 -11.55 -22.47
N ASN A 461 -27.63 -11.52 -21.23
CA ASN A 461 -26.87 -12.64 -20.68
C ASN A 461 -27.74 -13.70 -20.03
N ALA A 462 -29.06 -13.51 -19.99
CA ALA A 462 -29.93 -14.57 -19.48
C ALA A 462 -29.84 -15.81 -20.35
N LYS A 463 -29.62 -15.63 -21.66
CA LYS A 463 -29.33 -16.73 -22.58
C LYS A 463 -28.01 -16.53 -23.31
N ASN A 464 -27.21 -15.52 -22.94
CA ASN A 464 -25.91 -15.25 -23.53
C ASN A 464 -26.02 -15.05 -25.05
N THR A 465 -26.75 -13.98 -25.40
CA THR A 465 -27.03 -13.69 -26.80
C THR A 465 -26.95 -12.19 -27.06
N VAL A 466 -26.23 -11.83 -28.11
CA VAL A 466 -26.24 -10.47 -28.62
C VAL A 466 -27.29 -10.38 -29.73
N TYR A 467 -27.77 -9.17 -29.98
CA TYR A 467 -28.84 -8.91 -30.94
C TYR A 467 -28.47 -7.71 -31.77
N LEU A 468 -28.10 -7.94 -33.03
CA LEU A 468 -27.84 -6.87 -33.99
C LEU A 468 -29.09 -6.73 -34.85
N GLU A 469 -29.66 -5.52 -34.87
CA GLU A 469 -30.87 -5.23 -35.63
C GLU A 469 -30.54 -4.22 -36.73
N MET A 470 -30.98 -4.56 -37.94
CA MET A 470 -30.82 -3.75 -39.14
C MET A 470 -32.02 -2.81 -39.25
N ASN A 471 -31.77 -1.54 -39.53
CA ASN A 471 -32.84 -0.58 -39.79
C ASN A 471 -32.50 0.25 -41.02
N ASN A 472 -33.50 0.48 -41.87
CA ASN A 472 -33.35 1.26 -43.09
C ASN A 472 -32.31 0.63 -44.03
N LEU A 473 -32.63 -0.59 -44.47
CA LEU A 473 -31.75 -1.30 -45.39
C LEU A 473 -31.68 -0.59 -46.73
N LYS A 474 -30.49 -0.60 -47.32
CA LYS A 474 -30.28 -0.21 -48.71
C LYS A 474 -29.89 -1.43 -49.55
N PRO A 475 -30.12 -1.39 -50.86
CA PRO A 475 -29.90 -2.61 -51.68
C PRO A 475 -28.46 -3.10 -51.68
N GLU A 476 -27.49 -2.20 -51.53
CA GLU A 476 -26.09 -2.60 -51.53
C GLU A 476 -25.68 -3.42 -50.30
N ASP A 477 -26.52 -3.46 -49.27
CA ASP A 477 -26.21 -4.21 -48.06
C ASP A 477 -26.34 -5.71 -48.23
N THR A 478 -26.85 -6.19 -49.36
CA THR A 478 -27.03 -7.63 -49.59
C THR A 478 -25.68 -8.33 -49.51
N ALA A 479 -25.48 -9.14 -48.47
CA ALA A 479 -24.20 -9.80 -48.24
C ALA A 479 -24.40 -10.83 -47.13
N VAL A 480 -23.30 -11.47 -46.74
CA VAL A 480 -23.29 -12.50 -45.70
C VAL A 480 -22.61 -11.92 -44.47
N TYR A 481 -23.10 -12.29 -43.30
CA TYR A 481 -22.65 -11.76 -42.03
C TYR A 481 -22.09 -12.88 -41.15
N TYR A 482 -21.06 -12.54 -40.38
CA TYR A 482 -20.40 -13.44 -39.45
C TYR A 482 -20.43 -12.84 -38.05
N CYS A 483 -20.54 -13.72 -37.06
CA CYS A 483 -20.46 -13.37 -35.64
C CYS A 483 -19.22 -14.02 -35.06
N ALA A 484 -18.33 -13.22 -34.48
CA ALA A 484 -17.03 -13.68 -34.04
C ALA A 484 -16.74 -13.18 -32.62
N ALA A 485 -15.84 -13.88 -31.94
CA ALA A 485 -15.48 -13.59 -30.57
C ALA A 485 -14.01 -13.20 -30.49
N LYS A 486 -13.68 -12.34 -29.52
CA LYS A 486 -12.36 -11.76 -29.38
C LYS A 486 -12.00 -11.67 -27.91
N GLY A 487 -10.72 -11.97 -27.61
CA GLY A 487 -10.22 -12.01 -26.27
C GLY A 487 -9.88 -10.64 -25.72
N ARG A 488 -9.30 -10.65 -24.52
CA ARG A 488 -8.99 -9.42 -23.79
C ARG A 488 -7.68 -8.78 -24.23
N TYR A 489 -6.83 -9.51 -24.96
CA TYR A 489 -5.53 -9.00 -25.40
C TYR A 489 -5.27 -9.38 -26.84
N SER A 490 -6.31 -9.28 -27.68
CA SER A 490 -6.19 -9.59 -29.10
C SER A 490 -5.92 -8.37 -29.97
N GLY A 491 -5.76 -7.19 -29.37
CA GLY A 491 -5.41 -6.01 -30.12
C GLY A 491 -6.59 -5.23 -30.67
N GLY A 492 -6.44 -4.68 -31.87
CA GLY A 492 -7.47 -3.83 -32.42
C GLY A 492 -8.75 -4.59 -32.73
N LEU A 493 -9.85 -3.84 -32.74
CA LEU A 493 -11.17 -4.42 -32.95
C LEU A 493 -11.53 -4.55 -34.42
N TYR A 494 -11.01 -3.68 -35.28
CA TYR A 494 -11.47 -3.55 -36.66
C TYR A 494 -10.72 -4.44 -37.63
N TYR A 495 -10.07 -5.52 -37.15
CA TYR A 495 -9.25 -6.38 -37.97
C TYR A 495 -9.70 -7.82 -37.76
N PRO A 496 -10.13 -8.56 -38.80
CA PRO A 496 -10.71 -9.89 -38.55
C PRO A 496 -9.71 -10.90 -38.01
N THR A 497 -8.41 -10.72 -38.29
CA THR A 497 -7.42 -11.71 -37.86
C THR A 497 -7.29 -11.77 -36.35
N ASN A 498 -7.64 -10.71 -35.64
CA ASN A 498 -7.60 -10.73 -34.19
C ASN A 498 -8.70 -11.62 -33.59
N TYR A 499 -9.74 -11.94 -34.36
CA TYR A 499 -10.86 -12.72 -33.86
C TYR A 499 -10.59 -14.20 -34.04
N ASP A 500 -10.91 -14.98 -33.01
CA ASP A 500 -10.55 -16.40 -32.98
C ASP A 500 -11.65 -17.29 -33.53
N TYR A 501 -12.82 -17.28 -32.91
CA TYR A 501 -13.88 -18.24 -33.20
C TYR A 501 -14.90 -17.61 -34.13
N TRP A 502 -15.03 -18.16 -35.33
CA TRP A 502 -15.93 -17.65 -36.35
C TRP A 502 -17.16 -18.52 -36.44
N GLY A 503 -18.28 -17.89 -36.84
CA GLY A 503 -19.54 -18.57 -37.00
C GLY A 503 -19.92 -18.73 -38.47
N GLN A 504 -21.08 -19.34 -38.67
CA GLN A 504 -21.57 -19.61 -40.02
C GLN A 504 -22.10 -18.33 -40.66
N GLY A 505 -21.90 -18.23 -41.97
CA GLY A 505 -22.36 -17.05 -42.70
C GLY A 505 -23.87 -17.03 -42.80
N THR A 506 -24.47 -15.91 -42.42
CA THR A 506 -25.91 -15.67 -42.58
C THR A 506 -26.10 -14.71 -43.73
N GLN A 507 -26.69 -15.18 -44.82
CA GLN A 507 -26.90 -14.37 -46.02
C GLN A 507 -28.19 -13.56 -45.86
N VAL A 508 -28.10 -12.25 -46.10
CA VAL A 508 -29.23 -11.35 -46.00
C VAL A 508 -29.23 -10.46 -47.23
N THR A 509 -30.44 -10.14 -47.72
CA THR A 509 -30.60 -9.28 -48.89
C THR A 509 -30.73 -7.82 -48.46
N THR B 11 16.74 29.27 -36.13
CA THR B 11 17.78 30.06 -36.78
C THR B 11 19.10 29.90 -36.04
N THR B 12 20.22 30.01 -36.78
CA THR B 12 21.53 29.83 -36.18
C THR B 12 21.87 30.88 -35.15
N VAL B 13 21.19 32.04 -35.19
CA VAL B 13 21.48 33.10 -34.22
C VAL B 13 21.15 32.63 -32.81
N PHE B 14 20.01 31.97 -32.65
CA PHE B 14 19.62 31.49 -31.33
C PHE B 14 20.57 30.40 -30.83
N THR B 15 21.00 29.51 -31.73
CA THR B 15 21.96 28.48 -31.34
C THR B 15 23.28 29.11 -30.91
N ARG B 16 23.74 30.13 -31.64
CA ARG B 16 24.98 30.80 -31.25
C ARG B 16 24.83 31.48 -29.91
N ILE B 17 23.68 32.12 -29.66
CA ILE B 17 23.46 32.79 -28.38
C ILE B 17 23.46 31.77 -27.25
N LEU B 18 22.79 30.64 -27.46
CA LEU B 18 22.75 29.60 -26.43
C LEU B 18 24.15 29.05 -26.16
N ASP B 19 24.94 28.81 -27.21
CA ASP B 19 26.29 28.31 -27.02
C ASP B 19 27.15 29.33 -26.28
N ARG B 20 27.00 30.61 -26.61
CA ARG B 20 27.81 31.65 -26.00
C ARG B 20 27.32 32.07 -24.62
N LEU B 21 26.14 31.60 -24.19
CA LEU B 21 25.67 31.94 -22.84
C LEU B 21 26.62 31.39 -21.78
N LEU B 22 27.05 30.15 -21.92
CA LEU B 22 27.91 29.47 -20.95
C LEU B 22 29.32 29.41 -21.53
N ASP B 23 30.09 30.48 -21.29
CA ASP B 23 31.50 30.53 -21.66
C ASP B 23 32.21 31.25 -20.52
N GLY B 24 32.84 30.47 -19.64
CA GLY B 24 33.35 30.99 -18.39
C GLY B 24 32.34 31.03 -17.27
N TYR B 25 31.08 30.70 -17.54
CA TYR B 25 30.08 30.61 -16.48
C TYR B 25 30.43 29.49 -15.52
N ASP B 26 30.24 29.76 -14.22
CA ASP B 26 30.49 28.79 -13.16
C ASP B 26 29.21 28.60 -12.37
N ASN B 27 28.58 27.43 -12.55
CA ASN B 27 27.34 27.16 -11.83
C ASN B 27 27.57 26.89 -10.35
N ARG B 28 28.80 26.59 -9.95
CA ARG B 28 29.05 26.29 -8.54
C ARG B 28 28.84 27.51 -7.65
N LEU B 29 29.09 28.71 -8.17
CA LEU B 29 28.97 29.95 -7.41
C LEU B 29 27.66 30.64 -7.75
N ARG B 30 26.99 31.16 -6.72
CA ARG B 30 25.74 31.88 -6.91
C ARG B 30 26.03 33.24 -7.53
N PRO B 31 25.02 33.92 -8.06
CA PRO B 31 25.24 35.27 -8.60
C PRO B 31 25.75 36.23 -7.54
N GLY B 32 26.90 36.83 -7.81
CA GLY B 32 27.51 37.76 -6.86
C GLY B 32 27.89 37.08 -5.57
N LEU B 33 28.82 36.12 -5.64
CA LEU B 33 29.21 35.37 -4.45
C LEU B 33 29.96 36.22 -3.44
N GLY B 34 30.48 37.38 -3.85
CA GLY B 34 31.11 38.30 -2.93
C GLY B 34 30.75 39.74 -3.24
N GLU B 35 29.58 39.94 -3.83
CA GLU B 35 29.13 41.24 -4.32
C GLU B 35 27.85 41.70 -3.65
N ARG B 36 26.84 40.85 -3.57
CA ARG B 36 25.53 41.23 -3.06
C ARG B 36 24.80 39.98 -2.62
N VAL B 37 23.60 40.18 -2.06
CA VAL B 37 22.76 39.10 -1.57
C VAL B 37 21.80 38.71 -2.67
N THR B 38 21.82 37.43 -3.06
CA THR B 38 20.88 36.94 -4.04
C THR B 38 19.46 37.05 -3.49
N GLU B 39 18.54 37.51 -4.33
CA GLU B 39 17.15 37.76 -3.95
C GLU B 39 16.26 36.92 -4.86
N VAL B 40 15.64 35.89 -4.29
CA VAL B 40 14.77 34.98 -5.03
C VAL B 40 13.32 35.33 -4.68
N LYS B 41 12.53 35.68 -5.69
CA LYS B 41 11.13 36.03 -5.51
C LYS B 41 10.29 34.81 -5.83
N THR B 42 9.79 34.14 -4.80
CA THR B 42 9.07 32.89 -4.96
C THR B 42 7.59 33.14 -5.17
N ASP B 43 6.88 32.09 -5.57
CA ASP B 43 5.45 32.13 -5.78
C ASP B 43 4.95 30.71 -5.91
N ILE B 44 3.75 30.46 -5.38
CA ILE B 44 3.14 29.14 -5.39
C ILE B 44 1.73 29.26 -5.94
N PHE B 45 1.35 28.30 -6.77
CA PHE B 45 -0.02 28.14 -7.25
C PHE B 45 -0.43 26.71 -6.96
N VAL B 46 -1.22 26.52 -5.91
CA VAL B 46 -1.62 25.19 -5.47
C VAL B 46 -2.67 24.65 -6.42
N THR B 47 -2.25 23.77 -7.33
CA THR B 47 -3.21 23.14 -8.22
C THR B 47 -4.19 22.26 -7.46
N SER B 48 -3.70 21.56 -6.44
CA SER B 48 -4.57 20.67 -5.68
C SER B 48 -4.06 20.55 -4.25
N PHE B 49 -4.99 20.46 -3.31
CA PHE B 49 -4.69 20.21 -1.90
C PHE B 49 -5.06 18.75 -1.62
N GLY B 50 -4.06 17.88 -1.68
CA GLY B 50 -4.29 16.45 -1.59
C GLY B 50 -4.94 16.04 -0.28
N PRO B 51 -5.27 14.76 -0.16
CA PRO B 51 -5.98 14.29 1.04
C PRO B 51 -5.12 14.44 2.29
N VAL B 52 -5.75 14.91 3.37
CA VAL B 52 -5.08 15.05 4.65
C VAL B 52 -5.23 13.73 5.40
N SER B 53 -4.10 13.09 5.70
CA SER B 53 -4.09 11.80 6.39
C SER B 53 -3.84 12.05 7.87
N ASP B 54 -4.92 12.10 8.65
CA ASP B 54 -4.78 12.25 10.09
C ASP B 54 -4.05 11.07 10.72
N HIS B 55 -4.14 9.89 10.09
CA HIS B 55 -3.42 8.73 10.60
C HIS B 55 -1.92 8.97 10.61
N ASP B 56 -1.39 9.51 9.51
CA ASP B 56 0.02 9.82 9.38
C ASP B 56 0.38 11.25 9.74
N MET B 57 -0.62 12.09 10.04
CA MET B 57 -0.39 13.51 10.33
C MET B 57 0.35 14.19 9.19
N GLU B 58 -0.05 13.88 7.96
CA GLU B 58 0.58 14.41 6.76
C GLU B 58 -0.50 14.82 5.77
N TYR B 59 -0.09 15.53 4.73
CA TYR B 59 -1.01 15.93 3.68
C TYR B 59 -0.23 16.16 2.38
N THR B 60 -0.83 15.76 1.27
CA THR B 60 -0.25 15.96 -0.05
C THR B 60 -0.75 17.25 -0.65
N ILE B 61 0.09 17.88 -1.47
CA ILE B 61 -0.26 19.12 -2.14
C ILE B 61 0.49 19.18 -3.47
N ASP B 62 -0.26 19.41 -4.55
CA ASP B 62 0.31 19.53 -5.89
C ASP B 62 0.32 21.00 -6.28
N VAL B 63 1.51 21.52 -6.57
CA VAL B 63 1.74 22.96 -6.74
C VAL B 63 2.60 23.22 -7.96
N PHE B 64 2.48 24.44 -8.48
CA PHE B 64 3.43 25.02 -9.44
C PHE B 64 4.33 25.96 -8.64
N PHE B 65 5.56 25.55 -8.43
CA PHE B 65 6.53 26.36 -7.69
C PHE B 65 7.31 27.21 -8.67
N ARG B 66 7.29 28.52 -8.47
CA ARG B 66 7.92 29.50 -9.34
C ARG B 66 8.92 30.31 -8.52
N GLN B 67 10.12 30.51 -9.08
CA GLN B 67 11.16 31.29 -8.44
C GLN B 67 11.79 32.20 -9.48
N SER B 68 11.80 33.51 -9.21
CA SER B 68 12.39 34.49 -10.10
C SER B 68 13.55 35.16 -9.39
N TRP B 69 14.69 35.24 -10.06
CA TRP B 69 15.85 35.94 -9.52
C TRP B 69 16.63 36.55 -10.67
N LYS B 70 17.80 37.10 -10.38
CA LYS B 70 18.62 37.81 -11.36
C LYS B 70 20.02 37.23 -11.39
N ASP B 71 20.55 37.05 -12.59
CA ASP B 71 21.91 36.58 -12.81
C ASP B 71 22.52 37.42 -13.92
N GLU B 72 23.49 38.27 -13.56
CA GLU B 72 24.10 39.15 -14.55
C GLU B 72 24.96 38.38 -15.55
N ARG B 73 25.48 37.22 -15.17
CA ARG B 73 26.34 36.45 -16.07
C ARG B 73 25.59 35.97 -17.32
N LEU B 74 24.27 35.82 -17.25
CA LEU B 74 23.47 35.30 -18.36
C LEU B 74 22.73 36.40 -19.11
N LYS B 75 23.31 37.60 -19.17
CA LYS B 75 22.77 38.64 -20.01
C LYS B 75 23.14 38.38 -21.47
N PHE B 76 22.24 38.75 -22.37
CA PHE B 76 22.48 38.52 -23.79
C PHE B 76 21.69 39.54 -24.59
N LYS B 77 22.22 39.87 -25.78
CA LYS B 77 21.56 40.74 -26.74
C LYS B 77 21.14 39.90 -27.94
N GLY B 78 19.87 40.02 -28.32
CA GLY B 78 19.35 39.25 -29.43
C GLY B 78 18.00 39.76 -29.90
N PRO B 79 17.43 39.12 -30.91
CA PRO B 79 16.13 39.57 -31.42
C PRO B 79 15.00 39.35 -30.42
N MET B 80 14.92 38.15 -29.85
CA MET B 80 13.85 37.81 -28.90
C MET B 80 14.36 38.01 -27.49
N THR B 81 13.60 38.76 -26.69
CA THR B 81 14.03 39.09 -25.33
C THR B 81 14.07 37.84 -24.45
N VAL B 82 13.08 36.97 -24.58
CA VAL B 82 12.92 35.80 -23.72
C VAL B 82 13.24 34.55 -24.51
N LEU B 83 13.99 33.64 -23.89
CA LEU B 83 14.27 32.32 -24.45
C LEU B 83 14.07 31.26 -23.38
N ARG B 84 13.59 30.10 -23.81
CA ARG B 84 13.27 28.99 -22.91
C ARG B 84 14.30 27.89 -23.10
N LEU B 85 14.82 27.38 -21.99
CA LEU B 85 15.86 26.35 -21.99
C LEU B 85 15.28 25.00 -21.64
N ASN B 86 15.82 23.95 -22.27
CA ASN B 86 15.47 22.58 -21.90
C ASN B 86 16.20 22.20 -20.62
N ASN B 87 15.83 21.03 -20.08
CA ASN B 87 16.38 20.62 -18.80
C ASN B 87 17.87 20.35 -18.87
N LEU B 88 18.40 19.97 -20.04
CA LEU B 88 19.83 19.72 -20.15
C LEU B 88 20.63 20.99 -19.92
N MET B 89 20.16 22.11 -20.49
CA MET B 89 20.86 23.38 -20.29
C MET B 89 20.65 23.92 -18.88
N ALA B 90 19.46 23.71 -18.31
CA ALA B 90 19.17 24.22 -16.97
C ALA B 90 20.07 23.59 -15.92
N SER B 91 20.50 22.35 -16.14
CA SER B 91 21.38 21.69 -15.19
C SER B 91 22.75 22.36 -15.11
N LYS B 92 23.15 23.10 -16.14
CA LYS B 92 24.43 23.80 -16.16
C LYS B 92 24.35 25.23 -15.65
N ILE B 93 23.18 25.68 -15.19
CA ILE B 93 22.98 27.03 -14.69
C ILE B 93 22.68 26.94 -13.20
N TRP B 94 23.25 27.85 -12.42
CA TRP B 94 22.96 27.90 -11.00
C TRP B 94 21.48 28.17 -10.78
N THR B 95 20.89 27.41 -9.85
CA THR B 95 19.51 27.55 -9.42
C THR B 95 19.49 27.55 -7.91
N PRO B 96 18.47 28.16 -7.28
CA PRO B 96 18.45 28.21 -5.83
C PRO B 96 18.31 26.82 -5.22
N ASP B 97 18.67 26.74 -3.94
CA ASP B 97 18.71 25.48 -3.20
C ASP B 97 17.44 25.24 -2.41
N THR B 98 16.30 25.67 -2.95
CA THR B 98 15.05 25.66 -2.21
C THR B 98 14.65 24.23 -1.84
N PHE B 99 14.21 24.07 -0.60
CA PHE B 99 13.70 22.79 -0.11
C PHE B 99 12.65 23.08 0.95
N PHE B 100 11.77 22.10 1.15
CA PHE B 100 10.67 22.22 2.09
C PHE B 100 11.08 21.65 3.44
N HIS B 101 11.02 22.49 4.48
CA HIS B 101 11.47 22.06 5.80
C HIS B 101 10.62 20.92 6.34
N ASN B 102 9.30 21.01 6.17
CA ASN B 102 8.37 20.05 6.73
C ASN B 102 7.92 19.01 5.72
N GLY B 103 8.77 18.69 4.75
CA GLY B 103 8.45 17.67 3.77
C GLY B 103 8.82 16.29 4.25
N LYS B 104 8.11 15.28 3.74
CA LYS B 104 8.40 13.88 4.00
C LYS B 104 8.95 13.18 2.77
N LYS B 105 8.24 13.24 1.65
CA LYS B 105 8.72 12.67 0.40
C LYS B 105 8.04 13.41 -0.74
N SER B 106 8.72 14.40 -1.29
CA SER B 106 8.23 15.11 -2.46
C SER B 106 8.78 14.46 -3.72
N VAL B 107 8.21 14.83 -4.86
CA VAL B 107 8.67 14.33 -6.15
C VAL B 107 8.41 15.38 -7.20
N ALA B 108 9.45 15.72 -7.95
CA ALA B 108 9.29 16.58 -9.11
C ALA B 108 8.81 15.74 -10.29
N HIS B 109 7.72 16.16 -10.91
CA HIS B 109 7.09 15.34 -11.93
C HIS B 109 7.99 15.23 -13.15
N ASN B 110 8.04 14.03 -13.72
CA ASN B 110 8.87 13.67 -14.86
C ASN B 110 8.03 12.93 -15.90
N MET B 111 6.88 13.53 -16.21
CA MET B 111 5.79 12.85 -16.92
C MET B 111 6.22 12.29 -18.27
N THR B 112 6.55 13.17 -19.20
CA THR B 112 7.15 12.80 -20.48
C THR B 112 8.55 13.39 -20.64
N MET B 113 8.70 14.65 -20.26
CA MET B 113 9.97 15.31 -20.04
C MET B 113 9.91 15.97 -18.68
N PRO B 114 11.04 16.30 -18.07
CA PRO B 114 11.01 16.86 -16.71
C PRO B 114 10.19 18.14 -16.65
N ASN B 115 9.15 18.11 -15.81
CA ASN B 115 8.17 19.20 -15.76
C ASN B 115 8.83 20.40 -15.11
N LYS B 116 9.65 21.08 -15.90
CA LYS B 116 10.38 22.26 -15.46
C LYS B 116 10.52 23.21 -16.64
N LEU B 117 10.75 24.47 -16.34
CA LEU B 117 10.97 25.49 -17.35
C LEU B 117 11.87 26.56 -16.76
N LEU B 118 12.79 27.07 -17.57
CA LEU B 118 13.77 28.07 -17.13
C LEU B 118 13.87 29.13 -18.22
N ARG B 119 13.09 30.18 -18.07
CA ARG B 119 13.11 31.31 -19.00
C ARG B 119 14.14 32.33 -18.57
N ILE B 120 14.85 32.90 -19.53
CA ILE B 120 15.86 33.92 -19.30
C ILE B 120 15.48 35.16 -20.09
N THR B 121 15.37 36.29 -19.41
CA THR B 121 15.13 37.57 -20.04
C THR B 121 16.46 38.21 -20.43
N GLU B 122 16.40 39.18 -21.34
CA GLU B 122 17.62 39.80 -21.85
C GLU B 122 18.41 40.48 -20.76
N ASP B 123 17.74 41.00 -19.72
CA ASP B 123 18.41 41.66 -18.61
C ASP B 123 18.84 40.69 -17.52
N GLY B 124 18.93 39.40 -17.82
CA GLY B 124 19.43 38.42 -16.88
C GLY B 124 18.43 37.93 -15.85
N THR B 125 17.15 38.26 -16.00
CA THR B 125 16.14 37.84 -15.03
C THR B 125 15.73 36.40 -15.34
N LEU B 126 16.14 35.47 -14.48
CA LEU B 126 15.79 34.07 -14.62
C LEU B 126 14.46 33.81 -13.93
N LEU B 127 13.61 33.04 -14.59
CA LEU B 127 12.35 32.56 -14.04
C LEU B 127 12.33 31.04 -14.15
N TYR B 128 12.16 30.36 -13.03
CA TYR B 128 12.29 28.91 -12.92
C TYR B 128 10.99 28.37 -12.36
N THR B 129 10.23 27.67 -13.19
CA THR B 129 8.95 27.09 -12.82
C THR B 129 9.05 25.58 -12.85
N MET B 130 8.34 24.93 -11.92
CA MET B 130 8.36 23.48 -11.88
C MET B 130 7.11 22.98 -11.16
N ARG B 131 6.75 21.72 -11.45
CA ARG B 131 5.58 21.09 -10.88
C ARG B 131 6.01 20.14 -9.79
N LEU B 132 5.44 20.31 -8.59
CA LEU B 132 5.84 19.55 -7.42
C LEU B 132 4.63 18.89 -6.78
N THR B 133 4.89 17.74 -6.15
CA THR B 133 3.89 17.00 -5.37
C THR B 133 4.51 16.79 -3.99
N VAL B 134 4.28 17.74 -3.09
CA VAL B 134 4.90 17.75 -1.77
C VAL B 134 3.98 17.02 -0.80
N ARG B 135 4.51 15.99 -0.15
CA ARG B 135 3.79 15.28 0.91
C ARG B 135 4.32 15.81 2.24
N ALA B 136 3.77 16.95 2.66
CA ALA B 136 4.27 17.62 3.85
C ALA B 136 3.68 16.98 5.10
N GLU B 137 4.29 17.30 6.24
CA GLU B 137 3.85 16.78 7.53
C GLU B 137 3.12 17.88 8.30
N CYS B 138 1.93 17.55 8.79
CA CYS B 138 1.06 18.48 9.51
C CYS B 138 0.91 18.00 10.95
N PRO B 139 1.60 18.60 11.94
CA PRO B 139 1.35 18.18 13.32
C PRO B 139 -0.08 18.47 13.74
N MET B 140 -0.68 17.50 14.42
CA MET B 140 -2.09 17.52 14.77
C MET B 140 -2.25 17.59 16.28
N HIS B 141 -3.28 18.31 16.72
CA HIS B 141 -3.69 18.36 18.12
C HIS B 141 -5.15 17.90 18.16
N LEU B 142 -5.34 16.59 18.33
CA LEU B 142 -6.66 15.97 18.25
C LEU B 142 -7.35 15.91 19.60
N GLU B 143 -7.05 16.85 20.51
CA GLU B 143 -7.76 16.90 21.77
C GLU B 143 -9.25 17.21 21.56
N ASP B 144 -9.56 18.09 20.60
CA ASP B 144 -10.92 18.47 20.29
C ASP B 144 -11.51 17.63 19.17
N PHE B 145 -11.05 16.39 19.01
CA PHE B 145 -11.60 15.52 17.98
C PHE B 145 -13.08 15.24 18.29
N PRO B 146 -13.96 15.23 17.28
CA PRO B 146 -13.84 15.54 15.85
C PRO B 146 -14.08 17.02 15.52
N MET B 147 -14.19 17.87 16.54
CA MET B 147 -14.41 19.29 16.33
C MET B 147 -13.12 20.08 16.19
N ASP B 148 -11.98 19.41 16.10
CA ASP B 148 -10.69 20.10 16.06
C ASP B 148 -10.55 20.90 14.76
N ALA B 149 -9.77 21.98 14.86
CA ALA B 149 -9.37 22.79 13.70
C ALA B 149 -7.85 22.85 13.68
N HIS B 150 -7.29 22.82 12.47
CA HIS B 150 -5.85 22.70 12.28
C HIS B 150 -5.33 23.82 11.38
N ALA B 151 -4.04 24.10 11.52
CA ALA B 151 -3.32 25.04 10.66
C ALA B 151 -2.09 24.30 10.17
N CYS B 152 -2.24 23.57 9.06
CA CYS B 152 -1.15 22.75 8.57
C CYS B 152 -0.09 23.63 7.92
N PRO B 153 1.18 23.54 8.32
CA PRO B 153 2.19 24.44 7.77
C PRO B 153 2.87 23.89 6.53
N LEU B 154 3.44 24.81 5.75
CA LEU B 154 4.30 24.50 4.63
C LEU B 154 5.41 25.53 4.64
N LYS B 155 6.61 25.12 5.02
CA LYS B 155 7.76 25.99 5.16
C LYS B 155 8.82 25.59 4.14
N PHE B 156 9.34 26.55 3.40
CA PHE B 156 10.38 26.28 2.42
C PHE B 156 11.42 27.39 2.46
N GLY B 157 12.64 27.03 2.08
CA GLY B 157 13.74 27.99 2.07
C GLY B 157 15.00 27.33 1.56
N SER B 158 16.06 28.12 1.49
CA SER B 158 17.34 27.59 1.04
C SER B 158 17.89 26.59 2.05
N TYR B 159 18.56 25.57 1.53
CA TYR B 159 19.20 24.58 2.37
C TYR B 159 20.62 24.98 2.76
N ALA B 160 21.45 25.31 1.78
CA ALA B 160 22.87 25.56 2.03
C ALA B 160 23.16 27.04 2.28
N TYR B 161 22.44 27.94 1.64
CA TYR B 161 22.75 29.37 1.70
C TYR B 161 22.02 30.01 2.87
N THR B 162 22.77 30.78 3.67
CA THR B 162 22.24 31.38 4.87
C THR B 162 21.54 32.70 4.52
N ARG B 163 21.12 33.44 5.56
CA ARG B 163 20.45 34.71 5.34
C ARG B 163 21.37 35.72 4.66
N ALA B 164 22.65 35.71 5.01
CA ALA B 164 23.61 36.66 4.46
C ALA B 164 23.91 36.41 2.99
N GLU B 165 23.52 35.26 2.43
CA GLU B 165 23.82 34.90 1.06
C GLU B 165 22.61 34.89 0.16
N VAL B 166 21.55 34.18 0.53
CA VAL B 166 20.33 34.07 -0.27
C VAL B 166 19.15 34.48 0.60
N VAL B 167 18.31 35.36 0.07
CA VAL B 167 17.14 35.87 0.77
C VAL B 167 15.92 35.64 -0.11
N TYR B 168 14.86 35.08 0.46
CA TYR B 168 13.63 34.80 -0.27
C TYR B 168 12.63 35.92 -0.07
N GLU B 169 11.72 36.05 -1.04
CA GLU B 169 10.69 37.07 -0.99
C GLU B 169 9.46 36.55 -1.71
N TRP B 170 8.32 37.15 -1.39
CA TRP B 170 7.08 36.90 -2.11
C TRP B 170 7.03 37.80 -3.34
N THR B 171 6.52 37.26 -4.45
CA THR B 171 6.65 37.93 -5.73
C THR B 171 5.95 39.27 -5.75
N ARG B 172 4.63 39.27 -5.62
CA ARG B 172 3.80 40.47 -5.75
C ARG B 172 3.27 40.97 -4.42
N GLU B 173 2.84 40.07 -3.55
CA GLU B 173 2.30 40.43 -2.25
C GLU B 173 2.19 39.13 -1.46
N PRO B 174 2.27 39.15 -0.12
CA PRO B 174 2.09 37.89 0.61
C PRO B 174 0.73 37.25 0.38
N ALA B 175 -0.36 37.99 0.61
CA ALA B 175 -1.68 37.39 0.52
C ALA B 175 -1.98 36.89 -0.88
N ARG B 176 -1.61 37.65 -1.90
CA ARG B 176 -1.90 37.29 -3.27
C ARG B 176 -0.89 36.32 -3.89
N SER B 177 0.25 36.10 -3.25
CA SER B 177 1.26 35.20 -3.81
C SER B 177 0.74 33.78 -3.89
N VAL B 178 0.47 33.16 -2.76
CA VAL B 178 -0.03 31.80 -2.74
C VAL B 178 -1.49 31.80 -3.19
N VAL B 179 -1.80 31.00 -4.20
CA VAL B 179 -3.13 30.93 -4.79
C VAL B 179 -3.54 29.47 -4.88
N VAL B 180 -4.77 29.17 -4.47
CA VAL B 180 -5.32 27.82 -4.48
C VAL B 180 -6.40 27.76 -5.54
N ALA B 181 -6.34 26.74 -6.40
CA ALA B 181 -7.35 26.57 -7.42
C ALA B 181 -8.72 26.37 -6.79
N GLU B 182 -9.71 27.10 -7.29
CA GLU B 182 -11.05 27.03 -6.70
C GLU B 182 -11.66 25.64 -6.87
N ASP B 183 -11.51 25.04 -8.04
CA ASP B 183 -12.05 23.70 -8.25
C ASP B 183 -11.23 22.64 -7.54
N GLY B 184 -9.94 22.87 -7.35
CA GLY B 184 -9.08 21.89 -6.72
C GLY B 184 -9.03 22.02 -5.21
N SER B 185 -9.86 21.21 -4.53
CA SER B 185 -9.86 21.14 -3.07
C SER B 185 -9.41 19.77 -2.58
N ARG B 186 -10.06 18.70 -3.02
CA ARG B 186 -9.66 17.33 -2.72
C ARG B 186 -9.55 17.09 -1.21
N LEU B 187 -10.63 17.42 -0.50
CA LEU B 187 -10.70 17.21 0.95
C LEU B 187 -12.05 16.60 1.27
N ASN B 188 -12.06 15.31 1.64
CA ASN B 188 -13.32 14.65 1.95
C ASN B 188 -13.89 15.15 3.27
N GLN B 189 -13.04 15.26 4.30
CA GLN B 189 -13.47 15.50 5.67
C GLN B 189 -12.97 16.83 6.22
N TYR B 190 -12.60 17.77 5.36
CA TYR B 190 -12.07 19.05 5.79
C TYR B 190 -12.59 20.16 4.90
N ASP B 191 -12.64 21.37 5.47
CA ASP B 191 -12.99 22.58 4.76
C ASP B 191 -11.85 23.57 4.92
N LEU B 192 -11.41 24.15 3.79
CA LEU B 192 -10.23 25.01 3.76
C LEU B 192 -10.66 26.44 4.06
N LEU B 193 -10.23 26.96 5.22
CA LEU B 193 -10.58 28.32 5.65
C LEU B 193 -9.46 29.29 5.29
N GLY B 194 -9.14 29.33 4.00
CA GLY B 194 -8.10 30.23 3.54
C GLY B 194 -6.73 29.79 4.00
N GLN B 195 -5.78 30.72 3.87
CA GLN B 195 -4.39 30.48 4.26
C GLN B 195 -3.78 31.76 4.78
N THR B 196 -2.69 31.61 5.54
CA THR B 196 -1.95 32.73 6.11
C THR B 196 -0.48 32.54 5.78
N VAL B 197 0.09 33.50 5.06
CA VAL B 197 1.46 33.42 4.60
C VAL B 197 2.30 34.44 5.37
N ASP B 198 3.60 34.15 5.48
CA ASP B 198 4.54 35.08 6.09
C ASP B 198 5.95 34.56 5.86
N SER B 199 6.92 35.33 6.33
CA SER B 199 8.34 35.01 6.21
C SER B 199 9.02 35.27 7.54
N GLY B 200 10.13 34.58 7.76
CA GLY B 200 10.86 34.75 9.00
C GLY B 200 12.28 34.26 8.85
N ILE B 201 13.02 34.36 9.95
CA ILE B 201 14.40 33.90 10.04
C ILE B 201 14.45 32.80 11.08
N VAL B 202 15.02 31.66 10.69
CA VAL B 202 15.17 30.50 11.57
C VAL B 202 16.64 30.36 11.91
N GLN B 203 16.94 30.32 13.20
CA GLN B 203 18.29 30.07 13.68
C GLN B 203 18.58 28.58 13.63
N SER B 204 19.80 28.23 13.23
CA SER B 204 20.22 26.85 13.16
C SER B 204 21.68 26.76 13.60
N SER B 205 22.17 25.53 13.72
CA SER B 205 23.56 25.33 14.11
C SER B 205 24.52 25.91 13.08
N THR B 206 24.13 25.90 11.80
CA THR B 206 24.99 26.42 10.75
C THR B 206 24.86 27.94 10.61
N GLY B 207 23.65 28.46 10.67
CA GLY B 207 23.46 29.89 10.54
C GLY B 207 21.99 30.25 10.52
N GLU B 208 21.73 31.51 10.18
CA GLU B 208 20.37 32.02 10.07
C GLU B 208 19.88 31.85 8.64
N TYR B 209 18.67 31.29 8.50
CA TYR B 209 18.11 30.95 7.20
C TYR B 209 16.75 31.61 7.04
N VAL B 210 16.47 32.14 5.85
CA VAL B 210 15.18 32.72 5.56
C VAL B 210 14.21 31.59 5.27
N VAL B 211 13.08 31.58 5.99
CA VAL B 211 12.06 30.54 5.89
C VAL B 211 10.75 31.19 5.51
N MET B 212 10.17 30.72 4.43
CA MET B 212 8.90 31.24 3.90
C MET B 212 7.82 30.24 4.27
N THR B 213 6.84 30.68 5.05
CA THR B 213 5.86 29.80 5.69
C THR B 213 4.46 30.13 5.20
N THR B 214 3.65 29.07 5.04
CA THR B 214 2.26 29.19 4.62
C THR B 214 1.44 28.21 5.43
N HIS B 215 0.48 28.71 6.22
CA HIS B 215 -0.40 27.87 7.01
C HIS B 215 -1.75 27.75 6.31
N PHE B 216 -2.17 26.52 6.06
CA PHE B 216 -3.49 26.24 5.49
C PHE B 216 -4.43 25.88 6.64
N HIS B 217 -5.51 26.65 6.78
CA HIS B 217 -6.46 26.46 7.87
C HIS B 217 -7.53 25.46 7.43
N LEU B 218 -7.69 24.40 8.22
CA LEU B 218 -8.64 23.33 7.94
C LEU B 218 -9.59 23.18 9.12
N LYS B 219 -10.87 23.01 8.81
CA LYS B 219 -11.90 22.72 9.80
C LYS B 219 -12.54 21.38 9.45
N ARG B 220 -12.59 20.48 10.43
CA ARG B 220 -13.10 19.14 10.18
C ARG B 220 -14.61 19.18 9.99
N LYS B 221 -15.09 18.45 8.97
CA LYS B 221 -16.53 18.27 8.81
C LYS B 221 -17.06 17.40 9.93
N ILE B 222 -18.23 17.77 10.45
CA ILE B 222 -18.72 17.23 11.71
C ILE B 222 -19.90 16.29 11.55
N GLY B 223 -20.64 16.36 10.44
CA GLY B 223 -21.89 15.61 10.34
C GLY B 223 -21.70 14.11 10.37
N TYR B 224 -20.69 13.60 9.67
CA TYR B 224 -20.47 12.17 9.59
C TYR B 224 -20.19 11.58 10.97
N PHE B 225 -19.24 12.18 11.69
CA PHE B 225 -18.92 11.70 13.03
C PHE B 225 -20.14 11.83 13.94
N VAL B 226 -20.83 12.97 13.86
CA VAL B 226 -22.02 13.21 14.67
C VAL B 226 -23.00 12.06 14.52
N ILE B 227 -23.44 11.80 13.29
CA ILE B 227 -24.38 10.72 13.01
C ILE B 227 -23.81 9.42 13.56
N GLN B 228 -22.71 8.97 12.93
CA GLN B 228 -22.28 7.58 13.08
C GLN B 228 -21.95 7.24 14.53
N THR B 229 -21.27 8.13 15.24
CA THR B 229 -20.88 7.84 16.61
C THR B 229 -21.95 8.30 17.59
N TYR B 230 -22.30 9.59 17.58
CA TYR B 230 -23.05 10.14 18.69
C TYR B 230 -24.49 9.65 18.69
N LEU B 231 -25.15 9.55 17.51
CA LEU B 231 -26.58 9.23 17.54
C LEU B 231 -26.85 7.84 18.09
N PRO B 232 -26.14 6.77 17.67
CA PRO B 232 -26.37 5.47 18.30
C PRO B 232 -26.15 5.46 19.80
N CYS B 233 -25.15 6.19 20.29
CA CYS B 233 -24.92 6.27 21.73
C CYS B 233 -26.11 6.93 22.42
N ILE B 234 -26.67 7.97 21.82
CA ILE B 234 -27.82 8.65 22.39
C ILE B 234 -29.01 7.71 22.46
N MET B 235 -29.26 6.95 21.39
CA MET B 235 -30.36 5.99 21.50
C MET B 235 -30.08 4.88 22.50
N THR B 236 -28.83 4.46 22.68
CA THR B 236 -28.56 3.42 23.68
C THR B 236 -28.85 3.93 25.09
N VAL B 237 -28.41 5.14 25.42
CA VAL B 237 -28.71 5.65 26.75
C VAL B 237 -30.20 5.89 26.91
N ILE B 238 -30.88 6.32 25.84
CA ILE B 238 -32.33 6.47 25.91
C ILE B 238 -32.98 5.12 26.14
N LEU B 239 -32.42 4.05 25.58
CA LEU B 239 -32.94 2.71 25.83
C LEU B 239 -32.77 2.31 27.29
N SER B 240 -31.65 2.71 27.90
CA SER B 240 -31.50 2.47 29.35
C SER B 240 -32.57 3.24 30.14
N GLN B 241 -32.85 4.48 29.72
CA GLN B 241 -33.95 5.21 30.36
C GLN B 241 -35.27 4.47 30.19
N VAL B 242 -35.47 3.86 29.02
CA VAL B 242 -36.66 3.06 28.78
C VAL B 242 -36.69 1.87 29.74
N SER B 243 -35.53 1.29 30.03
CA SER B 243 -35.48 0.20 31.00
C SER B 243 -35.97 0.66 32.36
N PHE B 244 -35.57 1.88 32.76
CA PHE B 244 -36.14 2.41 34.00
C PHE B 244 -37.65 2.52 33.90
N TRP B 245 -38.16 2.90 32.73
CA TRP B 245 -39.59 3.16 32.61
C TRP B 245 -40.45 1.90 32.54
N LEU B 246 -39.88 0.73 32.23
CA LEU B 246 -40.70 -0.45 31.94
C LEU B 246 -41.54 -0.93 33.12
N ASN B 247 -40.88 -1.52 34.12
CA ASN B 247 -41.56 -2.17 35.24
C ASN B 247 -40.52 -2.71 36.21
N ARG B 248 -40.97 -3.37 37.28
CA ARG B 248 -40.08 -4.00 38.26
C ARG B 248 -40.15 -5.52 38.28
N GLU B 249 -41.27 -6.11 37.86
CA GLU B 249 -41.45 -7.55 38.04
C GLU B 249 -40.65 -8.36 37.02
N SER B 250 -40.56 -7.88 35.78
CA SER B 250 -39.94 -8.65 34.71
C SER B 250 -38.42 -8.58 34.85
N VAL B 251 -37.91 -9.40 35.78
CA VAL B 251 -36.44 -9.51 35.93
C VAL B 251 -35.77 -10.01 34.66
N PRO B 252 -36.24 -11.05 33.96
CA PRO B 252 -35.42 -11.54 32.84
C PRO B 252 -35.37 -10.56 31.69
N ALA B 253 -36.48 -9.89 31.40
CA ALA B 253 -36.52 -8.92 30.32
C ALA B 253 -35.55 -7.77 30.58
N ARG B 254 -35.58 -7.22 31.79
CA ARG B 254 -34.70 -6.10 32.10
C ARG B 254 -33.24 -6.55 32.11
N THR B 255 -32.97 -7.77 32.57
CA THR B 255 -31.59 -8.25 32.59
C THR B 255 -31.03 -8.43 31.18
N VAL B 256 -31.77 -9.12 30.31
CA VAL B 256 -31.32 -9.31 28.93
C VAL B 256 -31.19 -7.96 28.25
N PHE B 257 -32.12 -7.04 28.56
CA PHE B 257 -32.13 -5.74 27.92
C PHE B 257 -30.87 -4.97 28.28
N GLY B 258 -30.53 -4.95 29.57
CA GLY B 258 -29.36 -4.22 30.01
C GLY B 258 -28.06 -4.81 29.49
N VAL B 259 -27.92 -6.13 29.52
CA VAL B 259 -26.67 -6.72 29.05
C VAL B 259 -26.50 -6.48 27.55
N THR B 260 -27.57 -6.62 26.77
CA THR B 260 -27.45 -6.35 25.35
C THR B 260 -27.20 -4.87 25.08
N THR B 261 -27.74 -3.97 25.91
CA THR B 261 -27.43 -2.55 25.76
C THR B 261 -25.95 -2.29 26.02
N VAL B 262 -25.39 -2.92 27.04
CA VAL B 262 -23.97 -2.75 27.33
C VAL B 262 -23.13 -3.29 26.17
N LEU B 263 -23.52 -4.44 25.62
CA LEU B 263 -22.81 -5.00 24.49
C LEU B 263 -22.87 -4.07 23.27
N THR B 264 -24.04 -3.48 23.02
CA THR B 264 -24.19 -2.53 21.92
C THR B 264 -23.29 -1.32 22.12
N MET B 265 -23.24 -0.79 23.34
CA MET B 265 -22.37 0.34 23.61
C MET B 265 -20.91 -0.03 23.43
N THR B 266 -20.53 -1.24 23.83
CA THR B 266 -19.16 -1.68 23.62
C THR B 266 -18.82 -1.74 22.14
N THR B 267 -19.73 -2.30 21.32
CA THR B 267 -19.50 -2.36 19.89
C THR B 267 -19.36 -0.95 19.30
N LEU B 268 -20.23 -0.03 19.71
CA LEU B 268 -20.16 1.33 19.19
C LEU B 268 -18.85 1.99 19.60
N SER B 269 -18.41 1.79 20.84
CA SER B 269 -17.15 2.35 21.29
C SER B 269 -15.99 1.83 20.47
N ILE B 270 -15.98 0.52 20.21
CA ILE B 270 -14.89 -0.08 19.46
C ILE B 270 -14.85 0.47 18.04
N SER B 271 -16.02 0.54 17.38
CA SER B 271 -16.05 1.04 16.01
C SER B 271 -15.62 2.51 15.96
N ALA B 272 -16.12 3.32 16.88
CA ALA B 272 -15.72 4.73 16.92
C ALA B 272 -14.24 4.89 17.16
N ARG B 273 -13.63 3.98 17.92
CA ARG B 273 -12.18 4.06 18.11
C ARG B 273 -11.44 3.63 16.86
N ASN B 274 -11.92 2.62 16.15
CA ASN B 274 -11.29 2.23 14.90
C ASN B 274 -11.38 3.33 13.86
N SER B 275 -12.40 4.18 13.94
CA SER B 275 -12.48 5.31 13.02
C SER B 275 -11.35 6.30 13.24
N LEU B 276 -11.14 6.71 14.48
CA LEU B 276 -10.21 7.79 14.79
C LEU B 276 -8.77 7.27 14.80
N PRO B 277 -7.78 8.15 14.63
CA PRO B 277 -6.39 7.71 14.52
C PRO B 277 -5.72 7.55 15.88
N LYS B 278 -4.54 6.93 15.85
CA LYS B 278 -3.85 6.57 17.09
C LYS B 278 -3.30 7.80 17.78
N VAL B 279 -3.61 7.93 19.07
CA VAL B 279 -3.08 8.99 19.92
C VAL B 279 -2.81 8.42 21.29
N ALA B 280 -2.40 9.27 22.23
CA ALA B 280 -2.10 8.88 23.61
C ALA B 280 -2.78 9.83 24.59
N TYR B 281 -4.04 10.15 24.34
CA TYR B 281 -4.78 11.04 25.23
C TYR B 281 -6.27 10.95 24.88
N ALA B 282 -7.08 11.52 25.75
CA ALA B 282 -8.52 11.61 25.49
C ALA B 282 -8.78 12.60 24.37
N THR B 283 -9.58 12.19 23.39
CA THR B 283 -9.77 12.95 22.16
C THR B 283 -11.06 13.76 22.15
N ALA B 284 -11.74 13.87 23.29
CA ALA B 284 -13.02 14.57 23.47
C ALA B 284 -14.21 13.82 22.88
N MET B 285 -13.99 12.72 22.15
CA MET B 285 -15.05 11.78 21.83
C MET B 285 -15.00 10.56 22.72
N ASP B 286 -13.79 10.14 23.12
CA ASP B 286 -13.68 9.09 24.13
C ASP B 286 -14.29 9.53 25.45
N TRP B 287 -14.30 10.84 25.73
CA TRP B 287 -15.04 11.33 26.88
C TRP B 287 -16.53 11.02 26.75
N PHE B 288 -17.10 11.33 25.59
CA PHE B 288 -18.53 11.07 25.38
C PHE B 288 -18.85 9.59 25.46
N ILE B 289 -18.01 8.76 24.83
CA ILE B 289 -18.24 7.32 24.84
C ILE B 289 -18.11 6.77 26.25
N ALA B 290 -17.10 7.24 26.99
CA ALA B 290 -16.92 6.79 28.36
C ALA B 290 -18.11 7.17 29.23
N VAL B 291 -18.62 8.39 29.05
CA VAL B 291 -19.76 8.84 29.86
C VAL B 291 -21.00 8.02 29.51
N CYS B 292 -21.22 7.74 28.22
CA CYS B 292 -22.37 6.93 27.84
C CYS B 292 -22.25 5.52 28.39
N TYR B 293 -21.05 4.94 28.34
CA TYR B 293 -20.86 3.59 28.84
C TYR B 293 -21.06 3.53 30.34
N ALA B 294 -20.59 4.56 31.04
CA ALA B 294 -20.85 4.66 32.48
C ALA B 294 -22.33 4.80 32.75
N PHE B 295 -23.06 5.55 31.91
CA PHE B 295 -24.49 5.71 32.13
C PHE B 295 -25.23 4.39 31.99
N VAL B 296 -24.94 3.61 30.95
CA VAL B 296 -25.65 2.34 30.77
C VAL B 296 -25.25 1.35 31.87
N PHE B 297 -23.97 1.36 32.26
CA PHE B 297 -23.53 0.50 33.36
C PHE B 297 -24.24 0.86 34.66
N SER B 298 -24.36 2.16 34.95
CA SER B 298 -25.08 2.59 36.13
C SER B 298 -26.56 2.25 36.05
N ALA B 299 -27.14 2.28 34.84
CA ALA B 299 -28.53 1.88 34.68
C ALA B 299 -28.72 0.42 35.03
N LEU B 300 -27.80 -0.44 34.58
CA LEU B 300 -27.90 -1.85 34.93
C LEU B 300 -27.78 -2.06 36.43
N ILE B 301 -26.85 -1.34 37.08
CA ILE B 301 -26.74 -1.46 38.54
C ILE B 301 -28.01 -0.93 39.21
N GLU B 302 -28.62 0.12 38.65
CA GLU B 302 -29.84 0.66 39.24
C GLU B 302 -30.94 -0.37 39.21
N PHE B 303 -31.10 -1.06 38.08
CA PHE B 303 -32.08 -2.14 38.02
C PHE B 303 -31.73 -3.25 39.01
N ALA B 304 -30.45 -3.58 39.12
CA ALA B 304 -30.04 -4.66 40.01
C ALA B 304 -30.38 -4.35 41.46
N THR B 305 -30.11 -3.11 41.90
CA THR B 305 -30.42 -2.75 43.27
C THR B 305 -31.91 -2.55 43.48
N VAL B 306 -32.65 -2.20 42.43
CA VAL B 306 -34.12 -2.20 42.54
C VAL B 306 -34.61 -3.62 42.80
N ASN B 307 -34.06 -4.59 42.07
CA ASN B 307 -34.47 -5.97 42.25
C ASN B 307 -34.14 -6.48 43.66
N TYR B 308 -33.07 -5.97 44.26
CA TYR B 308 -32.72 -6.40 45.61
C TYR B 308 -33.76 -6.00 46.65
N PHE B 309 -34.58 -4.99 46.36
CA PHE B 309 -35.61 -4.50 47.28
C PHE B 309 -37.01 -4.68 46.74
N THR B 310 -37.20 -5.50 45.71
CA THR B 310 -38.54 -5.73 45.16
C THR B 310 -39.31 -6.80 45.93
N LYS B 311 -38.60 -7.78 46.52
CA LYS B 311 -39.28 -8.83 47.27
C LYS B 311 -39.70 -8.34 48.65
N SER B 312 -38.91 -7.45 49.26
CA SER B 312 -39.25 -6.85 50.56
C SER B 312 -38.99 -5.36 50.49
N GLN B 313 -39.76 -4.60 51.25
CA GLN B 313 -39.70 -3.15 51.24
C GLN B 313 -39.99 -2.62 49.83
N PRO B 314 -41.16 -2.93 49.25
CA PRO B 314 -41.42 -2.48 47.88
C PRO B 314 -41.51 -0.97 47.75
N ALA B 315 -41.81 -0.25 48.83
CA ALA B 315 -41.87 1.20 48.75
C ALA B 315 -40.51 1.79 48.40
N ARG B 316 -39.45 1.24 48.98
CA ARG B 316 -38.11 1.70 48.66
C ARG B 316 -37.78 1.46 47.19
N ALA B 317 -38.17 0.29 46.66
CA ALA B 317 -37.91 0.00 45.26
C ALA B 317 -38.67 0.95 44.34
N ALA B 318 -39.94 1.21 44.66
CA ALA B 318 -40.72 2.14 43.84
C ALA B 318 -40.13 3.54 43.90
N LYS B 319 -39.71 3.99 45.09
CA LYS B 319 -39.11 5.30 45.23
C LYS B 319 -37.81 5.38 44.43
N ILE B 320 -36.99 4.33 44.48
CA ILE B 320 -35.74 4.32 43.73
C ILE B 320 -36.02 4.39 42.23
N ASP B 321 -37.01 3.64 41.76
CA ASP B 321 -37.33 3.64 40.34
C ASP B 321 -37.84 5.00 39.89
N ARG B 322 -38.70 5.63 40.69
CA ARG B 322 -39.19 6.96 40.35
C ARG B 322 -38.05 7.97 40.33
N LEU B 323 -37.16 7.91 41.32
CA LEU B 323 -36.03 8.83 41.35
C LEU B 323 -35.12 8.63 40.15
N SER B 324 -34.89 7.38 39.76
CA SER B 324 -34.06 7.11 38.59
C SER B 324 -34.71 7.67 37.33
N ARG B 325 -36.03 7.47 37.19
CA ARG B 325 -36.73 8.02 36.03
C ARG B 325 -36.62 9.54 35.98
N ILE B 326 -36.72 10.19 37.13
CA ILE B 326 -36.62 11.65 37.16
C ILE B 326 -35.19 12.09 36.85
N ALA B 327 -34.20 11.37 37.39
CA ALA B 327 -32.83 11.88 37.44
C ALA B 327 -32.01 11.56 36.19
N PHE B 328 -32.04 10.32 35.73
CA PHE B 328 -31.14 9.91 34.64
C PHE B 328 -31.35 10.71 33.36
N PRO B 329 -32.58 10.91 32.86
CA PRO B 329 -32.74 11.80 31.70
C PRO B 329 -32.22 13.21 31.94
N LEU B 330 -32.47 13.76 33.13
CA LEU B 330 -31.97 15.09 33.44
C LEU B 330 -30.46 15.12 33.49
N LEU B 331 -29.85 14.09 34.07
CA LEU B 331 -28.40 14.02 34.15
C LEU B 331 -27.78 13.98 32.75
N PHE B 332 -28.32 13.13 31.87
CA PHE B 332 -27.78 13.09 30.52
C PHE B 332 -28.05 14.38 29.77
N GLY B 333 -29.18 15.03 30.02
CA GLY B 333 -29.46 16.30 29.36
C GLY B 333 -28.44 17.36 29.74
N ILE B 334 -28.15 17.50 31.03
CA ILE B 334 -27.18 18.51 31.45
C ILE B 334 -25.79 18.15 30.96
N PHE B 335 -25.46 16.85 30.94
CA PHE B 335 -24.15 16.45 30.42
C PHE B 335 -24.03 16.79 28.94
N ASN B 336 -25.08 16.54 28.16
CA ASN B 336 -25.04 16.87 26.74
C ASN B 336 -24.92 18.37 26.53
N LEU B 337 -25.67 19.16 27.32
CA LEU B 337 -25.57 20.61 27.19
C LEU B 337 -24.17 21.10 27.50
N VAL B 338 -23.56 20.58 28.59
CA VAL B 338 -22.22 20.99 28.96
C VAL B 338 -21.23 20.61 27.86
N TYR B 339 -21.32 19.38 27.34
CA TYR B 339 -20.40 18.92 26.31
C TYR B 339 -20.50 19.76 25.05
N TRP B 340 -21.73 19.95 24.55
CA TRP B 340 -21.90 20.68 23.30
C TRP B 340 -21.50 22.14 23.46
N ALA B 341 -21.83 22.76 24.60
CA ALA B 341 -21.40 24.13 24.83
C ALA B 341 -19.88 24.22 24.92
N THR B 342 -19.24 23.23 25.53
CA THR B 342 -17.80 23.26 25.68
C THR B 342 -17.09 23.16 24.34
N TYR B 343 -17.55 22.25 23.47
CA TYR B 343 -16.84 21.94 22.25
C TYR B 343 -17.41 22.64 21.01
N LEU B 344 -18.20 23.70 21.19
CA LEU B 344 -18.58 24.59 20.09
C LEU B 344 -18.25 26.03 20.45
N ASN C 8 20.86 -1.69 -47.81
CA ASN C 8 22.24 -1.83 -47.38
C ASN C 8 22.42 -1.33 -45.96
N MET C 9 23.28 -2.00 -45.20
CA MET C 9 23.56 -1.58 -43.84
C MET C 9 24.24 -0.21 -43.84
N SER C 10 25.27 -0.05 -44.67
CA SER C 10 26.03 1.20 -44.69
C SER C 10 25.17 2.37 -45.16
N PHE C 11 24.31 2.15 -46.14
CA PHE C 11 23.48 3.22 -46.66
C PHE C 11 22.51 3.73 -45.58
N VAL C 12 21.84 2.82 -44.89
CA VAL C 12 20.93 3.21 -43.83
C VAL C 12 21.70 3.87 -42.69
N LYS C 13 22.88 3.34 -42.37
CA LYS C 13 23.68 3.90 -41.28
C LYS C 13 24.08 5.34 -41.58
N GLU C 14 24.60 5.60 -42.78
CA GLU C 14 25.02 6.95 -43.11
C GLU C 14 23.83 7.88 -43.29
N THR C 15 22.69 7.37 -43.77
CA THR C 15 21.49 8.20 -43.82
C THR C 15 21.09 8.65 -42.42
N VAL C 16 21.06 7.72 -41.47
CA VAL C 16 20.67 8.05 -40.10
C VAL C 16 21.68 9.02 -39.50
N ASP C 17 22.96 8.78 -39.73
CA ASP C 17 23.99 9.68 -39.20
C ASP C 17 23.83 11.08 -39.78
N LYS C 18 23.53 11.18 -41.08
CA LYS C 18 23.27 12.48 -41.68
C LYS C 18 22.07 13.15 -41.02
N LEU C 19 21.03 12.37 -40.70
CA LEU C 19 19.86 12.95 -40.03
C LEU C 19 20.23 13.51 -38.66
N LEU C 20 21.00 12.75 -37.86
CA LEU C 20 21.26 13.19 -36.50
C LEU C 20 22.13 14.44 -36.46
N LYS C 21 23.24 14.44 -37.20
CA LYS C 21 24.11 15.61 -37.20
C LYS C 21 23.41 16.80 -37.84
N GLY C 22 23.67 17.98 -37.28
CA GLY C 22 22.92 19.17 -37.65
C GLY C 22 21.57 19.31 -36.99
N TYR C 23 21.26 18.46 -36.01
CA TYR C 23 19.98 18.47 -35.31
C TYR C 23 20.19 19.06 -33.92
N ASP C 24 19.53 20.18 -33.64
CA ASP C 24 19.55 20.82 -32.34
C ASP C 24 18.27 20.46 -31.60
N ILE C 25 18.39 19.62 -30.57
CA ILE C 25 17.21 19.20 -29.82
C ILE C 25 16.55 20.37 -29.13
N ARG C 26 17.31 21.42 -28.80
CA ARG C 26 16.75 22.55 -28.06
C ARG C 26 15.70 23.29 -28.88
N LEU C 27 15.82 23.29 -30.20
CA LEU C 27 14.94 24.04 -31.07
C LEU C 27 13.84 23.14 -31.61
N ARG C 28 12.59 23.59 -31.48
CA ARG C 28 11.47 22.84 -32.01
C ARG C 28 11.49 22.87 -33.53
N PRO C 29 10.77 21.96 -34.19
CA PRO C 29 10.65 22.05 -35.65
C PRO C 29 10.01 23.35 -36.07
N ASP C 30 10.57 23.98 -37.10
CA ASP C 30 10.13 25.28 -37.58
C ASP C 30 10.15 26.29 -36.44
N PHE C 31 11.35 26.54 -35.92
CA PHE C 31 11.49 27.37 -34.73
C PHE C 31 11.00 28.79 -34.98
N GLY C 32 11.37 29.37 -36.12
CA GLY C 32 10.85 30.66 -36.52
C GLY C 32 9.55 30.60 -37.30
N GLY C 33 9.08 29.41 -37.65
CA GLY C 33 7.93 29.26 -38.51
C GLY C 33 6.63 29.16 -37.74
N PRO C 34 5.57 28.70 -38.39
CA PRO C 34 4.28 28.58 -37.71
C PRO C 34 4.32 27.50 -36.64
N PRO C 35 3.30 27.41 -35.78
CA PRO C 35 3.32 26.41 -34.72
C PRO C 35 3.31 25.00 -35.28
N VAL C 36 3.99 24.09 -34.58
CA VAL C 36 4.04 22.69 -34.97
C VAL C 36 2.78 22.00 -34.45
N CYS C 37 2.04 21.38 -35.37
CA CYS C 37 0.81 20.67 -35.02
C CYS C 37 1.15 19.26 -34.59
N VAL C 38 0.66 18.88 -33.41
CA VAL C 38 0.94 17.57 -32.81
C VAL C 38 -0.38 16.82 -32.70
N GLY C 39 -0.44 15.66 -33.32
CA GLY C 39 -1.60 14.81 -33.26
C GLY C 39 -1.50 13.81 -32.13
N MET C 40 -2.36 13.92 -31.14
CA MET C 40 -2.36 12.99 -30.02
C MET C 40 -3.19 11.76 -30.35
N ASN C 41 -2.90 10.66 -29.65
CA ASN C 41 -3.65 9.43 -29.82
C ASN C 41 -3.42 8.60 -28.57
N ILE C 42 -4.46 7.93 -28.10
CA ILE C 42 -4.40 7.11 -26.89
C ILE C 42 -5.06 5.77 -27.17
N ASP C 43 -4.47 4.71 -26.64
CA ASP C 43 -5.06 3.37 -26.65
C ASP C 43 -5.07 2.87 -25.21
N ILE C 44 -6.26 2.78 -24.63
CA ILE C 44 -6.38 2.46 -23.20
C ILE C 44 -6.24 0.97 -23.02
N ALA C 45 -5.25 0.56 -22.22
CA ALA C 45 -5.09 -0.86 -21.92
C ALA C 45 -6.08 -1.30 -20.85
N SER C 46 -6.13 -0.57 -19.74
CA SER C 46 -7.05 -0.89 -18.65
C SER C 46 -7.01 0.24 -17.63
N ILE C 47 -8.04 0.28 -16.79
CA ILE C 47 -8.07 1.13 -15.61
C ILE C 47 -7.87 0.22 -14.41
N ASP C 48 -6.71 0.36 -13.76
CA ASP C 48 -6.34 -0.61 -12.72
C ASP C 48 -7.25 -0.51 -11.50
N MET C 49 -7.54 0.71 -11.05
CA MET C 49 -8.36 0.89 -9.87
C MET C 49 -8.93 2.30 -9.86
N VAL C 50 -10.00 2.47 -9.08
CA VAL C 50 -10.68 3.75 -8.90
C VAL C 50 -10.89 3.90 -7.40
N SER C 51 -10.02 4.64 -6.73
CA SER C 51 -10.02 4.75 -5.28
C SER C 51 -10.72 6.03 -4.87
N GLU C 52 -11.75 5.89 -4.04
CA GLU C 52 -12.47 7.05 -3.50
C GLU C 52 -11.82 7.61 -2.24
N VAL C 53 -10.99 6.83 -1.55
CA VAL C 53 -10.28 7.35 -0.38
C VAL C 53 -9.38 8.51 -0.78
N ASN C 54 -8.66 8.37 -1.90
CA ASN C 54 -7.82 9.42 -2.45
C ASN C 54 -8.49 10.18 -3.59
N MET C 55 -9.67 9.76 -4.03
CA MET C 55 -10.38 10.40 -5.15
C MET C 55 -9.49 10.46 -6.39
N ASP C 56 -9.12 9.27 -6.88
CA ASP C 56 -8.26 9.17 -8.05
C ASP C 56 -8.53 7.85 -8.74
N TYR C 57 -7.91 7.68 -9.91
CA TYR C 57 -8.01 6.43 -10.64
C TYR C 57 -6.71 6.21 -11.40
N THR C 58 -6.30 4.94 -11.47
CA THR C 58 -5.06 4.54 -12.14
C THR C 58 -5.39 4.04 -13.53
N LEU C 59 -4.80 4.67 -14.54
CA LEU C 59 -5.02 4.34 -15.94
C LEU C 59 -3.71 3.88 -16.55
N THR C 60 -3.80 2.97 -17.52
CA THR C 60 -2.65 2.50 -18.28
C THR C 60 -2.99 2.61 -19.76
N MET C 61 -2.03 3.10 -20.54
CA MET C 61 -2.35 3.44 -21.92
C MET C 61 -1.10 3.49 -22.77
N TYR C 62 -1.31 3.34 -24.08
CA TYR C 62 -0.32 3.65 -25.10
C TYR C 62 -0.60 5.05 -25.60
N PHE C 63 0.37 5.94 -25.45
CA PHE C 63 0.24 7.36 -25.75
C PHE C 63 1.11 7.69 -26.95
N GLN C 64 0.49 7.96 -28.09
CA GLN C 64 1.19 8.26 -29.33
C GLN C 64 1.04 9.74 -29.66
N GLN C 65 2.14 10.33 -30.15
CA GLN C 65 2.17 11.71 -30.61
C GLN C 65 2.82 11.75 -31.99
N TYR C 66 2.11 12.34 -32.95
CA TYR C 66 2.61 12.48 -34.31
C TYR C 66 2.98 13.94 -34.51
N TRP C 67 4.11 14.20 -35.14
CA TRP C 67 4.42 15.58 -35.53
C TRP C 67 5.37 15.59 -36.71
N ARG C 68 5.20 16.58 -37.57
CA ARG C 68 5.96 16.69 -38.80
C ARG C 68 7.24 17.47 -38.53
N ASP C 69 8.39 16.86 -38.82
CA ASP C 69 9.70 17.46 -38.63
C ASP C 69 10.49 17.31 -39.92
N LYS C 70 10.85 18.44 -40.54
CA LYS C 70 11.58 18.40 -41.80
C LYS C 70 13.08 18.18 -41.59
N ARG C 71 13.59 18.37 -40.37
CA ARG C 71 15.00 18.11 -40.13
C ARG C 71 15.32 16.62 -40.22
N LEU C 72 14.33 15.76 -39.95
CA LEU C 72 14.50 14.31 -39.98
C LEU C 72 13.99 13.67 -41.26
N ALA C 73 13.65 14.46 -42.27
CA ALA C 73 13.21 13.89 -43.54
C ALA C 73 14.37 13.22 -44.26
N TYR C 74 14.09 12.08 -44.89
CA TYR C 74 15.09 11.33 -45.63
C TYR C 74 14.48 10.85 -46.94
N SER C 75 15.35 10.57 -47.91
CA SER C 75 14.95 10.14 -49.23
C SER C 75 15.77 8.93 -49.65
N GLY C 76 15.22 8.15 -50.58
CA GLY C 76 15.86 6.96 -51.09
C GLY C 76 15.56 5.69 -50.31
N ILE C 77 14.83 5.78 -49.21
CA ILE C 77 14.48 4.63 -48.38
C ILE C 77 12.97 4.59 -48.27
N PRO C 78 12.24 3.87 -49.14
CA PRO C 78 10.77 3.92 -49.06
C PRO C 78 10.20 3.37 -47.76
N LEU C 79 10.97 2.58 -47.01
CA LEU C 79 10.48 2.04 -45.76
C LEU C 79 10.42 3.13 -44.69
N ASN C 80 9.57 2.91 -43.70
CA ASN C 80 9.49 3.77 -42.52
C ASN C 80 10.47 3.24 -41.49
N LEU C 81 11.54 3.99 -41.25
CA LEU C 81 12.59 3.56 -40.33
C LEU C 81 12.03 3.49 -38.91
N THR C 82 12.20 2.33 -38.28
CA THR C 82 11.87 2.13 -36.87
C THR C 82 13.18 1.94 -36.11
N LEU C 83 13.46 2.84 -35.19
CA LEU C 83 14.72 2.87 -34.45
C LEU C 83 14.48 2.53 -32.98
N ASP C 84 15.57 2.31 -32.27
CA ASP C 84 15.48 1.96 -30.86
C ASP C 84 14.92 3.13 -30.06
N ASN C 85 14.44 2.81 -28.85
CA ASN C 85 13.92 3.84 -27.96
C ASN C 85 14.98 4.85 -27.58
N ARG C 86 16.26 4.43 -27.55
CA ARG C 86 17.33 5.34 -27.15
C ARG C 86 17.45 6.53 -28.10
N VAL C 87 17.02 6.37 -29.35
CA VAL C 87 17.04 7.48 -30.30
C VAL C 87 16.16 8.62 -29.83
N ALA C 88 15.15 8.35 -29.00
CA ALA C 88 14.33 9.41 -28.45
C ALA C 88 15.15 10.40 -27.63
N ASP C 89 16.31 9.99 -27.11
CA ASP C 89 17.18 10.92 -26.40
C ASP C 89 17.69 12.01 -27.33
N GLN C 90 17.99 11.65 -28.59
CA GLN C 90 18.64 12.57 -29.52
C GLN C 90 17.67 13.42 -30.32
N LEU C 91 16.35 13.26 -30.14
CA LEU C 91 15.34 13.97 -30.90
C LEU C 91 14.55 14.90 -29.99
N TRP C 92 14.08 16.00 -30.57
CA TRP C 92 13.13 16.86 -29.88
C TRP C 92 11.79 16.16 -29.79
N VAL C 93 11.12 16.31 -28.66
CA VAL C 93 9.76 15.80 -28.48
C VAL C 93 8.95 16.86 -27.75
N PRO C 94 7.62 16.82 -27.90
CA PRO C 94 6.79 17.82 -27.22
C PRO C 94 6.91 17.72 -25.71
N ASP C 95 6.82 18.87 -25.04
CA ASP C 95 6.85 18.92 -23.58
C ASP C 95 5.44 18.76 -23.02
N THR C 96 4.88 17.59 -23.31
CA THR C 96 3.53 17.27 -22.89
C THR C 96 3.50 16.79 -21.45
N TYR C 97 2.40 17.07 -20.76
CA TYR C 97 2.21 16.59 -19.41
C TYR C 97 0.72 16.57 -19.10
N PHE C 98 0.35 15.75 -18.12
CA PHE C 98 -1.04 15.60 -17.71
C PHE C 98 -1.27 16.49 -16.49
N LEU C 99 -2.20 17.44 -16.63
CA LEU C 99 -2.38 18.46 -15.59
C LEU C 99 -2.88 17.85 -14.30
N ASN C 100 -3.85 16.93 -14.38
CA ASN C 100 -4.41 16.28 -13.20
C ASN C 100 -3.75 14.91 -13.07
N ASP C 101 -2.71 14.86 -12.23
CA ASP C 101 -1.96 13.63 -12.05
C ASP C 101 -1.27 13.69 -10.70
N LYS C 102 -0.95 12.50 -10.18
CA LYS C 102 -0.25 12.39 -8.89
C LYS C 102 0.99 11.52 -9.03
N LYS C 103 0.93 10.49 -9.87
CA LYS C 103 2.05 9.58 -10.06
C LYS C 103 1.92 8.93 -11.42
N SER C 104 3.02 8.91 -12.17
CA SER C 104 3.05 8.26 -13.48
C SER C 104 4.45 7.77 -13.75
N PHE C 105 4.56 6.81 -14.66
CA PHE C 105 5.85 6.28 -15.06
C PHE C 105 5.70 5.57 -16.39
N VAL C 106 6.83 5.43 -17.08
CA VAL C 106 6.91 4.68 -18.33
C VAL C 106 7.50 3.31 -18.02
N HIS C 107 6.81 2.26 -18.46
CA HIS C 107 7.23 0.91 -18.11
C HIS C 107 8.59 0.60 -18.70
N GLY C 108 9.46 0.01 -17.88
CA GLY C 108 10.84 -0.28 -18.26
C GLY C 108 11.16 -1.75 -18.24
N VAL C 109 10.23 -2.59 -18.70
CA VAL C 109 10.40 -4.03 -18.64
C VAL C 109 11.25 -4.52 -19.81
N THR C 110 12.56 -4.61 -19.57
CA THR C 110 13.63 -5.00 -20.49
C THR C 110 13.98 -3.89 -21.47
N VAL C 111 13.17 -2.84 -21.60
CA VAL C 111 13.48 -1.65 -22.38
C VAL C 111 12.60 -0.55 -21.83
N LYS C 112 13.10 0.68 -21.83
CA LYS C 112 12.23 1.80 -21.50
C LYS C 112 11.19 1.89 -22.59
N ASN C 113 9.93 1.65 -22.26
CA ASN C 113 8.91 1.38 -23.28
C ASN C 113 8.63 2.62 -24.10
N ARG C 114 9.32 2.77 -25.22
CA ARG C 114 9.09 3.84 -26.17
C ARG C 114 9.29 3.29 -27.58
N MET C 115 8.69 3.98 -28.55
CA MET C 115 8.92 3.65 -29.95
C MET C 115 9.03 4.94 -30.75
N ILE C 116 10.05 4.99 -31.60
CA ILE C 116 10.26 6.07 -32.56
C ILE C 116 10.21 5.45 -33.95
N ARG C 117 9.36 6.01 -34.82
CA ARG C 117 9.17 5.50 -36.17
C ARG C 117 9.21 6.68 -37.14
N LEU C 118 10.40 7.01 -37.62
CA LEU C 118 10.55 8.09 -38.59
C LEU C 118 9.90 7.67 -39.91
N HIS C 119 9.44 8.67 -40.65
CA HIS C 119 8.78 8.50 -41.93
C HIS C 119 9.55 9.24 -43.02
N PRO C 120 9.43 8.83 -44.28
CA PRO C 120 10.20 9.50 -45.34
C PRO C 120 9.89 10.99 -45.48
N ASP C 121 8.65 11.39 -45.24
CA ASP C 121 8.25 12.79 -45.37
C ASP C 121 8.53 13.62 -44.13
N GLY C 122 9.36 13.13 -43.21
CA GLY C 122 9.72 13.86 -42.02
C GLY C 122 8.80 13.66 -40.84
N THR C 123 7.67 12.98 -41.01
CA THR C 123 6.77 12.73 -39.90
C THR C 123 7.44 11.85 -38.86
N VAL C 124 7.18 12.15 -37.59
CA VAL C 124 7.78 11.44 -36.47
C VAL C 124 6.66 10.95 -35.58
N LEU C 125 6.72 9.66 -35.28
CA LEU C 125 5.82 8.97 -34.36
C LEU C 125 6.57 8.72 -33.05
N TYR C 126 6.01 9.19 -31.94
CA TYR C 126 6.59 8.97 -30.62
C TYR C 126 5.54 8.30 -29.76
N GLY C 127 5.73 7.02 -29.47
CA GLY C 127 4.79 6.24 -28.67
C GLY C 127 5.42 5.90 -27.33
N LEU C 128 4.62 5.98 -26.27
CA LEU C 128 5.01 5.61 -24.92
C LEU C 128 3.96 4.67 -24.35
N ARG C 129 4.33 3.97 -23.28
CA ARG C 129 3.39 3.16 -22.50
C ARG C 129 3.40 3.70 -21.08
N ILE C 130 2.35 4.40 -20.71
CA ILE C 130 2.30 5.19 -19.49
C ILE C 130 1.25 4.61 -18.56
N THR C 131 1.61 4.46 -17.28
CA THR C 131 0.70 4.04 -16.22
C THR C 131 0.54 5.25 -15.29
N THR C 132 -0.44 6.09 -15.58
CA THR C 132 -0.69 7.31 -14.83
C THR C 132 -1.67 7.07 -13.70
N THR C 133 -1.64 7.98 -12.73
CA THR C 133 -2.56 8.00 -11.59
C THR C 133 -3.23 9.37 -11.56
N ALA C 134 -4.35 9.48 -12.25
CA ALA C 134 -5.02 10.76 -12.42
C ALA C 134 -5.97 11.03 -11.28
N ALA C 135 -6.13 12.30 -10.94
CA ALA C 135 -6.98 12.75 -9.85
C ALA C 135 -8.26 13.35 -10.43
N CYS C 136 -9.40 12.79 -10.05
CA CYS C 136 -10.71 13.29 -10.46
C CYS C 136 -11.59 13.43 -9.23
N MET C 137 -12.34 14.53 -9.18
CA MET C 137 -13.27 14.75 -8.08
C MET C 137 -14.36 13.68 -8.09
N MET C 138 -14.90 13.40 -6.90
CA MET C 138 -15.90 12.37 -6.73
C MET C 138 -16.92 12.84 -5.69
N ASP C 139 -18.04 13.37 -6.16
CA ASP C 139 -19.17 13.60 -5.28
C ASP C 139 -19.75 12.26 -4.85
N LEU C 140 -20.09 12.15 -3.56
CA LEU C 140 -20.57 10.89 -2.99
C LEU C 140 -21.81 11.13 -2.13
N ARG C 141 -22.60 12.15 -2.46
CA ARG C 141 -23.90 12.31 -1.80
C ARG C 141 -24.80 11.13 -2.11
N ARG C 142 -24.80 10.66 -3.36
CA ARG C 142 -25.66 9.58 -3.81
C ARG C 142 -24.98 8.22 -3.77
N TYR C 143 -23.88 8.10 -3.04
CA TYR C 143 -23.19 6.82 -2.94
C TYR C 143 -24.11 5.81 -2.25
N PRO C 144 -24.20 4.55 -2.75
CA PRO C 144 -23.54 3.90 -3.88
C PRO C 144 -24.27 4.06 -5.21
N LEU C 145 -25.29 4.92 -5.26
CA LEU C 145 -25.98 5.24 -6.50
C LEU C 145 -25.32 6.38 -7.27
N ASP C 146 -24.08 6.71 -6.94
CA ASP C 146 -23.42 7.86 -7.53
C ASP C 146 -23.07 7.62 -8.99
N GLU C 147 -22.85 8.72 -9.70
CA GLU C 147 -22.48 8.71 -11.12
C GLU C 147 -21.36 9.73 -11.31
N GLN C 148 -20.17 9.25 -11.62
CA GLN C 148 -18.96 10.07 -11.59
C GLN C 148 -18.53 10.46 -12.99
N ASN C 149 -17.74 11.54 -13.04
CA ASN C 149 -17.13 12.05 -14.27
C ASN C 149 -15.65 12.27 -13.97
N CYS C 150 -14.79 11.39 -14.48
CA CYS C 150 -13.35 11.55 -14.34
C CYS C 150 -12.74 11.96 -15.67
N THR C 151 -11.61 12.65 -15.60
CA THR C 151 -11.00 13.26 -16.78
C THR C 151 -9.49 13.12 -16.73
N LEU C 152 -8.88 13.15 -17.91
CA LEU C 152 -7.45 13.26 -18.09
C LEU C 152 -7.19 14.47 -18.97
N GLU C 153 -6.36 15.39 -18.49
CA GLU C 153 -6.15 16.71 -19.10
C GLU C 153 -4.71 16.77 -19.60
N ILE C 154 -4.54 16.54 -20.90
CA ILE C 154 -3.24 16.67 -21.54
C ILE C 154 -3.00 18.13 -21.88
N GLU C 155 -1.77 18.60 -21.66
CA GLU C 155 -1.45 20.01 -21.86
C GLU C 155 0.04 20.13 -22.15
N SER C 156 0.42 21.30 -22.66
CA SER C 156 1.82 21.62 -22.92
C SER C 156 2.34 22.50 -21.80
N TYR C 157 3.60 22.25 -21.40
CA TYR C 157 4.14 22.95 -20.24
C TYR C 157 4.56 24.37 -20.60
N GLY C 158 5.50 24.52 -21.52
CA GLY C 158 6.10 25.82 -21.79
C GLY C 158 5.51 26.55 -22.98
N TYR C 159 5.02 25.82 -23.98
CA TYR C 159 4.63 26.41 -25.25
C TYR C 159 3.16 26.82 -25.25
N THR C 160 2.89 27.99 -25.82
CA THR C 160 1.53 28.44 -26.07
C THR C 160 1.13 28.00 -27.48
N THR C 161 -0.01 28.50 -27.97
CA THR C 161 -0.44 28.12 -29.31
C THR C 161 0.48 28.65 -30.39
N ASP C 162 1.24 29.71 -30.09
CA ASP C 162 2.13 30.28 -31.10
C ASP C 162 3.25 29.30 -31.46
N ASP C 163 3.77 28.57 -30.49
CA ASP C 163 4.90 27.67 -30.69
C ASP C 163 4.49 26.22 -30.91
N ILE C 164 3.36 25.79 -30.34
CA ILE C 164 2.89 24.41 -30.46
C ILE C 164 1.39 24.46 -30.71
N GLU C 165 0.82 23.29 -31.01
CA GLU C 165 -0.62 23.16 -31.15
C GLU C 165 -0.97 21.70 -31.04
N PHE C 166 -2.05 21.39 -30.33
CA PHE C 166 -2.49 20.02 -30.08
C PHE C 166 -3.77 19.75 -30.84
N TYR C 167 -3.94 18.51 -31.29
CA TYR C 167 -5.22 18.11 -31.85
C TYR C 167 -5.39 16.60 -31.71
N TRP C 168 -6.63 16.19 -31.47
CA TRP C 168 -6.96 14.77 -31.51
C TRP C 168 -6.90 14.28 -32.94
N ARG C 169 -6.29 13.13 -33.15
CA ARG C 169 -6.16 12.56 -34.49
C ARG C 169 -7.31 11.62 -34.76
N GLY C 170 -7.99 11.83 -35.89
CA GLY C 170 -9.17 11.05 -36.21
C GLY C 170 -10.42 11.50 -35.51
N GLY C 171 -10.38 12.61 -34.78
CA GLY C 171 -11.56 13.08 -34.06
C GLY C 171 -11.95 12.09 -32.98
N ASP C 172 -13.20 11.63 -33.03
CA ASP C 172 -13.69 10.69 -32.03
C ASP C 172 -12.97 9.36 -32.08
N LYS C 173 -12.28 9.04 -33.17
CA LYS C 173 -11.51 7.81 -33.29
C LYS C 173 -10.16 7.89 -32.60
N ALA C 174 -9.82 9.02 -31.98
CA ALA C 174 -8.48 9.19 -31.41
C ALA C 174 -8.24 8.20 -30.28
N VAL C 175 -9.21 8.05 -29.39
CA VAL C 175 -9.06 7.18 -28.23
C VAL C 175 -9.71 5.84 -28.52
N THR C 176 -8.97 4.76 -28.28
CA THR C 176 -9.42 3.39 -28.53
C THR C 176 -9.17 2.56 -27.29
N GLY C 177 -9.75 1.36 -27.29
CA GLY C 177 -9.60 0.46 -26.17
C GLY C 177 -10.53 0.72 -25.01
N VAL C 178 -11.57 1.55 -25.19
CA VAL C 178 -12.55 1.74 -24.12
C VAL C 178 -13.26 0.43 -23.82
N GLU C 179 -13.49 -0.40 -24.85
CA GLU C 179 -14.12 -1.69 -24.64
C GLU C 179 -13.26 -2.60 -23.77
N ARG C 180 -11.94 -2.44 -23.83
CA ARG C 180 -11.05 -3.28 -23.05
C ARG C 180 -11.16 -3.04 -21.55
N ILE C 181 -11.74 -1.92 -21.13
CA ILE C 181 -11.81 -1.60 -19.71
C ILE C 181 -12.82 -2.52 -19.04
N GLU C 182 -12.39 -3.18 -17.96
CA GLU C 182 -13.23 -4.10 -17.19
C GLU C 182 -13.10 -3.72 -15.72
N LEU C 183 -13.95 -2.79 -15.27
CA LEU C 183 -14.03 -2.43 -13.86
C LEU C 183 -15.10 -3.27 -13.19
N PRO C 184 -14.81 -3.99 -12.10
CA PRO C 184 -15.85 -4.86 -11.53
C PRO C 184 -17.04 -4.11 -10.97
N GLN C 185 -16.86 -2.89 -10.48
CA GLN C 185 -17.92 -2.13 -9.81
C GLN C 185 -18.29 -0.87 -10.57
N PHE C 186 -18.00 -0.80 -11.87
CA PHE C 186 -18.32 0.38 -12.67
C PHE C 186 -18.61 -0.07 -14.09
N SER C 187 -19.29 0.81 -14.83
CA SER C 187 -19.60 0.59 -16.24
C SER C 187 -19.50 1.91 -16.96
N ILE C 188 -18.54 2.02 -17.88
CA ILE C 188 -18.28 3.28 -18.56
C ILE C 188 -19.47 3.57 -19.48
N VAL C 189 -20.29 4.54 -19.08
CA VAL C 189 -21.44 4.91 -19.91
C VAL C 189 -20.97 5.52 -21.22
N GLU C 190 -20.00 6.42 -21.17
CA GLU C 190 -19.51 7.06 -22.39
C GLU C 190 -18.15 7.69 -22.12
N HIS C 191 -17.48 8.04 -23.22
CA HIS C 191 -16.23 8.80 -23.19
C HIS C 191 -16.36 9.96 -24.16
N ARG C 192 -15.75 11.08 -23.81
CA ARG C 192 -15.84 12.30 -24.59
C ARG C 192 -14.47 12.92 -24.74
N LEU C 193 -14.21 13.44 -25.94
CA LEU C 193 -12.96 14.10 -26.28
C LEU C 193 -13.23 15.57 -26.52
N VAL C 194 -12.48 16.44 -25.85
CA VAL C 194 -12.66 17.88 -25.94
C VAL C 194 -11.30 18.53 -26.17
N SER C 195 -11.15 19.23 -27.29
CA SER C 195 -9.96 20.01 -27.57
C SER C 195 -10.26 21.48 -27.32
N ARG C 196 -9.44 22.12 -26.50
CA ARG C 196 -9.63 23.51 -26.11
C ARG C 196 -8.38 24.30 -26.43
N ASN C 197 -8.57 25.58 -26.69
CA ASN C 197 -7.53 26.52 -27.11
C ASN C 197 -7.53 27.73 -26.19
N VAL C 198 -7.43 27.45 -24.88
CA VAL C 198 -7.84 28.41 -23.84
C VAL C 198 -7.06 29.70 -23.98
N VAL C 199 -7.76 30.80 -24.23
CA VAL C 199 -7.14 32.08 -24.52
C VAL C 199 -6.96 32.85 -23.22
N PHE C 200 -5.71 33.12 -22.87
CA PHE C 200 -5.35 34.00 -21.76
C PHE C 200 -4.74 35.29 -22.31
N ALA C 201 -4.54 36.25 -21.42
CA ALA C 201 -3.99 37.53 -21.83
C ALA C 201 -2.58 37.36 -22.39
N THR C 202 -1.75 36.55 -21.74
CA THR C 202 -0.40 36.33 -22.25
C THR C 202 -0.42 35.61 -23.59
N GLY C 203 -1.32 34.66 -23.75
CA GLY C 203 -1.42 33.92 -25.00
C GLY C 203 -2.51 32.88 -24.89
N ALA C 204 -2.61 32.06 -25.94
CA ALA C 204 -3.57 30.97 -26.00
C ALA C 204 -2.83 29.65 -25.81
N TYR C 205 -3.24 28.89 -24.79
CA TYR C 205 -2.60 27.65 -24.41
C TYR C 205 -3.48 26.48 -24.84
N PRO C 206 -2.95 25.46 -25.52
CA PRO C 206 -3.80 24.35 -25.95
C PRO C 206 -3.99 23.33 -24.83
N ARG C 207 -5.06 22.55 -24.97
CA ARG C 207 -5.35 21.51 -24.00
C ARG C 207 -6.26 20.48 -24.65
N LEU C 208 -6.12 19.23 -24.21
CA LEU C 208 -7.00 18.14 -24.61
C LEU C 208 -7.55 17.47 -23.37
N SER C 209 -8.77 16.97 -23.46
CA SER C 209 -9.46 16.37 -22.33
C SER C 209 -10.12 15.08 -22.79
N LEU C 210 -9.80 13.99 -22.10
CA LEU C 210 -10.44 12.69 -22.28
C LEU C 210 -11.26 12.43 -21.02
N SER C 211 -12.58 12.47 -21.13
CA SER C 211 -13.48 12.42 -19.99
C SER C 211 -14.33 11.16 -20.06
N PHE C 212 -14.20 10.31 -19.05
CA PHE C 212 -15.03 9.13 -18.87
C PHE C 212 -16.18 9.42 -17.91
N ARG C 213 -17.36 8.91 -18.24
CA ARG C 213 -18.54 9.02 -17.39
C ARG C 213 -18.82 7.63 -16.82
N LEU C 214 -18.42 7.42 -15.56
CA LEU C 214 -18.57 6.13 -14.90
C LEU C 214 -19.86 6.08 -14.12
N LYS C 215 -20.50 4.91 -14.12
CA LYS C 215 -21.71 4.65 -13.35
C LYS C 215 -21.47 3.41 -12.51
N ARG C 216 -21.79 3.50 -11.22
CA ARG C 216 -21.55 2.40 -10.30
C ARG C 216 -22.71 1.40 -10.37
N ASN C 217 -22.40 0.16 -10.72
CA ASN C 217 -23.43 -0.87 -10.75
C ASN C 217 -23.90 -1.18 -9.34
N ILE C 218 -25.20 -1.41 -9.20
CA ILE C 218 -25.82 -1.81 -7.93
C ILE C 218 -26.35 -3.22 -8.11
N GLY C 219 -25.45 -4.20 -7.93
CA GLY C 219 -25.81 -5.59 -7.77
C GLY C 219 -25.19 -6.19 -6.52
N TYR C 220 -24.13 -5.55 -6.02
CA TYR C 220 -23.49 -5.92 -4.77
C TYR C 220 -23.95 -5.03 -3.62
N PHE C 221 -23.89 -3.71 -3.81
CA PHE C 221 -24.17 -2.79 -2.72
C PHE C 221 -25.60 -2.95 -2.23
N ILE C 222 -26.54 -3.06 -3.16
CA ILE C 222 -27.95 -3.21 -2.80
C ILE C 222 -28.13 -4.42 -1.90
N LEU C 223 -27.58 -5.57 -2.29
CA LEU C 223 -27.88 -6.81 -1.58
C LEU C 223 -27.37 -6.77 -0.14
N GLN C 224 -26.06 -6.76 0.05
CA GLN C 224 -25.53 -6.81 1.43
C GLN C 224 -25.87 -5.55 2.22
N THR C 225 -25.95 -4.39 1.57
CA THR C 225 -26.19 -3.18 2.35
C THR C 225 -27.63 -3.06 2.82
N TYR C 226 -28.61 -3.44 1.99
CA TYR C 226 -30.01 -3.16 2.27
C TYR C 226 -30.82 -4.38 2.67
N MET C 227 -30.58 -5.56 2.08
CA MET C 227 -31.40 -6.71 2.45
C MET C 227 -31.28 -7.08 3.92
N PRO C 228 -30.08 -7.15 4.53
CA PRO C 228 -30.04 -7.45 5.98
C PRO C 228 -30.77 -6.42 6.82
N SER C 229 -30.63 -5.13 6.51
CA SER C 229 -31.28 -4.10 7.29
C SER C 229 -32.80 -4.18 7.15
N ILE C 230 -33.28 -4.39 5.92
CA ILE C 230 -34.73 -4.52 5.71
C ILE C 230 -35.26 -5.74 6.45
N LEU C 231 -34.51 -6.85 6.41
CA LEU C 231 -34.97 -8.05 7.10
C LEU C 231 -34.98 -7.85 8.61
N ILE C 232 -34.01 -7.13 9.16
CA ILE C 232 -34.02 -6.88 10.60
C ILE C 232 -35.17 -5.96 10.98
N THR C 233 -35.49 -4.99 10.14
CA THR C 233 -36.68 -4.18 10.38
C THR C 233 -37.93 -5.05 10.36
N ILE C 234 -37.98 -6.01 9.45
CA ILE C 234 -39.12 -6.92 9.43
C ILE C 234 -39.13 -7.80 10.67
N LEU C 235 -37.97 -8.09 11.25
CA LEU C 235 -37.98 -8.83 12.51
C LEU C 235 -38.49 -7.99 13.67
N SER C 236 -38.24 -6.67 13.65
CA SER C 236 -38.92 -5.80 14.59
C SER C 236 -40.43 -5.85 14.36
N TRP C 237 -40.84 -5.89 13.09
CA TRP C 237 -42.26 -6.00 12.78
C TRP C 237 -42.84 -7.27 13.38
N VAL C 238 -42.09 -8.36 13.30
CA VAL C 238 -42.44 -9.59 14.03
C VAL C 238 -42.56 -9.31 15.51
N SER C 239 -41.65 -8.49 16.05
CA SER C 239 -41.72 -8.17 17.49
C SER C 239 -43.04 -7.51 17.85
N PHE C 240 -43.70 -6.84 16.91
CA PHE C 240 -45.02 -6.30 17.22
C PHE C 240 -46.03 -7.42 17.49
N TRP C 241 -46.00 -8.48 16.67
CA TRP C 241 -47.08 -9.44 16.63
C TRP C 241 -47.05 -10.47 17.76
N ILE C 242 -46.01 -10.48 18.59
CA ILE C 242 -45.81 -11.58 19.54
C ILE C 242 -46.90 -11.56 20.60
N ASN C 243 -46.93 -10.54 21.43
CA ASN C 243 -47.86 -10.45 22.55
C ASN C 243 -47.76 -9.04 23.13
N TYR C 244 -48.36 -8.85 24.31
CA TYR C 244 -48.07 -7.70 25.15
C TYR C 244 -47.67 -8.06 26.56
N ASP C 245 -47.69 -9.35 26.93
CA ASP C 245 -47.28 -9.81 28.25
C ASP C 245 -46.05 -10.70 28.25
N ALA C 246 -45.65 -11.23 27.09
CA ALA C 246 -44.42 -12.02 26.97
C ALA C 246 -43.25 -11.04 26.97
N SER C 247 -42.92 -10.54 28.15
CA SER C 247 -41.96 -9.44 28.27
C SER C 247 -40.57 -9.87 27.81
N ALA C 248 -40.11 -11.03 28.27
CA ALA C 248 -38.75 -11.47 27.96
C ALA C 248 -38.56 -11.64 26.46
N ALA C 249 -39.52 -12.27 25.80
CA ALA C 249 -39.40 -12.55 24.38
C ALA C 249 -39.33 -11.26 23.57
N ARG C 250 -40.29 -10.36 23.77
CA ARG C 250 -40.34 -9.13 22.99
C ARG C 250 -39.15 -8.24 23.28
N VAL C 251 -38.75 -8.14 24.55
CA VAL C 251 -37.61 -7.30 24.91
C VAL C 251 -36.34 -7.85 24.26
N ALA C 252 -36.12 -9.16 24.36
CA ALA C 252 -34.95 -9.76 23.75
C ALA C 252 -34.95 -9.55 22.25
N LEU C 253 -36.09 -9.74 21.60
CA LEU C 253 -36.16 -9.58 20.15
C LEU C 253 -35.82 -8.15 19.75
N GLY C 254 -36.45 -7.17 20.39
CA GLY C 254 -36.23 -5.78 20.01
C GLY C 254 -34.79 -5.35 20.24
N ILE C 255 -34.26 -5.66 21.43
CA ILE C 255 -32.92 -5.15 21.74
C ILE C 255 -31.87 -5.91 20.95
N THR C 256 -32.10 -7.19 20.64
CA THR C 256 -31.14 -7.91 19.80
C THR C 256 -31.21 -7.43 18.36
N THR C 257 -32.39 -7.01 17.87
CA THR C 257 -32.45 -6.37 16.57
C THR C 257 -31.66 -5.07 16.56
N VAL C 258 -31.75 -4.30 17.65
CA VAL C 258 -30.97 -3.07 17.75
C VAL C 258 -29.48 -3.40 17.73
N LEU C 259 -29.07 -4.43 18.47
CA LEU C 259 -27.67 -4.84 18.48
C LEU C 259 -27.21 -5.28 17.10
N THR C 260 -28.05 -6.03 16.38
CA THR C 260 -27.70 -6.47 15.05
C THR C 260 -27.55 -5.28 14.10
N MET C 261 -28.45 -4.29 14.21
CA MET C 261 -28.33 -3.11 13.37
C MET C 261 -27.03 -2.36 13.66
N THR C 262 -26.68 -2.23 14.94
CA THR C 262 -25.41 -1.57 15.27
C THR C 262 -24.23 -2.35 14.72
N THR C 263 -24.28 -3.68 14.82
CA THR C 263 -23.20 -4.51 14.28
C THR C 263 -23.05 -4.30 12.78
N ILE C 264 -24.17 -4.30 12.05
CA ILE C 264 -24.12 -4.11 10.61
C ILE C 264 -23.57 -2.73 10.27
N ASN C 265 -24.02 -1.70 10.99
CA ASN C 265 -23.54 -0.35 10.71
C ASN C 265 -22.03 -0.24 10.95
N THR C 266 -21.55 -0.77 12.09
CA THR C 266 -20.13 -0.66 12.39
C THR C 266 -19.28 -1.44 11.40
N HIS C 267 -19.73 -2.65 11.03
CA HIS C 267 -18.94 -3.43 10.09
C HIS C 267 -19.03 -2.91 8.67
N LEU C 268 -20.11 -2.21 8.32
CA LEU C 268 -20.14 -1.50 7.04
C LEU C 268 -19.20 -0.31 7.06
N ARG C 269 -19.11 0.39 8.19
CA ARG C 269 -18.12 1.45 8.33
C ARG C 269 -16.71 0.89 8.13
N GLU C 270 -16.43 -0.26 8.74
CA GLU C 270 -15.13 -0.90 8.54
C GLU C 270 -14.95 -1.47 7.14
N THR C 271 -16.04 -1.73 6.42
CA THR C 271 -15.98 -2.36 5.10
C THR C 271 -15.91 -1.35 3.97
N LEU C 272 -16.82 -0.39 3.93
CA LEU C 272 -16.84 0.58 2.86
C LEU C 272 -15.59 1.46 2.94
N PRO C 273 -15.13 2.03 1.81
CA PRO C 273 -13.78 2.60 1.77
C PRO C 273 -13.68 4.00 2.36
N LYS C 274 -13.95 4.10 3.66
CA LYS C 274 -13.47 5.17 4.55
C LYS C 274 -13.67 6.57 3.96
N ILE C 275 -14.93 6.92 3.77
CA ILE C 275 -15.31 8.26 3.32
C ILE C 275 -15.99 8.97 4.47
N PRO C 276 -15.29 9.80 5.28
CA PRO C 276 -15.98 10.48 6.38
C PRO C 276 -16.88 11.58 5.84
N TYR C 277 -18.06 11.18 5.39
CA TYR C 277 -18.95 12.08 4.65
C TYR C 277 -20.36 11.49 4.71
N VAL C 278 -21.35 12.36 4.67
CA VAL C 278 -22.74 11.91 4.66
C VAL C 278 -23.08 11.36 3.30
N LYS C 279 -23.75 10.20 3.28
CA LYS C 279 -24.06 9.49 2.05
C LYS C 279 -25.47 8.93 2.14
N ALA C 280 -25.98 8.46 1.00
CA ALA C 280 -27.33 7.88 0.99
C ALA C 280 -27.39 6.62 1.83
N ILE C 281 -26.33 5.80 1.79
CA ILE C 281 -26.33 4.56 2.55
C ILE C 281 -26.38 4.83 4.05
N ASP C 282 -25.67 5.87 4.50
CA ASP C 282 -25.73 6.24 5.91
C ASP C 282 -27.14 6.66 6.30
N MET C 283 -27.81 7.43 5.45
CA MET C 283 -29.18 7.84 5.73
C MET C 283 -30.10 6.63 5.82
N TYR C 284 -29.95 5.67 4.90
CA TYR C 284 -30.82 4.49 4.94
C TYR C 284 -30.56 3.66 6.20
N LEU C 285 -29.30 3.48 6.55
CA LEU C 285 -28.98 2.68 7.74
C LEU C 285 -29.51 3.34 9.00
N MET C 286 -29.35 4.66 9.12
CA MET C 286 -29.90 5.34 10.28
C MET C 286 -31.43 5.33 10.27
N GLY C 287 -32.05 5.36 9.10
CA GLY C 287 -33.51 5.22 9.07
C GLY C 287 -33.96 3.88 9.61
N CYS C 288 -33.31 2.81 9.18
CA CYS C 288 -33.66 1.48 9.69
C CYS C 288 -33.40 1.39 11.19
N PHE C 289 -32.28 1.95 11.64
CA PHE C 289 -31.98 1.94 13.07
C PHE C 289 -33.04 2.68 13.87
N VAL C 290 -33.48 3.83 13.35
CA VAL C 290 -34.51 4.60 14.03
C VAL C 290 -35.82 3.82 14.04
N PHE C 291 -36.10 3.07 12.99
CA PHE C 291 -37.35 2.30 12.95
C PHE C 291 -37.35 1.20 14.02
N VAL C 292 -36.25 0.44 14.13
CA VAL C 292 -36.21 -0.60 15.17
C VAL C 292 -36.23 0.04 16.56
N PHE C 293 -35.59 1.19 16.70
CA PHE C 293 -35.62 1.93 17.96
C PHE C 293 -37.04 2.31 18.34
N LEU C 294 -37.82 2.81 17.37
CA LEU C 294 -39.20 3.16 17.67
C LEU C 294 -40.05 1.94 17.98
N ALA C 295 -39.76 0.80 17.35
CA ALA C 295 -40.49 -0.42 17.70
C ALA C 295 -40.26 -0.78 19.16
N LEU C 296 -39.00 -0.73 19.60
CA LEU C 296 -38.71 -1.02 21.00
C LEU C 296 -39.37 0.00 21.92
N LEU C 297 -39.34 1.28 21.54
CA LEU C 297 -39.94 2.33 22.36
C LEU C 297 -41.45 2.14 22.50
N GLU C 298 -42.15 1.81 21.41
CA GLU C 298 -43.59 1.69 21.53
C GLU C 298 -43.94 0.45 22.33
N TYR C 299 -43.12 -0.60 22.24
CA TYR C 299 -43.37 -1.74 23.14
C TYR C 299 -43.21 -1.32 24.58
N ALA C 300 -42.20 -0.51 24.89
CA ALA C 300 -42.03 -0.03 26.25
C ALA C 300 -43.25 0.77 26.70
N PHE C 301 -43.79 1.60 25.81
CA PHE C 301 -45.01 2.33 26.13
C PHE C 301 -46.17 1.37 26.39
N VAL C 302 -46.29 0.32 25.58
CA VAL C 302 -47.36 -0.66 25.77
C VAL C 302 -47.22 -1.34 27.12
N ASN C 303 -46.00 -1.72 27.48
CA ASN C 303 -45.78 -2.39 28.76
C ASN C 303 -46.11 -1.46 29.93
N TYR C 304 -45.70 -0.20 29.83
CA TYR C 304 -46.01 0.75 30.90
C TYR C 304 -47.51 0.96 31.04
N ILE C 305 -48.21 1.08 29.92
CA ILE C 305 -49.65 1.30 29.97
C ILE C 305 -50.35 0.07 30.55
N PHE C 306 -49.93 -1.13 30.13
CA PHE C 306 -50.61 -2.34 30.57
C PHE C 306 -50.35 -2.63 32.03
N PHE C 307 -49.11 -2.46 32.49
CA PHE C 307 -48.74 -2.80 33.85
C PHE C 307 -49.03 -1.69 34.86
N SER C 308 -49.39 -0.49 34.40
CA SER C 308 -49.73 0.61 35.29
C SER C 308 -51.25 0.72 35.46
N ARG C 422 -55.81 1.23 25.48
CA ARG C 422 -55.54 -0.16 25.81
C ARG C 422 -54.27 -0.65 25.11
N ALA C 423 -53.67 -1.70 25.65
CA ALA C 423 -52.46 -2.25 25.07
C ALA C 423 -52.72 -2.82 23.68
N ALA C 424 -53.83 -3.55 23.52
CA ALA C 424 -54.12 -4.19 22.24
C ALA C 424 -54.36 -3.14 21.15
N ALA C 425 -54.98 -2.02 21.50
CA ALA C 425 -55.21 -0.96 20.52
C ALA C 425 -53.89 -0.42 19.99
N ILE C 426 -52.92 -0.19 20.88
CA ILE C 426 -51.63 0.30 20.44
C ILE C 426 -50.92 -0.73 19.57
N ASP C 427 -51.07 -2.01 19.90
CA ASP C 427 -50.45 -3.05 19.09
C ASP C 427 -51.04 -3.09 17.68
N ARG C 428 -52.37 -3.00 17.59
CA ARG C 428 -53.00 -2.98 16.26
C ARG C 428 -52.60 -1.73 15.48
N TRP C 429 -52.55 -0.59 16.17
CA TRP C 429 -52.13 0.65 15.51
C TRP C 429 -50.70 0.53 14.99
N SER C 430 -49.80 -0.05 15.78
CA SER C 430 -48.43 -0.25 15.33
C SER C 430 -48.36 -1.19 14.14
N ARG C 431 -49.14 -2.29 14.18
CA ARG C 431 -49.16 -3.21 13.05
C ARG C 431 -49.62 -2.52 11.78
N ILE C 432 -50.61 -1.65 11.89
CA ILE C 432 -51.10 -0.93 10.71
C ILE C 432 -50.06 0.09 10.24
N VAL C 433 -49.40 0.77 11.17
CA VAL C 433 -48.66 1.99 10.85
C VAL C 433 -47.23 1.69 10.42
N PHE C 434 -46.52 0.85 11.16
CA PHE C 434 -45.08 0.67 10.94
C PHE C 434 -44.76 0.17 9.54
N PRO C 435 -45.41 -0.87 9.01
CA PRO C 435 -45.14 -1.24 7.61
C PRO C 435 -45.45 -0.11 6.64
N PHE C 436 -46.54 0.62 6.84
CA PHE C 436 -46.87 1.73 5.95
C PHE C 436 -45.84 2.83 6.04
N THR C 437 -45.43 3.20 7.25
CA THR C 437 -44.44 4.26 7.42
C THR C 437 -43.10 3.86 6.82
N PHE C 438 -42.69 2.60 7.00
CA PHE C 438 -41.43 2.15 6.43
C PHE C 438 -41.50 2.10 4.92
N SER C 439 -42.62 1.66 4.35
CA SER C 439 -42.76 1.67 2.90
C SER C 439 -42.70 3.08 2.36
N LEU C 440 -43.36 4.03 3.05
CA LEU C 440 -43.32 5.43 2.62
C LEU C 440 -41.88 5.96 2.68
N PHE C 441 -41.17 5.68 3.76
CA PHE C 441 -39.79 6.14 3.88
C PHE C 441 -38.91 5.54 2.81
N ASN C 442 -39.07 4.25 2.53
CA ASN C 442 -38.26 3.60 1.50
C ASN C 442 -38.55 4.20 0.14
N LEU C 443 -39.84 4.42 -0.17
CA LEU C 443 -40.20 5.02 -1.45
C LEU C 443 -39.63 6.42 -1.58
N VAL C 444 -39.72 7.23 -0.52
CA VAL C 444 -39.17 8.58 -0.57
C VAL C 444 -37.67 8.53 -0.80
N TYR C 445 -36.97 7.64 -0.08
CA TYR C 445 -35.53 7.52 -0.25
C TYR C 445 -35.16 7.14 -1.69
N TRP C 446 -35.83 6.12 -2.23
CA TRP C 446 -35.50 5.65 -3.57
C TRP C 446 -35.80 6.71 -4.62
N LEU C 447 -36.93 7.40 -4.50
CA LEU C 447 -37.23 8.44 -5.48
C LEU C 447 -36.29 9.62 -5.35
N TYR C 448 -35.87 9.95 -4.12
CA TYR C 448 -34.99 11.09 -3.95
C TYR C 448 -33.60 10.80 -4.47
N TYR C 449 -33.13 9.56 -4.34
CA TYR C 449 -31.80 9.16 -4.80
C TYR C 449 -31.82 8.44 -6.14
N VAL C 450 -32.83 8.72 -6.97
CA VAL C 450 -32.87 8.19 -8.34
C VAL C 450 -33.48 9.26 -9.24
N ASN D 8 44.90 -15.91 -25.40
CA ASN D 8 45.44 -14.79 -24.66
C ASN D 8 44.35 -13.77 -24.33
N MET D 9 44.49 -13.12 -23.18
CA MET D 9 43.51 -12.13 -22.76
C MET D 9 43.48 -10.94 -23.72
N SER D 10 44.66 -10.49 -24.16
CA SER D 10 44.72 -9.34 -25.06
C SER D 10 44.05 -9.66 -26.40
N PHE D 11 44.18 -10.92 -26.87
CA PHE D 11 43.53 -11.32 -28.10
C PHE D 11 42.01 -11.18 -27.98
N VAL D 12 41.45 -11.66 -26.88
CA VAL D 12 40.01 -11.56 -26.68
C VAL D 12 39.61 -10.10 -26.52
N LYS D 13 40.45 -9.29 -25.86
CA LYS D 13 40.15 -7.88 -25.69
C LYS D 13 40.04 -7.18 -27.04
N GLU D 14 41.03 -7.40 -27.91
CA GLU D 14 40.99 -6.74 -29.21
C GLU D 14 39.84 -7.29 -30.07
N THR D 15 39.53 -8.58 -29.95
CA THR D 15 38.39 -9.11 -30.69
C THR D 15 37.09 -8.47 -30.24
N VAL D 16 36.90 -8.31 -28.93
CA VAL D 16 35.68 -7.69 -28.42
C VAL D 16 35.61 -6.24 -28.86
N ASP D 17 36.72 -5.52 -28.78
CA ASP D 17 36.72 -4.12 -29.21
C ASP D 17 36.43 -4.00 -30.71
N LYS D 18 36.96 -4.93 -31.51
CA LYS D 18 36.67 -4.94 -32.93
C LYS D 18 35.19 -5.18 -33.19
N LEU D 19 34.58 -6.10 -32.44
CA LEU D 19 33.15 -6.33 -32.60
C LEU D 19 32.35 -5.08 -32.23
N LEU D 20 32.71 -4.43 -31.12
CA LEU D 20 31.91 -3.31 -30.64
C LEU D 20 32.12 -2.04 -31.44
N LYS D 21 33.33 -1.81 -31.95
CA LYS D 21 33.60 -0.58 -32.67
C LYS D 21 32.80 -0.54 -33.97
N GLY D 22 32.26 0.64 -34.28
CA GLY D 22 31.42 0.78 -35.44
C GLY D 22 30.10 0.05 -35.37
N TYR D 23 29.67 -0.32 -34.17
CA TYR D 23 28.43 -1.05 -33.97
C TYR D 23 27.30 -0.05 -33.70
N ASP D 24 26.34 0.01 -34.63
CA ASP D 24 25.19 0.90 -34.49
C ASP D 24 24.09 0.13 -33.75
N ILE D 25 23.91 0.46 -32.47
CA ILE D 25 22.88 -0.21 -31.67
C ILE D 25 21.49 0.09 -32.20
N ARG D 26 21.30 1.26 -32.82
CA ARG D 26 19.97 1.68 -33.24
C ARG D 26 19.41 0.75 -34.32
N LEU D 27 20.26 0.30 -35.24
CA LEU D 27 19.83 -0.55 -36.34
C LEU D 27 19.80 -2.00 -35.89
N ARG D 28 18.66 -2.66 -36.08
CA ARG D 28 18.53 -4.05 -35.73
C ARG D 28 19.30 -4.92 -36.72
N PRO D 29 19.58 -6.18 -36.38
CA PRO D 29 20.20 -7.07 -37.36
C PRO D 29 19.31 -7.25 -38.58
N ASP D 30 19.94 -7.26 -39.75
CA ASP D 30 19.23 -7.37 -41.02
C ASP D 30 18.16 -6.28 -41.14
N PHE D 31 18.63 -5.02 -41.13
CA PHE D 31 17.71 -3.90 -41.17
C PHE D 31 16.92 -3.90 -42.47
N GLY D 32 17.62 -3.98 -43.60
CA GLY D 32 16.96 -4.16 -44.89
C GLY D 32 16.59 -5.59 -45.21
N GLY D 33 17.12 -6.55 -44.46
CA GLY D 33 16.88 -7.94 -44.73
C GLY D 33 15.60 -8.45 -44.12
N PRO D 34 15.40 -9.76 -44.11
CA PRO D 34 14.17 -10.32 -43.54
C PRO D 34 14.12 -10.11 -42.03
N PRO D 35 12.97 -10.31 -41.40
CA PRO D 35 12.88 -10.08 -39.95
C PRO D 35 13.79 -11.02 -39.17
N VAL D 36 14.34 -10.50 -38.08
CA VAL D 36 15.20 -11.29 -37.20
C VAL D 36 14.33 -12.19 -36.35
N CYS D 37 14.69 -13.47 -36.28
CA CYS D 37 13.93 -14.45 -35.52
C CYS D 37 14.50 -14.53 -34.10
N VAL D 38 13.68 -14.15 -33.12
CA VAL D 38 14.08 -14.14 -31.71
C VAL D 38 13.36 -15.29 -31.02
N GLY D 39 14.12 -16.28 -30.57
CA GLY D 39 13.57 -17.40 -29.84
C GLY D 39 13.51 -17.13 -28.36
N MET D 40 12.30 -17.19 -27.79
CA MET D 40 12.11 -16.86 -26.39
C MET D 40 12.27 -18.12 -25.55
N ASN D 41 12.48 -17.92 -24.25
CA ASN D 41 12.56 -19.03 -23.33
C ASN D 41 12.33 -18.49 -21.92
N ILE D 42 11.62 -19.24 -21.10
CA ILE D 42 11.26 -18.83 -19.75
C ILE D 42 11.49 -19.98 -18.80
N ASP D 43 12.04 -19.67 -17.62
CA ASP D 43 12.12 -20.60 -16.50
C ASP D 43 11.47 -19.94 -15.30
N ILE D 44 10.29 -20.39 -14.93
CA ILE D 44 9.56 -19.76 -13.83
C ILE D 44 10.16 -20.22 -12.52
N ALA D 45 10.49 -19.25 -11.66
CA ALA D 45 11.02 -19.55 -10.33
C ALA D 45 9.88 -19.76 -9.33
N SER D 46 8.89 -18.87 -9.33
CA SER D 46 7.77 -19.00 -8.41
C SER D 46 6.67 -18.04 -8.86
N ILE D 47 5.48 -18.27 -8.33
CA ILE D 47 4.36 -17.34 -8.44
C ILE D 47 4.10 -16.85 -7.02
N ASP D 48 4.70 -15.72 -6.66
CA ASP D 48 4.78 -15.33 -5.25
C ASP D 48 3.43 -14.90 -4.68
N MET D 49 2.47 -14.56 -5.52
CA MET D 49 1.23 -13.96 -5.02
C MET D 49 0.16 -14.04 -6.09
N VAL D 50 -1.07 -14.32 -5.66
CA VAL D 50 -2.25 -14.26 -6.52
C VAL D 50 -3.36 -13.60 -5.74
N SER D 51 -3.60 -12.32 -5.98
CA SER D 51 -4.59 -11.53 -5.26
C SER D 51 -5.81 -11.30 -6.13
N GLU D 52 -6.98 -11.67 -5.61
CA GLU D 52 -8.24 -11.33 -6.26
C GLU D 52 -8.69 -9.91 -5.96
N VAL D 53 -8.03 -9.22 -5.03
CA VAL D 53 -8.35 -7.81 -4.78
C VAL D 53 -8.08 -6.98 -6.02
N ASN D 54 -6.90 -7.15 -6.60
CA ASN D 54 -6.46 -6.40 -7.76
C ASN D 54 -6.50 -7.20 -9.06
N MET D 55 -6.94 -8.46 -9.00
CA MET D 55 -7.00 -9.33 -10.18
C MET D 55 -5.62 -9.41 -10.85
N ASP D 56 -4.58 -9.59 -10.03
CA ASP D 56 -3.21 -9.69 -10.52
C ASP D 56 -2.48 -10.79 -9.76
N TYR D 57 -1.38 -11.24 -10.33
CA TYR D 57 -0.51 -12.23 -9.72
C TYR D 57 0.94 -11.88 -10.00
N THR D 58 1.79 -12.12 -9.01
CA THR D 58 3.22 -11.84 -9.13
C THR D 58 3.94 -13.09 -9.59
N LEU D 59 4.73 -12.95 -10.65
CA LEU D 59 5.51 -14.01 -11.24
C LEU D 59 6.98 -13.60 -11.24
N THR D 60 7.86 -14.59 -11.07
CA THR D 60 9.30 -14.38 -11.16
C THR D 60 9.88 -15.40 -12.12
N MET D 61 10.79 -14.97 -12.99
CA MET D 61 11.21 -15.85 -14.06
C MET D 61 12.56 -15.43 -14.62
N TYR D 62 13.36 -16.43 -15.00
CA TYR D 62 14.51 -16.23 -15.86
C TYR D 62 14.02 -16.19 -17.30
N PHE D 63 14.18 -15.04 -17.94
CA PHE D 63 13.66 -14.78 -19.28
C PHE D 63 14.84 -14.66 -20.23
N GLN D 64 15.00 -15.65 -21.10
CA GLN D 64 16.10 -15.73 -22.05
C GLN D 64 15.60 -15.44 -23.46
N GLN D 65 16.43 -14.75 -24.25
CA GLN D 65 16.13 -14.42 -25.63
C GLN D 65 17.34 -14.77 -26.47
N TYR D 66 17.12 -15.56 -27.53
CA TYR D 66 18.17 -16.01 -28.42
C TYR D 66 17.95 -15.36 -29.77
N TRP D 67 19.00 -14.75 -30.33
CA TRP D 67 18.86 -14.21 -31.68
C TRP D 67 20.21 -14.17 -32.37
N ARG D 68 20.17 -14.36 -33.69
CA ARG D 68 21.38 -14.35 -34.50
C ARG D 68 21.70 -12.92 -34.91
N ASP D 69 22.92 -12.49 -34.62
CA ASP D 69 23.41 -11.15 -34.96
C ASP D 69 24.77 -11.33 -35.62
N LYS D 70 24.79 -11.27 -36.96
CA LYS D 70 26.02 -11.51 -37.70
C LYS D 70 27.08 -10.46 -37.41
N ARG D 71 26.69 -9.27 -36.96
CA ARG D 71 27.68 -8.23 -36.64
C ARG D 71 28.56 -8.65 -35.49
N LEU D 72 28.08 -9.52 -34.61
CA LEU D 72 28.82 -9.97 -33.44
C LEU D 72 29.46 -11.34 -33.64
N ALA D 73 29.72 -11.75 -34.87
CA ALA D 73 30.40 -13.00 -35.14
C ALA D 73 31.91 -12.82 -35.03
N TYR D 74 32.56 -13.78 -34.38
CA TYR D 74 34.01 -13.73 -34.16
C TYR D 74 34.59 -15.11 -34.46
N SER D 75 35.87 -15.11 -34.85
CA SER D 75 36.59 -16.32 -35.21
C SER D 75 37.91 -16.39 -34.46
N GLY D 76 38.43 -17.59 -34.33
CA GLY D 76 39.66 -17.83 -33.60
C GLY D 76 39.50 -18.01 -32.11
N ILE D 77 38.27 -17.90 -31.59
CA ILE D 77 37.99 -18.06 -30.16
C ILE D 77 36.88 -19.10 -30.04
N PRO D 78 37.19 -20.39 -29.93
CA PRO D 78 36.11 -21.39 -29.89
C PRO D 78 35.19 -21.28 -28.68
N LEU D 79 35.63 -20.62 -27.62
CA LEU D 79 34.82 -20.49 -26.42
C LEU D 79 33.60 -19.61 -26.67
N ASN D 80 32.52 -19.90 -25.96
CA ASN D 80 31.34 -19.05 -25.97
C ASN D 80 31.57 -17.93 -24.97
N LEU D 81 31.80 -16.72 -25.47
CA LEU D 81 32.14 -15.60 -24.60
C LEU D 81 30.96 -15.24 -23.71
N THR D 82 31.23 -15.11 -22.41
CA THR D 82 30.25 -14.66 -21.43
C THR D 82 30.78 -13.35 -20.86
N LEU D 83 30.18 -12.24 -21.30
CA LEU D 83 30.62 -10.90 -20.94
C LEU D 83 29.77 -10.37 -19.79
N ASP D 84 30.26 -9.30 -19.17
CA ASP D 84 29.54 -8.71 -18.05
C ASP D 84 28.25 -8.05 -18.55
N ASN D 85 27.34 -7.82 -17.61
CA ASN D 85 26.01 -7.33 -17.96
C ASN D 85 26.05 -5.95 -18.61
N ARG D 86 27.05 -5.14 -18.27
CA ARG D 86 27.11 -3.78 -18.81
C ARG D 86 27.28 -3.78 -20.33
N VAL D 87 27.85 -4.85 -20.89
CA VAL D 87 27.98 -4.95 -22.34
C VAL D 87 26.60 -4.93 -23.01
N ALA D 88 25.56 -5.35 -22.29
CA ALA D 88 24.21 -5.29 -22.84
C ALA D 88 23.82 -3.86 -23.21
N ASP D 89 24.38 -2.87 -22.54
CA ASP D 89 24.05 -1.48 -22.88
C ASP D 89 24.59 -1.09 -24.25
N GLN D 90 25.69 -1.70 -24.68
CA GLN D 90 26.36 -1.31 -25.92
C GLN D 90 25.91 -2.11 -27.13
N LEU D 91 24.98 -3.05 -26.98
CA LEU D 91 24.49 -3.88 -28.06
C LEU D 91 23.01 -3.60 -28.30
N TRP D 92 22.50 -4.12 -29.41
CA TRP D 92 21.08 -4.09 -29.70
C TRP D 92 20.41 -5.31 -29.07
N VAL D 93 19.29 -5.06 -28.40
CA VAL D 93 18.48 -6.12 -27.79
C VAL D 93 17.03 -5.91 -28.22
N PRO D 94 16.20 -6.95 -28.32
CA PRO D 94 14.81 -6.73 -28.73
C PRO D 94 14.06 -5.89 -27.71
N ASP D 95 13.08 -5.14 -28.20
CA ASP D 95 12.22 -4.30 -27.35
C ASP D 95 11.03 -5.11 -26.84
N THR D 96 11.36 -6.20 -26.16
CA THR D 96 10.34 -7.12 -25.67
C THR D 96 9.69 -6.57 -24.41
N TYR D 97 8.37 -6.70 -24.33
CA TYR D 97 7.62 -6.21 -23.18
C TYR D 97 6.35 -7.03 -23.02
N PHE D 98 5.79 -6.97 -21.82
CA PHE D 98 4.58 -7.71 -21.48
C PHE D 98 3.40 -6.74 -21.43
N LEU D 99 2.32 -7.09 -22.12
CA LEU D 99 1.17 -6.19 -22.20
C LEU D 99 0.49 -6.03 -20.85
N ASN D 100 0.21 -7.15 -20.18
CA ASN D 100 -0.63 -7.14 -19.00
C ASN D 100 0.13 -6.90 -17.71
N ASP D 101 1.43 -6.62 -17.77
CA ASP D 101 2.17 -6.31 -16.55
C ASP D 101 1.71 -4.98 -15.97
N LYS D 102 1.70 -4.91 -14.63
CA LYS D 102 1.36 -3.70 -13.90
C LYS D 102 2.59 -3.00 -13.36
N LYS D 103 3.56 -3.75 -12.87
CA LYS D 103 4.81 -3.17 -12.39
C LYS D 103 5.87 -4.26 -12.44
N SER D 104 6.78 -4.17 -13.41
CA SER D 104 7.84 -5.14 -13.62
C SER D 104 9.19 -4.49 -13.31
N PHE D 105 10.15 -5.31 -12.91
CA PHE D 105 11.49 -4.82 -12.66
C PHE D 105 12.47 -5.98 -12.77
N VAL D 106 13.71 -5.64 -13.10
CA VAL D 106 14.81 -6.60 -13.18
C VAL D 106 15.60 -6.51 -11.89
N HIS D 107 15.88 -7.66 -11.29
CA HIS D 107 16.52 -7.69 -9.98
C HIS D 107 17.94 -7.15 -10.08
N GLY D 108 18.33 -6.35 -9.08
CA GLY D 108 19.61 -5.68 -9.07
C GLY D 108 20.45 -5.98 -7.85
N VAL D 109 20.44 -7.23 -7.39
CA VAL D 109 21.13 -7.61 -6.16
C VAL D 109 22.60 -7.86 -6.50
N THR D 110 23.45 -6.90 -6.12
CA THR D 110 24.90 -6.90 -6.32
C THR D 110 25.35 -6.65 -7.75
N VAL D 111 24.42 -6.73 -8.71
CA VAL D 111 24.64 -6.52 -10.14
C VAL D 111 23.25 -6.44 -10.74
N LYS D 112 23.11 -5.77 -11.88
CA LYS D 112 21.87 -5.93 -12.64
C LYS D 112 21.82 -7.36 -13.17
N ASN D 113 20.79 -8.09 -12.78
CA ASN D 113 20.73 -9.53 -13.05
C ASN D 113 20.47 -9.74 -14.54
N ARG D 114 21.55 -9.66 -15.31
CA ARG D 114 21.51 -9.90 -16.74
C ARG D 114 22.69 -10.79 -17.13
N MET D 115 22.53 -11.50 -18.24
CA MET D 115 23.60 -12.31 -18.80
C MET D 115 23.63 -12.10 -20.31
N ILE D 116 24.83 -11.82 -20.82
CA ILE D 116 25.11 -11.79 -22.25
C ILE D 116 26.04 -12.95 -22.55
N ARG D 117 25.66 -13.80 -23.50
CA ARG D 117 26.48 -14.91 -23.94
C ARG D 117 26.56 -14.86 -25.46
N LEU D 118 27.73 -14.47 -25.97
CA LEU D 118 27.96 -14.49 -27.41
C LEU D 118 28.38 -15.89 -27.84
N HIS D 119 28.32 -16.11 -29.15
CA HIS D 119 28.70 -17.38 -29.76
C HIS D 119 29.54 -17.10 -31.00
N PRO D 120 30.39 -18.04 -31.42
CA PRO D 120 31.23 -17.78 -32.59
C PRO D 120 30.43 -17.54 -33.86
N ASP D 121 29.25 -18.15 -33.99
CA ASP D 121 28.44 -18.01 -35.17
C ASP D 121 27.54 -16.76 -35.13
N GLY D 122 27.77 -15.86 -34.18
CA GLY D 122 26.99 -14.65 -34.08
C GLY D 122 25.72 -14.77 -33.24
N THR D 123 25.37 -15.98 -32.81
CA THR D 123 24.20 -16.14 -31.95
C THR D 123 24.46 -15.48 -30.61
N VAL D 124 23.43 -14.80 -30.08
CA VAL D 124 23.51 -14.04 -28.85
C VAL D 124 22.39 -14.50 -27.93
N LEU D 125 22.74 -14.77 -26.67
CA LEU D 125 21.80 -15.12 -25.61
C LEU D 125 21.77 -13.96 -24.63
N TYR D 126 20.57 -13.42 -24.40
CA TYR D 126 20.34 -12.31 -23.48
C TYR D 126 19.33 -12.76 -22.45
N GLY D 127 19.77 -12.94 -21.22
CA GLY D 127 18.93 -13.44 -20.14
C GLY D 127 18.76 -12.38 -19.07
N LEU D 128 17.56 -12.32 -18.50
CA LEU D 128 17.24 -11.42 -17.40
C LEU D 128 16.48 -12.20 -16.33
N ARG D 129 16.44 -11.64 -15.13
CA ARG D 129 15.62 -12.17 -14.03
C ARG D 129 14.56 -11.13 -13.72
N ILE D 130 13.32 -11.41 -14.11
CA ILE D 130 12.25 -10.42 -14.10
C ILE D 130 11.20 -10.86 -13.10
N THR D 131 10.76 -9.92 -12.26
CA THR D 131 9.63 -10.10 -11.36
C THR D 131 8.50 -9.20 -11.87
N THR D 132 7.52 -9.81 -12.52
CA THR D 132 6.38 -9.11 -13.09
C THR D 132 5.18 -9.22 -12.16
N THR D 133 4.34 -8.18 -12.17
CA THR D 133 3.04 -8.20 -11.51
C THR D 133 2.00 -8.19 -12.63
N ALA D 134 1.71 -9.38 -13.15
CA ALA D 134 0.81 -9.49 -14.29
C ALA D 134 -0.63 -9.36 -13.84
N ALA D 135 -1.47 -8.90 -14.76
CA ALA D 135 -2.90 -8.69 -14.50
C ALA D 135 -3.69 -9.70 -15.32
N CYS D 136 -4.48 -10.53 -14.62
CA CYS D 136 -5.41 -11.44 -15.25
C CYS D 136 -6.78 -11.23 -14.63
N MET D 137 -7.75 -10.88 -15.47
CA MET D 137 -9.11 -10.69 -14.99
C MET D 137 -9.70 -12.02 -14.55
N MET D 138 -10.40 -12.01 -13.43
CA MET D 138 -10.98 -13.20 -12.82
C MET D 138 -12.49 -13.00 -12.67
N ASP D 139 -13.26 -13.97 -13.12
CA ASP D 139 -14.70 -13.98 -12.89
C ASP D 139 -14.98 -14.73 -11.60
N LEU D 140 -15.68 -14.07 -10.67
CA LEU D 140 -16.04 -14.64 -9.39
C LEU D 140 -17.49 -15.06 -9.32
N ARG D 141 -18.10 -15.36 -10.47
CA ARG D 141 -19.46 -15.87 -10.47
C ARG D 141 -19.54 -17.20 -9.74
N ARG D 142 -18.56 -18.08 -9.99
CA ARG D 142 -18.49 -19.39 -9.35
C ARG D 142 -17.58 -19.41 -8.14
N TYR D 143 -17.11 -18.26 -7.67
CA TYR D 143 -16.22 -18.22 -6.53
C TYR D 143 -16.92 -18.76 -5.29
N PRO D 144 -16.27 -19.60 -4.47
CA PRO D 144 -14.91 -20.15 -4.49
C PRO D 144 -14.79 -21.48 -5.22
N LEU D 145 -15.66 -21.70 -6.20
CA LEU D 145 -15.62 -22.89 -7.06
C LEU D 145 -15.25 -22.51 -8.49
N ASP D 146 -14.28 -21.60 -8.62
CA ASP D 146 -13.91 -21.01 -9.90
C ASP D 146 -12.67 -21.68 -10.47
N GLU D 147 -12.38 -21.36 -11.73
CA GLU D 147 -11.21 -21.87 -12.43
C GLU D 147 -10.70 -20.74 -13.34
N GLN D 148 -9.61 -20.12 -12.96
CA GLN D 148 -9.08 -18.97 -13.67
C GLN D 148 -8.12 -19.41 -14.77
N ASN D 149 -7.86 -18.49 -15.69
CA ASN D 149 -7.06 -18.74 -16.90
C ASN D 149 -5.98 -17.68 -17.05
N CYS D 150 -5.19 -17.48 -16.00
CA CYS D 150 -4.32 -16.32 -15.95
C CYS D 150 -3.17 -16.46 -16.94
N THR D 151 -2.92 -15.41 -17.72
CA THR D 151 -1.99 -15.46 -18.84
C THR D 151 -0.93 -14.38 -18.72
N LEU D 152 0.24 -14.68 -19.27
CA LEU D 152 1.31 -13.72 -19.46
C LEU D 152 1.61 -13.65 -20.94
N GLU D 153 1.55 -12.44 -21.51
CA GLU D 153 1.70 -12.23 -22.94
C GLU D 153 2.93 -11.39 -23.21
N ILE D 154 3.62 -11.70 -24.30
CA ILE D 154 4.91 -11.12 -24.64
C ILE D 154 4.81 -10.58 -26.06
N GLU D 155 5.26 -9.34 -26.27
CA GLU D 155 5.20 -8.70 -27.57
C GLU D 155 6.44 -7.84 -27.76
N SER D 156 6.62 -7.37 -29.00
CA SER D 156 7.63 -6.39 -29.34
C SER D 156 6.94 -5.03 -29.45
N TYR D 157 7.41 -4.06 -28.66
CA TYR D 157 6.71 -2.79 -28.57
C TYR D 157 6.79 -2.01 -29.88
N GLY D 158 7.98 -1.91 -30.47
CA GLY D 158 8.19 -1.07 -31.64
C GLY D 158 8.12 -1.79 -32.97
N TYR D 159 8.82 -2.92 -33.08
CA TYR D 159 9.00 -3.58 -34.36
C TYR D 159 7.78 -4.39 -34.75
N THR D 160 7.46 -4.37 -36.04
CA THR D 160 6.34 -5.12 -36.59
C THR D 160 6.78 -6.55 -36.89
N THR D 161 5.84 -7.36 -37.39
CA THR D 161 6.20 -8.70 -37.83
C THR D 161 7.13 -8.69 -39.02
N ASP D 162 7.14 -7.60 -39.80
CA ASP D 162 8.07 -7.49 -40.92
C ASP D 162 9.50 -7.23 -40.45
N ASP D 163 9.69 -6.72 -39.23
CA ASP D 163 11.00 -6.41 -38.69
C ASP D 163 11.52 -7.47 -37.72
N ILE D 164 10.64 -8.06 -36.90
CA ILE D 164 11.03 -9.02 -35.88
C ILE D 164 10.06 -10.18 -35.91
N GLU D 165 10.51 -11.33 -35.39
CA GLU D 165 9.71 -12.54 -35.37
C GLU D 165 10.01 -13.30 -34.09
N PHE D 166 8.95 -13.73 -33.40
CA PHE D 166 9.04 -14.42 -32.13
C PHE D 166 8.66 -15.88 -32.31
N TYR D 167 9.30 -16.75 -31.52
CA TYR D 167 8.93 -18.15 -31.46
C TYR D 167 9.41 -18.73 -30.14
N TRP D 168 8.80 -19.85 -29.76
CA TRP D 168 9.16 -20.53 -28.52
C TRP D 168 10.33 -21.46 -28.79
N ARG D 169 11.40 -21.29 -28.02
CA ARG D 169 12.61 -22.10 -28.20
C ARG D 169 12.39 -23.45 -27.53
N GLY D 170 12.29 -24.50 -28.34
CA GLY D 170 12.06 -25.84 -27.84
C GLY D 170 10.61 -26.28 -27.81
N GLY D 171 9.71 -25.56 -28.47
CA GLY D 171 8.32 -25.97 -28.49
C GLY D 171 7.69 -25.88 -27.11
N ASP D 172 6.89 -26.89 -26.76
CA ASP D 172 6.22 -26.91 -25.47
C ASP D 172 7.18 -27.02 -24.30
N LYS D 173 8.42 -27.45 -24.53
CA LYS D 173 9.41 -27.56 -23.47
C LYS D 173 10.09 -26.23 -23.18
N ALA D 174 9.70 -25.13 -23.84
CA ALA D 174 10.34 -23.85 -23.62
C ALA D 174 10.16 -23.38 -22.19
N VAL D 175 8.93 -23.41 -21.69
CA VAL D 175 8.62 -22.95 -20.34
C VAL D 175 8.77 -24.11 -19.37
N THR D 176 9.55 -23.90 -18.32
CA THR D 176 9.85 -24.92 -17.33
C THR D 176 9.63 -24.36 -15.94
N GLY D 177 9.60 -25.27 -14.95
CA GLY D 177 9.41 -24.89 -13.57
C GLY D 177 7.96 -24.75 -13.15
N VAL D 178 7.01 -24.95 -14.05
CA VAL D 178 5.59 -24.82 -13.68
C VAL D 178 5.19 -25.92 -12.70
N GLU D 179 5.75 -27.11 -12.86
CA GLU D 179 5.37 -28.23 -12.00
C GLU D 179 5.81 -27.99 -10.56
N ARG D 180 7.00 -27.41 -10.37
CA ARG D 180 7.53 -27.21 -9.02
C ARG D 180 6.75 -26.18 -8.23
N ILE D 181 5.95 -25.33 -8.89
CA ILE D 181 5.22 -24.29 -8.19
C ILE D 181 4.18 -24.92 -7.26
N GLU D 182 4.07 -24.36 -6.06
CA GLU D 182 3.08 -24.80 -5.06
C GLU D 182 2.38 -23.54 -4.53
N LEU D 183 1.23 -23.25 -5.12
CA LEU D 183 0.45 -22.09 -4.69
C LEU D 183 -0.28 -22.42 -3.39
N PRO D 184 -0.61 -21.41 -2.58
CA PRO D 184 -1.30 -21.69 -1.31
C PRO D 184 -2.71 -22.20 -1.52
N GLN D 185 -3.50 -21.49 -2.33
CA GLN D 185 -4.92 -21.78 -2.54
C GLN D 185 -5.24 -21.99 -4.01
N PHE D 186 -4.33 -22.62 -4.75
CA PHE D 186 -4.53 -22.86 -6.16
C PHE D 186 -3.72 -24.07 -6.58
N SER D 187 -4.08 -24.62 -7.74
CA SER D 187 -3.37 -25.76 -8.32
C SER D 187 -3.28 -25.54 -9.82
N ILE D 188 -2.05 -25.50 -10.34
CA ILE D 188 -1.84 -25.24 -11.77
C ILE D 188 -2.22 -26.52 -12.52
N VAL D 189 -3.43 -26.53 -13.07
CA VAL D 189 -3.90 -27.72 -13.78
C VAL D 189 -3.09 -27.93 -15.05
N GLU D 190 -2.88 -26.86 -15.81
CA GLU D 190 -2.19 -26.97 -17.09
C GLU D 190 -1.59 -25.62 -17.46
N HIS D 191 -0.49 -25.67 -18.20
CA HIS D 191 0.11 -24.49 -18.81
C HIS D 191 0.19 -24.70 -20.32
N ARG D 192 -0.12 -23.65 -21.07
CA ARG D 192 -0.22 -23.71 -22.52
C ARG D 192 0.55 -22.55 -23.14
N LEU D 193 1.24 -22.83 -24.24
CA LEU D 193 2.03 -21.86 -24.99
C LEU D 193 1.39 -21.63 -26.36
N VAL D 194 1.28 -20.36 -26.75
CA VAL D 194 0.65 -19.98 -28.00
C VAL D 194 1.48 -18.90 -28.68
N SER D 195 1.46 -18.90 -30.02
CA SER D 195 2.11 -17.89 -30.83
C SER D 195 1.08 -17.32 -31.81
N ARG D 196 1.03 -15.99 -31.91
CA ARG D 196 0.06 -15.33 -32.77
C ARG D 196 0.68 -14.09 -33.39
N ASN D 197 -0.04 -13.52 -34.35
CA ASN D 197 0.24 -12.21 -34.89
C ASN D 197 -0.98 -11.33 -34.62
N VAL D 198 -0.75 -10.18 -33.99
CA VAL D 198 -1.81 -9.28 -33.56
C VAL D 198 -1.77 -8.05 -34.44
N VAL D 199 -2.88 -7.74 -35.11
CA VAL D 199 -2.95 -6.63 -36.04
C VAL D 199 -3.45 -5.41 -35.29
N PHE D 200 -2.63 -4.37 -35.25
CA PHE D 200 -2.97 -3.06 -34.71
C PHE D 200 -3.16 -2.08 -35.86
N ALA D 201 -3.48 -0.83 -35.52
CA ALA D 201 -3.52 0.21 -36.53
C ALA D 201 -2.15 0.43 -37.15
N THR D 202 -1.09 0.40 -36.33
CA THR D 202 0.26 0.63 -36.83
C THR D 202 0.72 -0.51 -37.74
N GLY D 203 0.52 -1.76 -37.30
CA GLY D 203 0.93 -2.89 -38.11
C GLY D 203 0.77 -4.17 -37.32
N ALA D 204 1.11 -5.28 -38.00
CA ALA D 204 0.95 -6.61 -37.42
C ALA D 204 2.18 -6.96 -36.60
N TYR D 205 2.02 -6.98 -35.27
CA TYR D 205 3.09 -7.31 -34.35
C TYR D 205 3.07 -8.79 -34.01
N PRO D 206 4.19 -9.35 -33.55
CA PRO D 206 4.17 -10.73 -33.06
C PRO D 206 3.73 -10.79 -31.60
N ARG D 207 3.29 -11.97 -31.19
CA ARG D 207 2.89 -12.17 -29.81
C ARG D 207 3.12 -13.62 -29.43
N LEU D 208 3.59 -13.83 -28.19
CA LEU D 208 3.57 -15.13 -27.55
C LEU D 208 2.73 -15.05 -26.28
N SER D 209 2.17 -16.18 -25.87
CA SER D 209 1.28 -16.23 -24.72
C SER D 209 1.57 -17.49 -23.92
N LEU D 210 1.57 -17.36 -22.60
CA LEU D 210 1.76 -18.47 -21.68
C LEU D 210 0.62 -18.40 -20.67
N SER D 211 -0.30 -19.36 -20.74
CA SER D 211 -1.55 -19.34 -19.97
C SER D 211 -1.58 -20.50 -19.00
N PHE D 212 -1.81 -20.20 -17.72
CA PHE D 212 -1.99 -21.19 -16.67
C PHE D 212 -3.46 -21.28 -16.30
N ARG D 213 -4.00 -22.49 -16.30
CA ARG D 213 -5.36 -22.75 -15.82
C ARG D 213 -5.27 -23.14 -14.35
N LEU D 214 -5.68 -22.22 -13.47
CA LEU D 214 -5.59 -22.40 -12.03
C LEU D 214 -6.94 -22.81 -11.49
N LYS D 215 -7.00 -23.97 -10.84
CA LYS D 215 -8.22 -24.48 -10.20
C LYS D 215 -8.11 -24.29 -8.70
N ARG D 216 -9.10 -23.62 -8.12
CA ARG D 216 -9.08 -23.34 -6.69
C ARG D 216 -9.31 -24.62 -5.89
N ASN D 217 -8.58 -24.75 -4.79
CA ASN D 217 -8.70 -25.90 -3.90
C ASN D 217 -9.72 -25.59 -2.81
N ILE D 218 -10.79 -26.38 -2.76
CA ILE D 218 -11.90 -26.12 -1.85
C ILE D 218 -11.62 -26.90 -0.57
N GLY D 219 -10.76 -26.33 0.27
CA GLY D 219 -10.57 -26.79 1.64
C GLY D 219 -10.80 -25.67 2.64
N TYR D 220 -10.58 -24.43 2.19
CA TYR D 220 -10.82 -23.24 2.99
C TYR D 220 -12.28 -22.85 3.07
N PHE D 221 -13.08 -23.26 2.09
CA PHE D 221 -14.41 -22.70 1.89
C PHE D 221 -15.55 -23.65 2.24
N ILE D 222 -15.24 -24.86 2.73
CA ILE D 222 -16.28 -25.81 3.12
C ILE D 222 -16.33 -25.99 4.64
N LEU D 223 -15.27 -25.64 5.36
CA LEU D 223 -15.12 -26.02 6.75
C LEU D 223 -15.52 -24.93 7.74
N GLN D 224 -15.44 -23.66 7.36
CA GLN D 224 -15.82 -22.55 8.25
C GLN D 224 -16.62 -21.47 7.55
N THR D 225 -17.00 -21.66 6.29
CA THR D 225 -17.93 -20.77 5.58
C THR D 225 -19.29 -21.41 5.38
N TYR D 226 -19.33 -22.60 4.78
CA TYR D 226 -20.59 -23.30 4.60
C TYR D 226 -21.00 -24.06 5.86
N MET D 227 -20.02 -24.65 6.56
CA MET D 227 -20.35 -25.45 7.75
C MET D 227 -21.03 -24.63 8.84
N PRO D 228 -20.52 -23.48 9.26
CA PRO D 228 -21.22 -22.76 10.35
C PRO D 228 -22.58 -22.24 9.93
N SER D 229 -22.71 -21.75 8.70
CA SER D 229 -24.01 -21.30 8.23
C SER D 229 -25.02 -22.45 8.22
N ILE D 230 -24.58 -23.61 7.76
CA ILE D 230 -25.46 -24.79 7.75
C ILE D 230 -25.88 -25.13 9.17
N LEU D 231 -24.92 -25.13 10.11
CA LEU D 231 -25.27 -25.55 11.46
C LEU D 231 -26.18 -24.54 12.15
N ILE D 232 -26.00 -23.24 11.90
CA ILE D 232 -26.96 -22.27 12.44
C ILE D 232 -28.34 -22.49 11.84
N THR D 233 -28.41 -22.88 10.57
CA THR D 233 -29.71 -23.25 10.01
C THR D 233 -30.30 -24.46 10.75
N ILE D 234 -29.44 -25.43 11.09
CA ILE D 234 -29.92 -26.57 11.88
C ILE D 234 -30.46 -26.11 13.22
N LEU D 235 -29.82 -25.10 13.81
CA LEU D 235 -30.32 -24.59 15.10
C LEU D 235 -31.66 -23.89 14.93
N SER D 236 -31.90 -23.22 13.81
CA SER D 236 -33.24 -22.72 13.55
C SER D 236 -34.25 -23.87 13.47
N TRP D 237 -33.86 -24.96 12.81
CA TRP D 237 -34.73 -26.13 12.77
C TRP D 237 -35.00 -26.65 14.17
N VAL D 238 -34.01 -26.59 15.04
CA VAL D 238 -34.20 -26.93 16.45
C VAL D 238 -35.22 -25.99 17.08
N SER D 239 -35.18 -24.71 16.69
CA SER D 239 -36.16 -23.76 17.20
C SER D 239 -37.58 -24.19 16.85
N PHE D 240 -37.76 -24.81 15.67
CA PHE D 240 -39.09 -25.35 15.39
C PHE D 240 -39.48 -26.45 16.36
N TRP D 241 -38.50 -27.15 16.94
CA TRP D 241 -38.75 -28.36 17.71
C TRP D 241 -39.00 -28.10 19.19
N ILE D 242 -38.88 -26.87 19.67
CA ILE D 242 -38.91 -26.64 21.11
C ILE D 242 -40.34 -26.75 21.62
N ASN D 243 -41.20 -25.82 21.21
CA ASN D 243 -42.56 -25.78 21.73
C ASN D 243 -43.35 -24.79 20.88
N TYR D 244 -44.55 -24.44 21.37
CA TYR D 244 -45.38 -23.40 20.79
C TYR D 244 -45.80 -22.33 21.79
N ASP D 245 -45.38 -22.45 23.06
CA ASP D 245 -45.75 -21.50 24.10
C ASP D 245 -44.56 -20.92 24.85
N ALA D 246 -43.39 -21.55 24.80
CA ALA D 246 -42.18 -21.03 25.43
C ALA D 246 -41.66 -19.88 24.57
N SER D 247 -42.30 -18.71 24.75
CA SER D 247 -42.01 -17.57 23.88
C SER D 247 -40.58 -17.09 24.05
N ALA D 248 -40.11 -16.98 25.30
CA ALA D 248 -38.78 -16.45 25.56
C ALA D 248 -37.71 -17.31 24.91
N ALA D 249 -37.80 -18.63 25.10
CA ALA D 249 -36.78 -19.53 24.59
C ALA D 249 -36.72 -19.49 23.07
N ARG D 250 -37.87 -19.67 22.41
CA ARG D 250 -37.88 -19.72 20.96
C ARG D 250 -37.49 -18.39 20.34
N VAL D 251 -38.00 -17.28 20.89
CA VAL D 251 -37.67 -15.97 20.34
C VAL D 251 -36.19 -15.68 20.50
N ALA D 252 -35.64 -15.95 21.69
CA ALA D 252 -34.21 -15.72 21.90
C ALA D 252 -33.37 -16.58 20.98
N LEU D 253 -33.75 -17.84 20.80
CA LEU D 253 -33.00 -18.72 19.91
C LEU D 253 -33.02 -18.21 18.47
N GLY D 254 -34.21 -17.86 17.97
CA GLY D 254 -34.30 -17.40 16.60
C GLY D 254 -33.52 -16.12 16.37
N ILE D 255 -33.68 -15.15 17.27
CA ILE D 255 -33.02 -13.87 17.05
C ILE D 255 -31.52 -13.98 17.27
N THR D 256 -31.06 -14.85 18.18
CA THR D 256 -29.63 -15.05 18.33
C THR D 256 -29.04 -15.78 17.15
N THR D 257 -29.79 -16.70 16.53
CA THR D 257 -29.32 -17.30 15.29
C THR D 257 -29.20 -16.26 14.19
N VAL D 258 -30.16 -15.35 14.11
CA VAL D 258 -30.06 -14.25 13.15
C VAL D 258 -28.82 -13.41 13.42
N LEU D 259 -28.56 -13.13 14.69
CA LEU D 259 -27.38 -12.34 15.05
C LEU D 259 -26.10 -13.05 14.67
N THR D 260 -26.04 -14.37 14.89
CA THR D 260 -24.85 -15.12 14.52
C THR D 260 -24.65 -15.11 13.00
N MET D 261 -25.73 -15.25 12.23
CA MET D 261 -25.60 -15.19 10.79
C MET D 261 -25.12 -13.81 10.33
N THR D 262 -25.63 -12.74 10.95
CA THR D 262 -25.16 -11.41 10.58
C THR D 262 -23.68 -11.24 10.92
N THR D 263 -23.26 -11.74 12.08
CA THR D 263 -21.85 -11.68 12.45
C THR D 263 -20.99 -12.43 11.44
N ILE D 264 -21.42 -13.63 11.06
CA ILE D 264 -20.66 -14.43 10.09
C ILE D 264 -20.57 -13.67 8.77
N ASN D 265 -21.69 -13.13 8.30
CA ASN D 265 -21.69 -12.43 7.02
C ASN D 265 -20.77 -11.22 7.05
N THR D 266 -20.87 -10.41 8.11
CA THR D 266 -20.07 -9.20 8.18
C THR D 266 -18.58 -9.53 8.24
N HIS D 267 -18.21 -10.51 9.07
CA HIS D 267 -16.79 -10.81 9.23
C HIS D 267 -16.23 -11.52 8.00
N LEU D 268 -17.05 -12.31 7.30
CA LEU D 268 -16.56 -12.94 6.08
C LEU D 268 -16.44 -11.93 4.94
N ARG D 269 -17.36 -10.95 4.85
CA ARG D 269 -17.19 -9.88 3.89
C ARG D 269 -15.92 -9.08 4.19
N GLU D 270 -15.65 -8.84 5.47
CA GLU D 270 -14.36 -8.26 5.83
C GLU D 270 -13.21 -9.17 5.42
N THR D 271 -13.43 -10.49 5.46
CA THR D 271 -12.40 -11.45 5.08
C THR D 271 -12.23 -11.54 3.57
N LEU D 272 -13.32 -11.45 2.81
CA LEU D 272 -13.23 -11.61 1.37
C LEU D 272 -12.47 -10.45 0.75
N PRO D 273 -11.87 -10.64 -0.47
CA PRO D 273 -10.92 -9.66 -1.01
C PRO D 273 -11.57 -8.51 -1.79
N LYS D 274 -12.66 -7.96 -1.23
CA LYS D 274 -13.23 -6.66 -1.62
C LYS D 274 -13.47 -6.56 -3.12
N ILE D 275 -14.33 -7.44 -3.63
CA ILE D 275 -14.78 -7.42 -5.01
C ILE D 275 -16.27 -7.13 -5.01
N PRO D 276 -16.68 -5.87 -5.28
CA PRO D 276 -18.12 -5.59 -5.31
C PRO D 276 -18.83 -6.28 -6.48
N TYR D 277 -19.04 -7.58 -6.33
CA TYR D 277 -19.71 -8.39 -7.33
C TYR D 277 -20.33 -9.59 -6.63
N VAL D 278 -21.47 -10.04 -7.17
CA VAL D 278 -22.15 -11.18 -6.59
C VAL D 278 -21.32 -12.44 -6.78
N LYS D 279 -21.31 -13.29 -5.75
CA LYS D 279 -20.52 -14.51 -5.74
C LYS D 279 -21.34 -15.62 -5.12
N ALA D 280 -20.95 -16.87 -5.42
CA ALA D 280 -21.74 -18.02 -4.98
C ALA D 280 -21.82 -18.08 -3.46
N ILE D 281 -20.72 -17.74 -2.77
CA ILE D 281 -20.74 -17.72 -1.31
C ILE D 281 -21.75 -16.69 -0.81
N ASP D 282 -21.85 -15.55 -1.50
CA ASP D 282 -22.78 -14.51 -1.07
C ASP D 282 -24.22 -14.97 -1.18
N MET D 283 -24.59 -15.57 -2.32
CA MET D 283 -25.95 -16.08 -2.45
C MET D 283 -26.22 -17.22 -1.47
N TYR D 284 -25.23 -18.08 -1.21
CA TYR D 284 -25.43 -19.15 -0.24
C TYR D 284 -25.71 -18.58 1.15
N LEU D 285 -24.92 -17.61 1.58
CA LEU D 285 -25.10 -17.05 2.92
C LEU D 285 -26.39 -16.26 3.00
N MET D 286 -26.77 -15.57 1.93
CA MET D 286 -28.06 -14.87 1.95
C MET D 286 -29.21 -15.86 1.97
N GLY D 287 -29.07 -17.00 1.30
CA GLY D 287 -30.10 -18.03 1.41
C GLY D 287 -30.24 -18.55 2.83
N CYS D 288 -29.12 -18.80 3.50
CA CYS D 288 -29.19 -19.24 4.89
C CYS D 288 -29.81 -18.17 5.78
N PHE D 289 -29.45 -16.90 5.54
CA PHE D 289 -30.03 -15.83 6.34
C PHE D 289 -31.53 -15.73 6.12
N VAL D 290 -31.98 -15.87 4.87
CA VAL D 290 -33.40 -15.86 4.59
C VAL D 290 -34.08 -17.06 5.24
N PHE D 291 -33.39 -18.19 5.34
CA PHE D 291 -33.99 -19.36 5.97
C PHE D 291 -34.22 -19.13 7.47
N VAL D 292 -33.21 -18.61 8.17
CA VAL D 292 -33.41 -18.36 9.60
C VAL D 292 -34.45 -17.26 9.81
N PHE D 293 -34.45 -16.25 8.93
CA PHE D 293 -35.46 -15.20 8.99
C PHE D 293 -36.86 -15.79 8.82
N LEU D 294 -37.01 -16.70 7.86
CA LEU D 294 -38.30 -17.35 7.64
C LEU D 294 -38.69 -18.22 8.81
N ALA D 295 -37.72 -18.83 9.50
CA ALA D 295 -38.05 -19.59 10.70
C ALA D 295 -38.63 -18.69 11.78
N LEU D 296 -38.02 -17.53 11.99
CA LEU D 296 -38.55 -16.60 12.99
C LEU D 296 -39.94 -16.09 12.58
N LEU D 297 -40.12 -15.82 11.29
CA LEU D 297 -41.45 -15.44 10.80
C LEU D 297 -42.47 -16.56 11.01
N GLU D 298 -42.04 -17.81 10.84
CA GLU D 298 -42.95 -18.93 11.06
C GLU D 298 -43.40 -18.99 12.51
N TYR D 299 -42.46 -18.78 13.44
CA TYR D 299 -42.86 -18.72 14.84
C TYR D 299 -43.82 -17.56 15.09
N ALA D 300 -43.57 -16.43 14.43
CA ALA D 300 -44.49 -15.29 14.54
C ALA D 300 -45.89 -15.68 14.12
N PHE D 301 -46.00 -16.36 12.98
CA PHE D 301 -47.31 -16.79 12.49
C PHE D 301 -47.98 -17.73 13.48
N VAL D 302 -47.21 -18.68 14.03
CA VAL D 302 -47.75 -19.62 15.00
C VAL D 302 -48.30 -18.88 16.21
N ASN D 303 -47.50 -17.97 16.76
CA ASN D 303 -47.88 -17.29 17.98
C ASN D 303 -49.09 -16.38 17.76
N TYR D 304 -49.10 -15.65 16.65
CA TYR D 304 -50.25 -14.81 16.35
C TYR D 304 -51.51 -15.64 16.15
N ILE D 305 -51.39 -16.78 15.46
CA ILE D 305 -52.56 -17.58 15.17
C ILE D 305 -53.14 -18.16 16.46
N PHE D 306 -52.29 -18.61 17.37
CA PHE D 306 -52.83 -19.15 18.62
C PHE D 306 -53.40 -18.03 19.49
N PHE D 307 -52.68 -16.93 19.66
CA PHE D 307 -53.11 -15.88 20.57
C PHE D 307 -54.13 -14.93 19.97
N SER D 308 -54.59 -15.19 18.74
CA SER D 308 -55.63 -14.37 18.13
C SER D 308 -56.91 -14.42 18.95
N ARG D 422 -54.05 -24.12 13.35
CA ARG D 422 -53.61 -24.65 14.64
C ARG D 422 -52.09 -24.46 14.79
N ALA D 423 -51.68 -24.08 15.99
CA ALA D 423 -50.25 -23.86 16.25
C ALA D 423 -49.46 -25.14 16.09
N ALA D 424 -49.96 -26.25 16.63
CA ALA D 424 -49.26 -27.53 16.49
C ALA D 424 -49.21 -27.96 15.03
N ALA D 425 -50.29 -27.73 14.29
CA ALA D 425 -50.32 -28.10 12.88
C ALA D 425 -49.25 -27.35 12.09
N ILE D 426 -49.16 -26.03 12.31
CA ILE D 426 -48.18 -25.24 11.59
C ILE D 426 -46.76 -25.63 12.01
N ASP D 427 -46.58 -25.93 13.30
CA ASP D 427 -45.26 -26.33 13.77
C ASP D 427 -44.83 -27.65 13.13
N ARG D 428 -45.74 -28.62 13.05
CA ARG D 428 -45.39 -29.90 12.41
C ARG D 428 -45.15 -29.71 10.91
N TRP D 429 -45.96 -28.86 10.27
CA TRP D 429 -45.76 -28.58 8.86
C TRP D 429 -44.39 -27.95 8.62
N SER D 430 -43.99 -27.03 9.50
CA SER D 430 -42.67 -26.42 9.39
C SER D 430 -41.57 -27.46 9.61
N ARG D 431 -41.75 -28.34 10.60
CA ARG D 431 -40.79 -29.39 10.85
C ARG D 431 -40.58 -30.26 9.63
N ILE D 432 -41.68 -30.59 8.93
CA ILE D 432 -41.56 -31.41 7.73
C ILE D 432 -40.93 -30.62 6.59
N VAL D 433 -41.31 -29.35 6.43
CA VAL D 433 -41.05 -28.61 5.20
C VAL D 433 -39.66 -27.99 5.21
N PHE D 434 -39.29 -27.29 6.28
CA PHE D 434 -38.05 -26.52 6.28
C PHE D 434 -36.81 -27.36 6.02
N PRO D 435 -36.62 -28.52 6.67
CA PRO D 435 -35.50 -29.38 6.26
C PRO D 435 -35.56 -29.80 4.80
N PHE D 436 -36.75 -30.14 4.31
CA PHE D 436 -36.87 -30.54 2.91
C PHE D 436 -36.57 -29.37 1.97
N THR D 437 -37.12 -28.20 2.26
CA THR D 437 -36.87 -27.03 1.42
C THR D 437 -35.41 -26.64 1.42
N PHE D 438 -34.76 -26.68 2.59
CA PHE D 438 -33.35 -26.34 2.65
C PHE D 438 -32.49 -27.37 1.93
N SER D 439 -32.83 -28.65 2.05
CA SER D 439 -32.09 -29.67 1.32
C SER D 439 -32.24 -29.47 -0.18
N LEU D 440 -33.45 -29.14 -0.63
CA LEU D 440 -33.67 -28.88 -2.05
C LEU D 440 -32.87 -27.68 -2.51
N PHE D 441 -32.86 -26.60 -1.72
CA PHE D 441 -32.09 -25.41 -2.09
C PHE D 441 -30.61 -25.72 -2.13
N ASN D 442 -30.11 -26.48 -1.16
CA ASN D 442 -28.69 -26.82 -1.13
C ASN D 442 -28.32 -27.68 -2.34
N LEU D 443 -29.16 -28.64 -2.70
CA LEU D 443 -28.90 -29.45 -3.87
C LEU D 443 -28.89 -28.61 -5.14
N VAL D 444 -29.85 -27.69 -5.27
CA VAL D 444 -29.91 -26.83 -6.45
C VAL D 444 -28.66 -25.96 -6.53
N TYR D 445 -28.26 -25.38 -5.40
CA TYR D 445 -27.07 -24.53 -5.39
C TYR D 445 -25.82 -25.32 -5.75
N TRP D 446 -25.66 -26.52 -5.19
CA TRP D 446 -24.47 -27.30 -5.45
C TRP D 446 -24.40 -27.76 -6.90
N LEU D 447 -25.52 -28.21 -7.45
CA LEU D 447 -25.51 -28.63 -8.86
C LEU D 447 -25.31 -27.43 -9.79
N TYR D 448 -25.89 -26.29 -9.45
CA TYR D 448 -25.77 -25.11 -10.31
C TYR D 448 -24.33 -24.62 -10.40
N TYR D 449 -23.61 -24.62 -9.28
CA TYR D 449 -22.24 -24.12 -9.21
C TYR D 449 -21.21 -25.23 -9.32
N VAL D 450 -21.58 -26.36 -9.91
CA VAL D 450 -20.64 -27.46 -10.16
C VAL D 450 -20.96 -28.08 -11.51
N ASN E 8 35.96 40.72 -8.53
CA ASN E 8 35.84 39.93 -7.30
C ASN E 8 35.24 38.57 -7.60
N MET E 9 34.27 38.54 -8.51
CA MET E 9 33.67 37.27 -8.92
C MET E 9 34.70 36.36 -9.58
N SER E 10 35.52 36.92 -10.48
CA SER E 10 36.52 36.10 -11.17
C SER E 10 37.59 35.62 -10.19
N PHE E 11 37.91 36.42 -9.18
CA PHE E 11 38.90 36.01 -8.19
C PHE E 11 38.44 34.76 -7.44
N VAL E 12 37.18 34.75 -7.02
CA VAL E 12 36.64 33.57 -6.33
C VAL E 12 36.57 32.39 -7.30
N LYS E 13 36.23 32.66 -8.56
CA LYS E 13 36.12 31.58 -9.54
C LYS E 13 37.47 30.89 -9.74
N GLU E 14 38.52 31.68 -9.95
CA GLU E 14 39.84 31.07 -10.16
C GLU E 14 40.38 30.47 -8.87
N THR E 15 40.01 31.02 -7.71
CA THR E 15 40.40 30.39 -6.45
C THR E 15 39.78 29.00 -6.32
N VAL E 16 38.48 28.89 -6.63
CA VAL E 16 37.80 27.60 -6.56
C VAL E 16 38.40 26.63 -7.58
N ASP E 17 38.70 27.13 -8.78
CA ASP E 17 39.31 26.27 -9.79
C ASP E 17 40.67 25.77 -9.34
N LYS E 18 41.46 26.63 -8.71
CA LYS E 18 42.75 26.21 -8.18
C LYS E 18 42.58 25.16 -7.10
N LEU E 19 41.60 25.34 -6.21
CA LEU E 19 41.39 24.39 -5.14
C LEU E 19 40.99 23.02 -5.69
N LEU E 20 40.02 23.00 -6.60
CA LEU E 20 39.55 21.73 -7.15
C LEU E 20 40.52 21.13 -8.15
N LYS E 21 41.42 21.92 -8.72
CA LYS E 21 42.41 21.38 -9.65
C LYS E 21 43.41 20.51 -8.90
N GLY E 22 43.73 19.36 -9.49
CA GLY E 22 44.71 18.46 -8.90
C GLY E 22 44.33 17.95 -7.54
N TYR E 23 43.03 17.71 -7.31
CA TYR E 23 42.51 17.22 -6.04
C TYR E 23 42.13 15.75 -6.23
N ASP E 24 42.87 14.85 -5.58
CA ASP E 24 42.61 13.43 -5.66
C ASP E 24 41.58 13.05 -4.60
N ILE E 25 40.35 12.79 -5.05
CA ILE E 25 39.29 12.42 -4.11
C ILE E 25 39.59 11.09 -3.43
N ARG E 26 40.36 10.22 -4.10
CA ARG E 26 40.63 8.90 -3.54
C ARG E 26 41.45 8.98 -2.25
N LEU E 27 42.38 9.93 -2.17
CA LEU E 27 43.22 10.07 -0.99
C LEU E 27 42.51 10.92 0.06
N ARG E 28 42.42 10.39 1.27
CA ARG E 28 41.83 11.13 2.37
C ARG E 28 42.77 12.26 2.79
N PRO E 29 42.27 13.25 3.53
CA PRO E 29 43.16 14.29 4.06
C PRO E 29 44.20 13.69 4.99
N ASP E 30 45.45 14.14 4.83
CA ASP E 30 46.57 13.62 5.60
C ASP E 30 46.70 12.11 5.43
N PHE E 31 46.98 11.70 4.19
CA PHE E 31 47.02 10.28 3.87
C PHE E 31 48.08 9.55 4.68
N GLY E 32 49.28 10.13 4.78
CA GLY E 32 50.33 9.59 5.61
C GLY E 32 50.37 10.11 7.03
N GLY E 33 49.59 11.14 7.33
CA GLY E 33 49.64 11.78 8.63
C GLY E 33 48.69 11.13 9.62
N PRO E 34 48.44 11.79 10.75
CA PRO E 34 47.52 11.24 11.74
C PRO E 34 46.10 11.20 11.21
N PRO E 35 45.21 10.44 11.85
CA PRO E 35 43.86 10.28 11.30
C PRO E 35 43.08 11.58 11.29
N VAL E 36 42.20 11.70 10.30
CA VAL E 36 41.32 12.85 10.20
C VAL E 36 40.21 12.71 11.23
N CYS E 37 39.99 13.75 12.03
CA CYS E 37 38.96 13.76 13.06
C CYS E 37 37.70 14.37 12.48
N VAL E 38 36.68 13.53 12.25
CA VAL E 38 35.41 13.96 11.68
C VAL E 38 34.43 14.18 12.83
N GLY E 39 33.94 15.41 12.94
CA GLY E 39 33.00 15.77 13.99
C GLY E 39 31.57 15.73 13.48
N MET E 40 30.77 14.87 14.06
CA MET E 40 29.38 14.71 13.65
C MET E 40 28.50 15.72 14.35
N ASN E 41 27.29 15.90 13.81
CA ASN E 41 26.29 16.76 14.40
C ASN E 41 24.95 16.41 13.77
N ILE E 42 23.89 16.40 14.57
CA ILE E 42 22.57 15.98 14.12
C ILE E 42 21.54 16.99 14.60
N ASP E 43 20.54 17.26 13.76
CA ASP E 43 19.37 18.04 14.14
C ASP E 43 18.14 17.25 13.72
N ILE E 44 17.42 16.70 14.68
CA ILE E 44 16.30 15.81 14.38
C ILE E 44 15.09 16.67 14.03
N ALA E 45 14.63 16.56 12.78
CA ALA E 45 13.42 17.29 12.39
C ALA E 45 12.18 16.66 13.00
N SER E 46 12.08 15.33 12.95
CA SER E 46 10.91 14.64 13.49
C SER E 46 11.21 13.15 13.54
N ILE E 47 10.33 12.42 14.22
CA ILE E 47 10.33 10.96 14.26
C ILE E 47 8.98 10.54 13.71
N ASP E 48 8.91 10.25 12.42
CA ASP E 48 7.64 10.15 11.73
C ASP E 48 6.85 8.91 12.11
N MET E 49 7.50 7.86 12.61
CA MET E 49 6.82 6.58 12.77
C MET E 49 7.59 5.75 13.78
N VAL E 50 6.85 4.97 14.58
CA VAL E 50 7.42 3.96 15.46
C VAL E 50 6.51 2.74 15.42
N SER E 51 6.91 1.72 14.66
CA SER E 51 6.11 0.52 14.46
C SER E 51 6.67 -0.63 15.29
N GLU E 52 5.81 -1.22 16.13
CA GLU E 52 6.17 -2.44 16.83
C GLU E 52 6.06 -3.67 15.95
N VAL E 53 5.35 -3.58 14.83
CA VAL E 53 5.24 -4.72 13.92
C VAL E 53 6.60 -5.05 13.33
N ASN E 54 7.16 -4.11 12.58
CA ASN E 54 8.45 -4.31 11.93
C ASN E 54 9.63 -3.99 12.85
N MET E 55 9.38 -3.49 14.06
CA MET E 55 10.42 -3.19 15.05
C MET E 55 11.41 -2.18 14.48
N ASP E 56 10.87 -1.00 14.15
CA ASP E 56 11.65 0.04 13.51
C ASP E 56 10.99 1.39 13.78
N TYR E 57 11.69 2.45 13.40
CA TYR E 57 11.18 3.80 13.54
C TYR E 57 11.84 4.69 12.49
N THR E 58 11.05 5.60 11.92
CA THR E 58 11.55 6.53 10.92
C THR E 58 12.04 7.80 11.59
N LEU E 59 13.17 8.31 11.11
CA LEU E 59 13.84 9.45 11.71
C LEU E 59 14.32 10.36 10.58
N THR E 60 13.78 11.58 10.54
CA THR E 60 14.23 12.60 9.61
C THR E 60 15.18 13.54 10.34
N MET E 61 16.33 13.81 9.73
CA MET E 61 17.36 14.57 10.43
C MET E 61 18.24 15.31 9.43
N TYR E 62 18.84 16.39 9.92
CA TYR E 62 19.91 17.10 9.24
C TYR E 62 21.22 16.62 9.85
N PHE E 63 22.05 15.99 9.03
CA PHE E 63 23.26 15.30 9.47
C PHE E 63 24.47 16.04 8.91
N GLN E 64 25.17 16.78 9.77
CA GLN E 64 26.36 17.53 9.40
C GLN E 64 27.61 16.81 9.87
N GLN E 65 28.66 16.91 9.06
CA GLN E 65 29.97 16.38 9.38
C GLN E 65 31.01 17.45 9.08
N TYR E 66 31.88 17.72 10.05
CA TYR E 66 32.94 18.70 9.90
C TYR E 66 34.25 17.95 9.83
N TRP E 67 35.16 18.40 8.95
CA TRP E 67 36.51 17.86 9.00
C TRP E 67 37.47 18.84 8.36
N ARG E 68 38.70 18.86 8.86
CA ARG E 68 39.71 19.80 8.40
C ARG E 68 40.50 19.18 7.25
N ASP E 69 40.38 19.79 6.07
CA ASP E 69 41.12 19.39 4.88
C ASP E 69 42.07 20.52 4.51
N LYS E 70 43.37 20.30 4.69
CA LYS E 70 44.34 21.35 4.38
C LYS E 70 44.41 21.63 2.88
N ARG E 71 44.05 20.65 2.05
CA ARG E 71 44.12 20.84 0.61
C ARG E 71 43.14 21.90 0.14
N LEU E 72 42.00 22.05 0.81
CA LEU E 72 40.95 22.97 0.41
C LEU E 72 41.02 24.32 1.11
N ALA E 73 42.08 24.57 1.88
CA ALA E 73 42.22 25.87 2.53
C ALA E 73 42.52 26.94 1.49
N TYR E 74 42.01 28.14 1.74
CA TYR E 74 42.24 29.29 0.88
C TYR E 74 42.48 30.52 1.73
N SER E 75 42.95 31.59 1.08
CA SER E 75 43.27 32.84 1.75
C SER E 75 42.82 34.01 0.87
N GLY E 76 42.64 35.16 1.50
CA GLY E 76 42.25 36.37 0.81
C GLY E 76 40.77 36.50 0.54
N ILE E 77 39.95 35.56 1.00
CA ILE E 77 38.50 35.59 0.81
C ILE E 77 37.86 35.41 2.18
N PRO E 78 37.69 36.47 2.98
CA PRO E 78 37.14 36.28 4.33
C PRO E 78 35.64 35.98 4.30
N LEU E 79 35.29 34.81 3.79
CA LEU E 79 33.91 34.36 3.72
C LEU E 79 33.89 32.85 3.76
N ASN E 80 32.77 32.30 4.25
CA ASN E 80 32.56 30.86 4.31
C ASN E 80 31.92 30.47 2.99
N LEU E 81 32.75 30.07 2.03
CA LEU E 81 32.27 29.79 0.68
C LEU E 81 31.32 28.60 0.67
N THR E 82 30.04 28.86 0.39
CA THR E 82 29.03 27.82 0.25
C THR E 82 28.90 27.50 -1.23
N LEU E 83 29.34 26.30 -1.62
CA LEU E 83 29.33 25.87 -3.00
C LEU E 83 28.08 25.05 -3.29
N ASP E 84 27.84 24.84 -4.59
CA ASP E 84 26.69 24.05 -5.02
C ASP E 84 26.83 22.61 -4.54
N ASN E 85 25.69 21.93 -4.43
CA ASN E 85 25.69 20.56 -3.94
C ASN E 85 26.52 19.63 -4.81
N ARG E 86 26.54 19.88 -6.13
CA ARG E 86 27.27 19.02 -7.05
C ARG E 86 28.76 18.97 -6.72
N VAL E 87 29.30 20.02 -6.10
CA VAL E 87 30.71 20.04 -5.72
C VAL E 87 31.05 18.91 -4.77
N ALA E 88 30.06 18.40 -4.01
CA ALA E 88 30.31 17.27 -3.14
C ALA E 88 30.80 16.05 -3.91
N ASP E 89 30.40 15.92 -5.17
CA ASP E 89 30.89 14.81 -5.99
C ASP E 89 32.38 14.92 -6.30
N GLN E 90 32.97 16.12 -6.18
CA GLN E 90 34.36 16.36 -6.52
C GLN E 90 35.26 16.44 -5.31
N LEU E 91 34.77 16.08 -4.12
CA LEU E 91 35.53 16.18 -2.88
C LEU E 91 35.45 14.86 -2.11
N TRP E 92 36.50 14.58 -1.36
CA TRP E 92 36.49 13.42 -0.47
C TRP E 92 35.52 13.67 0.67
N VAL E 93 34.76 12.64 1.03
CA VAL E 93 33.85 12.70 2.17
C VAL E 93 34.04 11.42 2.98
N PRO E 94 33.71 11.44 4.27
CA PRO E 94 33.81 10.22 5.07
C PRO E 94 32.86 9.14 4.56
N ASP E 95 33.28 7.90 4.73
CA ASP E 95 32.47 6.74 4.34
C ASP E 95 31.52 6.33 5.45
N THR E 96 30.75 7.28 5.94
CA THR E 96 29.87 7.06 7.09
C THR E 96 28.60 6.34 6.67
N TYR E 97 28.14 5.43 7.52
CA TYR E 97 26.87 4.75 7.32
C TYR E 97 26.24 4.49 8.68
N PHE E 98 24.99 4.02 8.65
CA PHE E 98 24.24 3.72 9.86
C PHE E 98 24.07 2.21 9.94
N LEU E 99 24.51 1.64 11.07
CA LEU E 99 24.62 0.18 11.16
C LEU E 99 23.27 -0.51 11.32
N ASN E 100 22.23 0.21 11.74
CA ASN E 100 20.94 -0.38 12.10
C ASN E 100 19.81 0.27 11.32
N ASP E 101 20.00 0.40 10.01
CA ASP E 101 18.99 0.94 9.11
C ASP E 101 18.27 -0.18 8.37
N LYS E 102 17.14 0.16 7.78
CA LYS E 102 16.39 -0.72 6.89
C LYS E 102 16.21 -0.11 5.51
N LYS E 103 15.95 1.20 5.44
CA LYS E 103 15.80 1.90 4.17
C LYS E 103 15.98 3.38 4.45
N SER E 104 16.81 4.03 3.63
CA SER E 104 17.13 5.44 3.84
C SER E 104 17.39 6.11 2.50
N PHE E 105 17.26 7.43 2.50
CA PHE E 105 17.44 8.20 1.29
C PHE E 105 17.68 9.65 1.67
N VAL E 106 18.19 10.41 0.71
CA VAL E 106 18.41 11.85 0.84
C VAL E 106 17.35 12.55 -0.01
N HIS E 107 16.69 13.54 0.58
CA HIS E 107 15.55 14.16 -0.07
C HIS E 107 15.97 14.88 -1.35
N GLY E 108 15.06 14.90 -2.33
CA GLY E 108 15.36 15.41 -3.65
C GLY E 108 14.33 16.40 -4.17
N VAL E 109 13.82 17.26 -3.29
CA VAL E 109 12.81 18.25 -3.68
C VAL E 109 13.53 19.45 -4.26
N THR E 110 13.56 19.50 -5.60
CA THR E 110 14.17 20.56 -6.42
C THR E 110 15.70 20.54 -6.46
N VAL E 111 16.33 19.78 -5.56
CA VAL E 111 17.78 19.62 -5.45
C VAL E 111 17.98 18.44 -4.52
N LYS E 112 18.99 17.62 -4.76
CA LYS E 112 19.22 16.49 -3.87
C LYS E 112 20.00 17.05 -2.68
N ASN E 113 19.39 16.97 -1.49
CA ASN E 113 19.69 17.88 -0.41
C ASN E 113 21.07 17.66 0.17
N ARG E 114 22.04 18.47 -0.27
CA ARG E 114 23.37 18.54 0.30
C ARG E 114 23.73 19.98 0.55
N MET E 115 24.70 20.18 1.44
CA MET E 115 25.37 21.47 1.54
C MET E 115 26.86 21.22 1.77
N ILE E 116 27.68 21.88 0.97
CA ILE E 116 29.13 21.93 1.15
C ILE E 116 29.50 23.35 1.49
N ARG E 117 30.24 23.53 2.57
CA ARG E 117 30.72 24.85 2.98
C ARG E 117 32.18 24.77 3.34
N LEU E 118 33.02 25.51 2.60
CA LEU E 118 34.46 25.52 2.83
C LEU E 118 34.81 26.77 3.62
N HIS E 119 35.37 26.59 4.77
CA HIS E 119 35.83 27.69 5.60
C HIS E 119 37.28 28.04 5.24
N PRO E 120 37.72 29.29 5.45
CA PRO E 120 39.05 29.68 4.98
C PRO E 120 40.20 28.94 5.66
N ASP E 121 39.97 28.35 6.82
CA ASP E 121 41.02 27.61 7.54
C ASP E 121 41.12 26.16 7.09
N GLY E 122 40.48 25.79 5.98
CA GLY E 122 40.49 24.43 5.49
C GLY E 122 39.38 23.55 6.00
N THR E 123 38.62 23.99 7.00
CA THR E 123 37.51 23.21 7.52
C THR E 123 36.44 23.07 6.45
N VAL E 124 35.82 21.89 6.39
CA VAL E 124 34.80 21.56 5.41
C VAL E 124 33.57 21.06 6.17
N LEU E 125 32.43 21.64 5.86
CA LEU E 125 31.13 21.21 6.37
C LEU E 125 30.41 20.47 5.25
N TYR E 126 29.92 19.26 5.56
CA TYR E 126 29.16 18.45 4.63
C TYR E 126 27.87 18.06 5.33
N GLY E 127 26.75 18.61 4.86
CA GLY E 127 25.45 18.40 5.49
C GLY E 127 24.50 17.69 4.56
N LEU E 128 23.74 16.74 5.12
CA LEU E 128 22.72 15.98 4.40
C LEU E 128 21.40 16.12 5.12
N ARG E 129 20.32 15.79 4.42
CA ARG E 129 19.00 15.65 5.01
C ARG E 129 18.53 14.22 4.74
N ILE E 130 18.46 13.40 5.79
CA ILE E 130 18.32 11.96 5.68
C ILE E 130 17.05 11.54 6.40
N THR E 131 16.30 10.63 5.77
CA THR E 131 15.13 10.00 6.37
C THR E 131 15.44 8.51 6.49
N THR E 132 15.91 8.10 7.66
CA THR E 132 16.34 6.73 7.90
C THR E 132 15.28 5.94 8.65
N THR E 133 15.00 4.73 8.16
CA THR E 133 14.12 3.80 8.85
C THR E 133 14.99 2.88 9.71
N ALA E 134 15.36 3.39 10.88
CA ALA E 134 16.26 2.67 11.76
C ALA E 134 15.52 1.52 12.44
N ALA E 135 16.29 0.52 12.86
CA ALA E 135 15.77 -0.68 13.50
C ALA E 135 16.26 -0.73 14.94
N CYS E 136 15.34 -1.03 15.86
CA CYS E 136 15.68 -1.17 17.27
C CYS E 136 14.92 -2.35 17.85
N MET E 137 15.61 -3.13 18.68
CA MET E 137 14.97 -4.22 19.40
C MET E 137 13.87 -3.68 20.31
N MET E 138 12.69 -4.28 20.24
CA MET E 138 11.54 -3.91 21.06
C MET E 138 11.25 -5.05 22.02
N ASP E 139 11.18 -4.72 23.31
CA ASP E 139 10.88 -5.69 24.37
C ASP E 139 9.48 -5.35 24.89
N LEU E 140 8.51 -6.18 24.52
CA LEU E 140 7.09 -5.89 24.74
C LEU E 140 6.46 -6.83 25.77
N ARG E 141 7.24 -7.30 26.74
CA ARG E 141 6.65 -8.06 27.83
C ARG E 141 5.69 -7.20 28.64
N ARG E 142 6.07 -5.95 28.91
CA ARG E 142 5.29 -5.04 29.72
C ARG E 142 4.36 -4.15 28.88
N TYR E 143 4.15 -4.49 27.61
CA TYR E 143 3.25 -3.71 26.79
C TYR E 143 1.84 -3.77 27.36
N PRO E 144 1.11 -2.64 27.43
CA PRO E 144 1.37 -1.27 26.97
C PRO E 144 2.12 -0.40 27.98
N LEU E 145 2.61 -0.99 29.06
CA LEU E 145 3.44 -0.29 30.04
C LEU E 145 4.93 -0.40 29.73
N ASP E 146 5.27 -0.73 28.48
CA ASP E 146 6.67 -0.96 28.13
C ASP E 146 7.46 0.34 28.23
N GLU E 147 8.78 0.22 28.05
CA GLU E 147 9.69 1.34 28.24
C GLU E 147 10.87 1.10 27.31
N GLN E 148 10.85 1.76 26.17
CA GLN E 148 11.68 1.37 25.03
C GLN E 148 13.00 2.14 24.99
N ASN E 149 13.95 1.61 24.22
CA ASN E 149 15.28 2.17 24.08
C ASN E 149 15.73 1.94 22.65
N CYS E 150 15.55 2.94 21.80
CA CYS E 150 15.84 2.81 20.37
C CYS E 150 17.03 3.69 20.00
N THR E 151 17.97 3.12 19.26
CA THR E 151 19.28 3.72 19.03
C THR E 151 19.59 3.84 17.55
N LEU E 152 20.26 4.94 17.19
CA LEU E 152 20.86 5.11 15.88
C LEU E 152 22.37 4.94 16.02
N GLU E 153 22.96 4.18 15.11
CA GLU E 153 24.31 3.65 15.26
C GLU E 153 25.15 4.07 14.06
N ILE E 154 25.93 5.13 14.23
CA ILE E 154 26.74 5.70 13.16
C ILE E 154 28.12 5.04 13.19
N GLU E 155 28.64 4.69 12.01
CA GLU E 155 29.89 3.96 11.94
C GLU E 155 30.60 4.28 10.62
N SER E 156 31.91 4.09 10.62
CA SER E 156 32.71 4.20 9.40
C SER E 156 32.84 2.83 8.75
N TYR E 157 32.75 2.79 7.43
CA TYR E 157 32.71 1.51 6.74
C TYR E 157 34.08 0.84 6.70
N GLY E 158 35.05 1.48 6.03
CA GLY E 158 36.35 0.86 5.81
C GLY E 158 37.42 1.31 6.78
N TYR E 159 37.45 2.61 7.06
CA TYR E 159 38.55 3.17 7.84
C TYR E 159 38.48 2.74 9.30
N THR E 160 39.65 2.44 9.87
CA THR E 160 39.80 2.17 11.29
C THR E 160 40.16 3.46 12.00
N THR E 161 40.57 3.37 13.28
CA THR E 161 40.96 4.55 14.02
C THR E 161 42.28 5.14 13.53
N ASP E 162 43.10 4.36 12.83
CA ASP E 162 44.36 4.87 12.31
C ASP E 162 44.20 5.82 11.13
N ASP E 163 43.01 5.88 10.53
CA ASP E 163 42.72 6.73 9.39
C ASP E 163 41.67 7.78 9.67
N ILE E 164 40.62 7.44 10.43
CA ILE E 164 39.50 8.32 10.69
C ILE E 164 39.19 8.29 12.18
N GLU E 165 38.52 9.33 12.65
CA GLU E 165 38.13 9.43 14.05
C GLU E 165 36.82 10.19 14.16
N PHE E 166 35.89 9.63 14.93
CA PHE E 166 34.57 10.20 15.12
C PHE E 166 34.47 10.82 16.51
N TYR E 167 33.65 11.85 16.63
CA TYR E 167 33.39 12.48 17.92
C TYR E 167 32.21 13.42 17.78
N TRP E 168 31.37 13.46 18.80
CA TRP E 168 30.28 14.43 18.83
C TRP E 168 30.84 15.83 19.06
N ARG E 169 30.11 16.82 18.55
CA ARG E 169 30.53 18.21 18.60
C ARG E 169 29.76 18.95 19.68
N GLY E 170 30.48 19.53 20.62
CA GLY E 170 29.84 20.17 21.76
C GLY E 170 29.30 19.21 22.78
N GLY E 171 29.66 17.94 22.71
CA GLY E 171 29.14 16.96 23.65
C GLY E 171 27.64 16.81 23.55
N ASP E 172 26.95 17.01 24.68
CA ASP E 172 25.50 16.88 24.71
C ASP E 172 24.79 17.86 23.77
N LYS E 173 25.44 18.97 23.42
CA LYS E 173 24.86 19.93 22.49
C LYS E 173 24.91 19.46 21.05
N ALA E 174 25.53 18.32 20.76
CA ALA E 174 25.68 17.87 19.38
C ALA E 174 24.32 17.61 18.73
N VAL E 175 23.40 16.98 19.46
CA VAL E 175 22.09 16.61 18.94
C VAL E 175 21.05 17.57 19.50
N THR E 176 20.19 18.08 18.64
CA THR E 176 19.12 19.00 19.01
C THR E 176 17.84 18.59 18.32
N GLY E 177 16.75 19.25 18.69
CA GLY E 177 15.45 18.96 18.13
C GLY E 177 14.67 17.88 18.84
N VAL E 178 15.25 17.24 19.86
CA VAL E 178 14.53 16.19 20.58
C VAL E 178 13.33 16.77 21.32
N GLU E 179 13.48 17.98 21.88
CA GLU E 179 12.41 18.56 22.67
C GLU E 179 11.21 18.92 21.83
N ARG E 180 11.42 19.34 20.57
CA ARG E 180 10.34 19.74 19.69
C ARG E 180 9.67 18.56 18.99
N ILE E 181 9.97 17.32 19.39
CA ILE E 181 9.30 16.14 18.86
C ILE E 181 8.11 15.82 19.75
N GLU E 182 6.97 15.52 19.14
CA GLU E 182 5.75 15.12 19.84
C GLU E 182 5.19 13.89 19.14
N LEU E 183 5.61 12.72 19.59
CA LEU E 183 5.07 11.49 19.04
C LEU E 183 3.62 11.30 19.49
N PRO E 184 2.79 10.61 18.71
CA PRO E 184 1.39 10.45 19.11
C PRO E 184 1.23 9.41 20.20
N GLN E 185 2.04 8.36 20.14
CA GLN E 185 1.93 7.22 21.05
C GLN E 185 2.99 7.23 22.15
N PHE E 186 4.12 7.89 21.93
CA PHE E 186 5.27 7.83 22.84
C PHE E 186 5.60 9.23 23.35
N SER E 187 6.43 9.26 24.38
CA SER E 187 6.97 10.51 24.91
C SER E 187 8.45 10.29 25.17
N ILE E 188 9.31 11.11 24.56
CA ILE E 188 10.75 10.91 24.66
C ILE E 188 11.16 11.24 26.09
N VAL E 189 11.46 10.21 26.88
CA VAL E 189 11.90 10.45 28.25
C VAL E 189 13.28 11.09 28.25
N GLU E 190 14.22 10.54 27.49
CA GLU E 190 15.60 11.00 27.61
C GLU E 190 16.35 10.60 26.34
N HIS E 191 17.45 11.32 26.07
CA HIS E 191 18.29 11.02 24.92
C HIS E 191 19.76 11.10 25.34
N ARG E 192 20.57 10.19 24.82
CA ARG E 192 21.96 10.06 25.20
C ARG E 192 22.84 9.90 23.98
N LEU E 193 24.04 10.47 24.06
CA LEU E 193 25.05 10.40 23.01
C LEU E 193 26.27 9.67 23.56
N VAL E 194 26.79 8.71 22.79
CA VAL E 194 27.92 7.90 23.20
C VAL E 194 28.91 7.82 22.04
N SER E 195 30.21 7.89 22.37
CA SER E 195 31.29 7.76 21.39
C SER E 195 32.18 6.61 21.83
N ARG E 196 32.14 5.51 21.09
CA ARG E 196 32.92 4.31 21.38
C ARG E 196 33.81 4.00 20.19
N ASN E 197 35.12 3.93 20.43
CA ASN E 197 36.07 3.47 19.42
C ASN E 197 36.33 1.99 19.70
N VAL E 198 35.44 1.15 19.18
CA VAL E 198 35.39 -0.26 19.58
C VAL E 198 36.67 -0.94 19.11
N VAL E 199 37.34 -1.63 20.03
CA VAL E 199 38.66 -2.17 19.79
C VAL E 199 38.55 -3.62 19.37
N PHE E 200 39.27 -3.99 18.31
CA PHE E 200 39.35 -5.35 17.81
C PHE E 200 40.81 -5.71 17.62
N ALA E 201 41.07 -6.97 17.29
CA ALA E 201 42.44 -7.42 17.09
C ALA E 201 43.09 -6.69 15.92
N THR E 202 42.36 -6.54 14.81
CA THR E 202 42.89 -5.82 13.66
C THR E 202 43.14 -4.35 13.99
N GLY E 203 42.23 -3.74 14.72
CA GLY E 203 42.38 -2.34 15.09
C GLY E 203 41.09 -1.82 15.71
N ALA E 204 41.13 -0.55 16.06
CA ALA E 204 39.97 0.12 16.66
C ALA E 204 39.17 0.81 15.58
N TYR E 205 37.85 0.60 15.60
CA TYR E 205 36.92 1.11 14.62
C TYR E 205 35.98 2.11 15.31
N PRO E 206 35.80 3.32 14.77
CA PRO E 206 34.96 4.30 15.48
C PRO E 206 33.49 3.92 15.44
N ARG E 207 32.75 4.49 16.37
CA ARG E 207 31.33 4.21 16.50
C ARG E 207 30.71 5.33 17.32
N LEU E 208 29.53 5.78 16.92
CA LEU E 208 28.76 6.75 17.68
C LEU E 208 27.34 6.22 17.81
N SER E 209 26.71 6.54 18.94
CA SER E 209 25.37 6.06 19.24
C SER E 209 24.53 7.22 19.76
N LEU E 210 23.34 7.36 19.18
CA LEU E 210 22.34 8.33 19.62
C LEU E 210 21.12 7.53 20.03
N SER E 211 20.89 7.43 21.34
CA SER E 211 19.89 6.51 21.89
C SER E 211 18.79 7.31 22.58
N PHE E 212 17.55 7.07 22.16
CA PHE E 212 16.37 7.65 22.78
C PHE E 212 15.73 6.60 23.68
N ARG E 213 15.59 6.94 24.95
CA ARG E 213 14.78 6.17 25.89
C ARG E 213 13.39 6.78 25.92
N LEU E 214 12.39 5.98 25.54
CA LEU E 214 11.01 6.40 25.37
C LEU E 214 10.15 5.68 26.39
N LYS E 215 9.07 6.35 26.81
CA LYS E 215 8.05 5.76 27.67
C LYS E 215 6.71 5.91 26.99
N ARG E 216 6.03 4.80 26.76
CA ARG E 216 4.72 4.83 26.12
C ARG E 216 3.71 5.45 27.06
N ASN E 217 3.06 6.52 26.63
CA ASN E 217 2.04 7.14 27.44
C ASN E 217 0.83 6.22 27.54
N ILE E 218 0.31 6.08 28.76
CA ILE E 218 -0.85 5.25 29.02
C ILE E 218 -2.02 6.16 29.37
N GLY E 219 -2.72 6.64 28.35
CA GLY E 219 -3.99 7.33 28.52
C GLY E 219 -5.00 7.06 27.42
N TYR E 220 -4.61 6.26 26.42
CA TYR E 220 -5.45 5.95 25.27
C TYR E 220 -5.73 4.45 25.19
N PHE E 221 -4.70 3.63 25.37
CA PHE E 221 -4.93 2.20 25.53
C PHE E 221 -5.68 1.91 26.82
N ILE E 222 -5.48 2.74 27.86
CA ILE E 222 -5.97 2.40 29.19
C ILE E 222 -7.49 2.27 29.19
N LEU E 223 -8.18 3.19 28.52
CA LEU E 223 -9.64 3.22 28.51
C LEU E 223 -10.21 1.91 28.00
N GLN E 224 -9.99 1.60 26.72
CA GLN E 224 -10.66 0.46 26.13
C GLN E 224 -10.04 -0.85 26.56
N THR E 225 -8.76 -0.84 26.95
CA THR E 225 -8.15 -2.06 27.46
C THR E 225 -8.71 -2.45 28.82
N TYR E 226 -8.96 -1.49 29.71
CA TYR E 226 -9.27 -1.82 31.10
C TYR E 226 -10.71 -1.52 31.50
N MET E 227 -11.22 -0.32 31.20
CA MET E 227 -12.52 0.06 31.75
C MET E 227 -13.66 -0.82 31.23
N PRO E 228 -13.77 -1.14 29.93
CA PRO E 228 -14.80 -2.11 29.55
C PRO E 228 -14.64 -3.46 30.21
N SER E 229 -13.42 -4.00 30.26
CA SER E 229 -13.21 -5.30 30.88
C SER E 229 -13.54 -5.26 32.37
N ILE E 230 -13.07 -4.22 33.05
CA ILE E 230 -13.32 -4.10 34.49
C ILE E 230 -14.81 -3.99 34.76
N LEU E 231 -15.49 -3.10 34.03
CA LEU E 231 -16.90 -2.85 34.31
C LEU E 231 -17.76 -4.05 33.91
N ILE E 232 -17.35 -4.79 32.88
CA ILE E 232 -18.02 -6.05 32.55
C ILE E 232 -17.85 -7.03 33.71
N THR E 233 -16.67 -7.05 34.34
CA THR E 233 -16.49 -7.90 35.51
C THR E 233 -17.41 -7.48 36.64
N ILE E 234 -17.61 -6.17 36.82
CA ILE E 234 -18.56 -5.72 37.85
C ILE E 234 -19.96 -6.22 37.55
N LEU E 235 -20.37 -6.18 36.28
CA LEU E 235 -21.68 -6.72 35.93
C LEU E 235 -21.77 -8.22 36.25
N SER E 236 -20.71 -8.95 35.94
CA SER E 236 -20.67 -10.36 36.29
C SER E 236 -20.84 -10.56 37.79
N TRP E 237 -20.28 -9.65 38.60
CA TRP E 237 -20.54 -9.71 40.03
C TRP E 237 -22.00 -9.42 40.35
N VAL E 238 -22.60 -8.47 39.62
CA VAL E 238 -24.01 -8.14 39.82
C VAL E 238 -24.90 -9.35 39.57
N SER E 239 -24.43 -10.32 38.79
CA SER E 239 -25.17 -11.58 38.69
C SER E 239 -25.38 -12.24 40.04
N PHE E 240 -24.48 -12.04 40.99
CA PHE E 240 -24.63 -12.67 42.30
C PHE E 240 -25.75 -12.04 43.12
N TRP E 241 -26.05 -10.76 42.87
CA TRP E 241 -26.99 -10.01 43.68
C TRP E 241 -28.44 -10.15 43.24
N ILE E 242 -28.71 -10.85 42.14
CA ILE E 242 -30.07 -10.91 41.61
C ILE E 242 -30.92 -11.85 42.46
N ASN E 243 -30.58 -13.13 42.45
CA ASN E 243 -31.34 -14.16 43.16
C ASN E 243 -30.54 -15.45 43.10
N TYR E 244 -31.17 -16.55 43.53
CA TYR E 244 -30.65 -17.89 43.30
C TYR E 244 -31.66 -18.80 42.62
N ASP E 245 -32.84 -18.29 42.24
CA ASP E 245 -33.85 -19.06 41.52
C ASP E 245 -34.28 -18.41 40.22
N ALA E 246 -34.07 -17.11 40.04
CA ALA E 246 -34.33 -16.45 38.77
C ALA E 246 -33.25 -16.89 37.79
N SER E 247 -33.57 -17.86 36.93
CA SER E 247 -32.56 -18.54 36.15
C SER E 247 -32.24 -17.82 34.84
N ALA E 248 -33.27 -17.40 34.11
CA ALA E 248 -33.05 -16.77 32.81
C ALA E 248 -32.23 -15.49 32.94
N ALA E 249 -32.55 -14.67 33.94
CA ALA E 249 -31.83 -13.41 34.13
C ALA E 249 -30.35 -13.65 34.40
N ARG E 250 -30.05 -14.53 35.36
CA ARG E 250 -28.66 -14.76 35.73
C ARG E 250 -27.88 -15.40 34.59
N VAL E 251 -28.48 -16.38 33.90
CA VAL E 251 -27.77 -17.05 32.81
C VAL E 251 -27.51 -16.06 31.69
N ALA E 252 -28.51 -15.24 31.33
CA ALA E 252 -28.31 -14.27 30.27
C ALA E 252 -27.25 -13.26 30.65
N LEU E 253 -27.26 -12.78 31.90
CA LEU E 253 -26.25 -11.84 32.36
C LEU E 253 -24.85 -12.42 32.24
N GLY E 254 -24.64 -13.61 32.79
CA GLY E 254 -23.31 -14.20 32.75
C GLY E 254 -22.84 -14.49 31.34
N ILE E 255 -23.71 -15.11 30.53
CA ILE E 255 -23.28 -15.54 29.20
C ILE E 255 -23.09 -14.34 28.28
N THR E 256 -23.90 -13.28 28.44
CA THR E 256 -23.70 -12.09 27.63
C THR E 256 -22.45 -11.34 28.06
N THR E 257 -22.11 -11.35 29.34
CA THR E 257 -20.83 -10.77 29.76
C THR E 257 -19.67 -11.54 29.13
N VAL E 258 -19.77 -12.86 29.09
CA VAL E 258 -18.72 -13.67 28.46
C VAL E 258 -18.62 -13.33 26.98
N LEU E 259 -19.77 -13.19 26.31
CA LEU E 259 -19.76 -12.83 24.89
C LEU E 259 -19.14 -11.46 24.68
N THR E 260 -19.43 -10.51 25.56
CA THR E 260 -18.85 -9.17 25.44
C THR E 260 -17.34 -9.21 25.61
N MET E 261 -16.85 -9.99 26.57
CA MET E 261 -15.41 -10.11 26.75
C MET E 261 -14.75 -10.73 25.52
N THR E 262 -15.36 -11.77 24.95
CA THR E 262 -14.79 -12.37 23.75
C THR E 262 -14.77 -11.39 22.59
N THR E 263 -15.85 -10.60 22.44
CA THR E 263 -15.89 -9.59 21.39
C THR E 263 -14.80 -8.56 21.59
N ILE E 264 -14.60 -8.14 22.84
CA ILE E 264 -13.55 -7.16 23.13
C ILE E 264 -12.19 -7.72 22.75
N ASN E 265 -11.94 -8.98 23.13
CA ASN E 265 -10.64 -9.59 22.83
C ASN E 265 -10.41 -9.70 21.33
N THR E 266 -11.43 -10.12 20.57
CA THR E 266 -11.26 -10.26 19.13
C THR E 266 -11.07 -8.91 18.46
N HIS E 267 -11.76 -7.88 18.95
CA HIS E 267 -11.61 -6.58 18.30
C HIS E 267 -10.27 -5.92 18.65
N LEU E 268 -9.73 -6.18 19.84
CA LEU E 268 -8.35 -5.76 20.09
C LEU E 268 -7.35 -6.58 19.29
N ARG E 269 -7.64 -7.85 18.98
CA ARG E 269 -6.80 -8.56 18.02
C ARG E 269 -6.80 -7.84 16.69
N GLU E 270 -7.98 -7.45 16.21
CA GLU E 270 -8.08 -6.75 14.94
C GLU E 270 -7.39 -5.39 15.01
N THR E 271 -7.36 -4.77 16.18
CA THR E 271 -6.86 -3.41 16.34
C THR E 271 -5.40 -3.36 16.78
N LEU E 272 -4.97 -4.25 17.67
CA LEU E 272 -3.62 -4.16 18.21
C LEU E 272 -2.59 -4.45 17.12
N PRO E 273 -1.33 -3.99 17.29
CA PRO E 273 -0.36 -4.01 16.19
C PRO E 273 0.38 -5.34 16.03
N LYS E 274 -0.34 -6.45 16.09
CA LYS E 274 0.07 -7.75 15.55
C LYS E 274 1.44 -8.19 16.07
N ILE E 275 1.49 -8.45 17.37
CA ILE E 275 2.71 -8.95 18.02
C ILE E 275 2.43 -10.35 18.53
N PRO E 276 2.73 -11.41 17.76
CA PRO E 276 2.47 -12.77 18.26
C PRO E 276 3.39 -13.15 19.41
N TYR E 277 3.07 -12.63 20.59
CA TYR E 277 3.89 -12.86 21.77
C TYR E 277 3.08 -12.42 22.99
N VAL E 278 3.28 -13.12 24.11
CA VAL E 278 2.51 -12.83 25.31
C VAL E 278 2.92 -11.46 25.86
N LYS E 279 1.92 -10.69 26.27
CA LYS E 279 2.13 -9.34 26.80
C LYS E 279 1.21 -9.14 28.01
N ALA E 280 1.41 -8.02 28.71
CA ALA E 280 0.63 -7.75 29.91
C ALA E 280 -0.85 -7.58 29.59
N ILE E 281 -1.17 -7.01 28.43
CA ILE E 281 -2.57 -6.82 28.06
C ILE E 281 -3.27 -8.16 27.91
N ASP E 282 -2.61 -9.14 27.32
CA ASP E 282 -3.22 -10.46 27.18
C ASP E 282 -3.47 -11.08 28.55
N MET E 283 -2.52 -10.91 29.48
CA MET E 283 -2.71 -11.44 30.82
C MET E 283 -3.90 -10.78 31.51
N TYR E 284 -4.04 -9.46 31.39
CA TYR E 284 -5.18 -8.80 32.02
C TYR E 284 -6.50 -9.23 31.40
N LEU E 285 -6.54 -9.31 30.07
CA LEU E 285 -7.79 -9.70 29.41
C LEU E 285 -8.17 -11.12 29.77
N MET E 286 -7.21 -12.04 29.82
CA MET E 286 -7.53 -13.39 30.25
C MET E 286 -7.92 -13.44 31.72
N GLY E 287 -7.35 -12.58 32.56
CA GLY E 287 -7.79 -12.55 33.95
C GLY E 287 -9.25 -12.16 34.06
N CYS E 288 -9.65 -11.11 33.35
CA CYS E 288 -11.04 -10.68 33.38
C CYS E 288 -11.96 -11.74 32.78
N PHE E 289 -11.53 -12.37 31.68
CA PHE E 289 -12.34 -13.41 31.07
C PHE E 289 -12.51 -14.60 32.01
N VAL E 290 -11.44 -14.99 32.69
CA VAL E 290 -11.54 -16.09 33.65
C VAL E 290 -12.45 -15.70 34.80
N PHE E 291 -12.44 -14.43 35.20
CA PHE E 291 -13.32 -14.01 36.29
C PHE E 291 -14.79 -14.13 35.91
N VAL E 292 -15.15 -13.65 34.71
CA VAL E 292 -16.55 -13.76 34.30
C VAL E 292 -16.94 -15.23 34.08
N PHE E 293 -16.01 -16.03 33.53
CA PHE E 293 -16.28 -17.45 33.37
C PHE E 293 -16.50 -18.12 34.72
N LEU E 294 -15.71 -17.77 35.72
CA LEU E 294 -15.88 -18.35 37.05
C LEU E 294 -17.18 -17.89 37.67
N ALA E 295 -17.62 -16.65 37.41
CA ALA E 295 -18.92 -16.21 37.93
C ALA E 295 -20.05 -17.04 37.32
N LEU E 296 -20.00 -17.29 36.02
CA LEU E 296 -21.03 -18.10 35.39
C LEU E 296 -21.02 -19.53 35.92
N LEU E 297 -19.82 -20.12 36.08
CA LEU E 297 -19.74 -21.44 36.67
C LEU E 297 -20.24 -21.45 38.11
N GLU E 298 -20.03 -20.36 38.84
CA GLU E 298 -20.54 -20.26 40.20
C GLU E 298 -22.06 -20.31 40.20
N TYR E 299 -22.69 -19.58 39.29
CA TYR E 299 -24.14 -19.67 39.21
C TYR E 299 -24.58 -21.10 38.87
N ALA E 300 -23.88 -21.74 37.93
CA ALA E 300 -24.26 -23.10 37.55
C ALA E 300 -24.17 -24.05 38.74
N PHE E 301 -23.11 -23.91 39.54
CA PHE E 301 -22.96 -24.72 40.74
C PHE E 301 -24.09 -24.46 41.73
N VAL E 302 -24.44 -23.18 41.91
CA VAL E 302 -25.53 -22.84 42.82
C VAL E 302 -26.84 -23.45 42.35
N ASN E 303 -27.11 -23.37 41.05
CA ASN E 303 -28.33 -23.94 40.49
C ASN E 303 -28.37 -25.45 40.67
N TYR E 304 -27.24 -26.11 40.43
CA TYR E 304 -27.19 -27.56 40.60
C TYR E 304 -27.46 -27.95 42.05
N ILE E 305 -26.87 -27.21 42.99
CA ILE E 305 -27.11 -27.53 44.41
C ILE E 305 -28.57 -27.28 44.78
N PHE E 306 -29.12 -26.15 44.35
CA PHE E 306 -30.47 -25.79 44.77
C PHE E 306 -31.50 -26.75 44.19
N PHE E 307 -31.41 -27.05 42.89
CA PHE E 307 -32.42 -27.87 42.24
C PHE E 307 -32.21 -29.37 42.48
N SER E 308 -31.12 -29.78 43.14
CA SER E 308 -30.92 -31.18 43.48
C SER E 308 -31.46 -31.48 44.88
N ARG E 422 -26.09 -24.19 51.70
CA ARG E 422 -27.28 -23.57 51.11
C ARG E 422 -26.90 -22.77 49.88
N ALA E 423 -27.86 -22.59 48.97
CA ALA E 423 -27.62 -21.78 47.78
C ALA E 423 -27.32 -20.34 48.14
N ALA E 424 -28.10 -19.76 49.06
CA ALA E 424 -27.88 -18.37 49.47
C ALA E 424 -26.53 -18.22 50.18
N ALA E 425 -26.12 -19.24 50.94
CA ALA E 425 -24.82 -19.17 51.60
C ALA E 425 -23.69 -19.08 50.58
N ILE E 426 -23.74 -19.91 49.53
CA ILE E 426 -22.71 -19.86 48.50
C ILE E 426 -22.79 -18.56 47.74
N ASP E 427 -24.00 -18.04 47.52
CA ASP E 427 -24.14 -16.76 46.83
C ASP E 427 -23.50 -15.63 47.63
N ARG E 428 -23.72 -15.61 48.95
CA ARG E 428 -23.08 -14.59 49.77
C ARG E 428 -21.56 -14.78 49.81
N TRP E 429 -21.11 -16.03 49.87
CA TRP E 429 -19.68 -16.30 49.83
C TRP E 429 -19.06 -15.73 48.57
N SER E 430 -19.72 -15.93 47.43
CA SER E 430 -19.27 -15.33 46.19
C SER E 430 -19.30 -13.82 46.26
N ARG E 431 -20.36 -13.26 46.87
CA ARG E 431 -20.49 -11.80 46.95
C ARG E 431 -19.29 -11.17 47.65
N ILE E 432 -18.89 -11.72 48.80
CA ILE E 432 -17.70 -11.19 49.47
C ILE E 432 -16.41 -11.56 48.73
N VAL E 433 -16.33 -12.75 48.15
CA VAL E 433 -15.02 -13.24 47.72
C VAL E 433 -14.63 -12.67 46.36
N PHE E 434 -15.57 -12.59 45.41
CA PHE E 434 -15.22 -12.20 44.05
C PHE E 434 -14.62 -10.81 43.96
N PRO E 435 -15.22 -9.76 44.55
CA PRO E 435 -14.54 -8.45 44.53
C PRO E 435 -13.18 -8.48 45.20
N PHE E 436 -13.03 -9.21 46.30
CA PHE E 436 -11.75 -9.30 46.98
C PHE E 436 -10.71 -9.96 46.09
N THR E 437 -11.08 -11.07 45.45
CA THR E 437 -10.15 -11.77 44.58
C THR E 437 -9.76 -10.90 43.39
N PHE E 438 -10.72 -10.19 42.81
CA PHE E 438 -10.40 -9.33 41.67
C PHE E 438 -9.51 -8.18 42.08
N SER E 439 -9.77 -7.57 43.24
CA SER E 439 -8.91 -6.49 43.72
C SER E 439 -7.49 -7.00 43.97
N LEU E 440 -7.37 -8.19 44.56
CA LEU E 440 -6.04 -8.76 44.79
C LEU E 440 -5.32 -9.03 43.47
N PHE E 441 -6.03 -9.59 42.49
CA PHE E 441 -5.42 -9.85 41.20
C PHE E 441 -4.99 -8.54 40.53
N ASN E 442 -5.83 -7.52 40.60
CA ASN E 442 -5.50 -6.23 39.99
C ASN E 442 -4.28 -5.62 40.67
N LEU E 443 -4.22 -5.69 42.00
CA LEU E 443 -3.08 -5.14 42.72
C LEU E 443 -1.80 -5.87 42.36
N VAL E 444 -1.85 -7.20 42.28
CA VAL E 444 -0.67 -7.97 41.91
C VAL E 444 -0.23 -7.61 40.50
N TYR E 445 -1.18 -7.49 39.58
CA TYR E 445 -0.86 -7.13 38.20
C TYR E 445 -0.18 -5.78 38.14
N TRP E 446 -0.75 -4.78 38.82
CA TRP E 446 -0.19 -3.43 38.75
C TRP E 446 1.19 -3.37 39.38
N LEU E 447 1.37 -4.03 40.53
CA LEU E 447 2.68 -4.04 41.16
C LEU E 447 3.71 -4.76 40.30
N TYR E 448 3.32 -5.85 39.64
CA TYR E 448 4.26 -6.59 38.82
C TYR E 448 4.67 -5.77 37.59
N TYR E 449 3.72 -5.04 37.00
CA TYR E 449 3.96 -4.29 35.77
C TYR E 449 4.16 -2.80 36.02
N VAL E 450 4.38 -2.39 37.27
CA VAL E 450 4.78 -1.01 37.57
C VAL E 450 5.84 -1.03 38.66
N THR F 65 50.48 10.62 -0.78
CA THR F 65 51.67 10.79 -1.63
C THR F 65 51.35 10.46 -3.08
N THR F 66 52.15 11.01 -4.00
CA THR F 66 51.93 10.77 -5.41
C THR F 66 52.18 9.33 -5.82
N VAL F 67 52.87 8.55 -4.98
CA VAL F 67 53.12 7.14 -5.32
C VAL F 67 51.82 6.37 -5.40
N PHE F 68 50.91 6.60 -4.45
CA PHE F 68 49.62 5.93 -4.49
C PHE F 68 48.82 6.32 -5.72
N THR F 69 48.84 7.60 -6.08
CA THR F 69 48.12 8.04 -7.27
C THR F 69 48.70 7.38 -8.52
N ARG F 70 50.03 7.31 -8.61
CA ARG F 70 50.66 6.66 -9.76
C ARG F 70 50.30 5.18 -9.81
N ILE F 71 50.30 4.50 -8.67
CA ILE F 71 49.95 3.09 -8.64
C ILE F 71 48.51 2.89 -9.09
N LEU F 72 47.60 3.73 -8.60
CA LEU F 72 46.19 3.61 -8.97
C LEU F 72 46.00 3.87 -10.46
N ASP F 73 46.69 4.86 -11.01
CA ASP F 73 46.59 5.12 -12.44
C ASP F 73 47.15 3.96 -13.26
N ARG F 74 48.26 3.37 -12.80
CA ARG F 74 48.89 2.29 -13.55
C ARG F 74 48.17 0.96 -13.40
N LEU F 75 47.32 0.81 -12.39
CA LEU F 75 46.66 -0.48 -12.18
C LEU F 75 45.75 -0.86 -13.35
N LEU F 76 44.95 0.09 -13.83
CA LEU F 76 43.93 -0.19 -14.83
C LEU F 76 44.41 0.08 -16.25
N ASP F 77 45.70 -0.05 -16.52
CA ASP F 77 46.22 0.07 -17.87
C ASP F 77 46.09 -1.28 -18.57
N GLY F 78 45.42 -1.29 -19.71
CA GLY F 78 45.21 -2.53 -20.43
C GLY F 78 44.30 -3.50 -19.73
N TYR F 79 43.44 -3.03 -18.83
CA TYR F 79 42.52 -3.87 -18.09
C TYR F 79 41.14 -3.82 -18.73
N ASP F 80 40.52 -4.98 -18.90
CA ASP F 80 39.18 -5.11 -19.46
C ASP F 80 38.26 -5.68 -18.40
N ASN F 81 37.35 -4.85 -17.89
CA ASN F 81 36.41 -5.31 -16.88
C ASN F 81 35.36 -6.25 -17.45
N ARG F 82 35.19 -6.28 -18.78
CA ARG F 82 34.19 -7.17 -19.36
C ARG F 82 34.61 -8.63 -19.23
N LEU F 83 35.90 -8.92 -19.36
CA LEU F 83 36.39 -10.27 -19.22
C LEU F 83 36.66 -10.60 -17.75
N ARG F 84 36.75 -11.89 -17.47
CA ARG F 84 36.99 -12.40 -16.13
C ARG F 84 38.43 -12.88 -15.99
N PRO F 85 38.93 -13.05 -14.76
CA PRO F 85 40.29 -13.60 -14.60
C PRO F 85 40.37 -15.01 -15.14
N GLY F 86 41.38 -15.25 -15.99
CA GLY F 86 41.53 -16.54 -16.63
C GLY F 86 40.32 -16.88 -17.49
N LEU F 87 40.11 -16.10 -18.56
CA LEU F 87 38.93 -16.29 -19.37
C LEU F 87 38.95 -17.62 -20.11
N GLY F 88 40.13 -18.11 -20.49
CA GLY F 88 40.27 -19.39 -21.14
C GLY F 88 41.46 -20.17 -20.65
N GLU F 89 41.82 -19.97 -19.38
CA GLU F 89 43.00 -20.59 -18.77
C GLU F 89 42.68 -21.36 -17.51
N ARG F 90 41.75 -20.89 -16.68
CA ARG F 90 41.45 -21.53 -15.42
C ARG F 90 40.04 -21.13 -15.00
N VAL F 91 39.67 -21.49 -13.78
CA VAL F 91 38.35 -21.21 -13.21
C VAL F 91 38.53 -20.31 -12.00
N THR F 92 37.67 -19.30 -11.90
CA THR F 92 37.76 -18.33 -10.80
C THR F 92 37.20 -18.95 -9.53
N GLU F 93 38.01 -19.00 -8.48
CA GLU F 93 37.59 -19.48 -7.18
C GLU F 93 37.20 -18.30 -6.31
N VAL F 94 35.91 -18.15 -6.05
CA VAL F 94 35.38 -17.03 -5.28
C VAL F 94 35.03 -17.56 -3.89
N LYS F 95 35.91 -17.33 -2.93
CA LYS F 95 35.66 -17.70 -1.54
C LYS F 95 34.65 -16.73 -0.95
N THR F 96 33.53 -17.24 -0.48
CA THR F 96 32.40 -16.45 -0.03
C THR F 96 32.26 -16.52 1.49
N ASP F 97 31.76 -15.43 2.07
CA ASP F 97 31.49 -15.37 3.50
C ASP F 97 30.28 -14.49 3.72
N ILE F 98 29.48 -14.84 4.71
CA ILE F 98 28.30 -14.08 5.11
C ILE F 98 28.36 -13.85 6.60
N PHE F 99 28.04 -12.63 7.03
CA PHE F 99 27.89 -12.30 8.44
C PHE F 99 26.52 -11.66 8.60
N VAL F 100 25.57 -12.43 9.13
CA VAL F 100 24.20 -11.94 9.30
C VAL F 100 24.14 -11.06 10.53
N THR F 101 23.67 -9.82 10.35
CA THR F 101 23.60 -8.85 11.44
C THR F 101 22.26 -8.82 12.13
N SER F 102 21.16 -8.86 11.38
CA SER F 102 19.82 -8.67 11.92
C SER F 102 18.95 -9.91 11.84
N PHE F 103 18.78 -10.48 10.65
CA PHE F 103 17.79 -11.54 10.40
C PHE F 103 16.38 -11.04 10.73
N GLY F 104 15.94 -10.09 9.91
CA GLY F 104 14.68 -9.41 10.11
C GLY F 104 13.48 -10.34 10.19
N PRO F 105 12.29 -9.76 10.38
CA PRO F 105 11.11 -10.56 10.67
C PRO F 105 10.70 -11.45 9.50
N VAL F 106 10.17 -12.61 9.84
CA VAL F 106 9.56 -13.53 8.88
C VAL F 106 8.10 -13.11 8.71
N SER F 107 7.60 -13.24 7.48
CA SER F 107 6.23 -12.83 7.14
C SER F 107 5.54 -14.02 6.46
N ASP F 108 4.84 -14.82 7.25
CA ASP F 108 4.11 -15.95 6.69
C ASP F 108 3.00 -15.46 5.75
N HIS F 109 2.38 -14.33 6.07
CA HIS F 109 1.37 -13.77 5.18
C HIS F 109 1.97 -13.40 3.83
N ASP F 110 3.14 -12.75 3.84
CA ASP F 110 3.82 -12.37 2.62
C ASP F 110 4.63 -13.53 2.04
N MET F 111 4.85 -14.59 2.83
CA MET F 111 5.52 -15.80 2.36
C MET F 111 6.98 -15.48 1.99
N GLU F 112 7.69 -14.90 2.95
CA GLU F 112 9.07 -14.48 2.75
C GLU F 112 9.67 -14.13 4.11
N TYR F 113 10.96 -13.81 4.09
CA TYR F 113 11.65 -13.35 5.30
C TYR F 113 12.79 -12.43 4.91
N THR F 114 13.06 -11.46 5.76
CA THR F 114 14.09 -10.46 5.54
C THR F 114 15.34 -10.81 6.33
N ILE F 115 16.49 -10.40 5.80
CA ILE F 115 17.78 -10.67 6.43
C ILE F 115 18.74 -9.55 6.03
N ASP F 116 19.58 -9.13 6.97
CA ASP F 116 20.58 -8.09 6.76
C ASP F 116 21.96 -8.71 6.92
N VAL F 117 22.78 -8.63 5.88
CA VAL F 117 24.01 -9.41 5.79
C VAL F 117 25.16 -8.54 5.32
N PHE F 118 26.33 -8.77 5.91
CA PHE F 118 27.61 -8.37 5.32
C PHE F 118 28.07 -9.52 4.44
N PHE F 119 28.14 -9.28 3.13
CA PHE F 119 28.49 -10.28 2.14
C PHE F 119 29.89 -9.98 1.64
N ARG F 120 30.78 -10.97 1.76
CA ARG F 120 32.19 -10.83 1.40
C ARG F 120 32.55 -11.87 0.35
N GLN F 121 33.30 -11.43 -0.66
CA GLN F 121 33.76 -12.31 -1.74
C GLN F 121 35.23 -12.01 -1.97
N SER F 122 36.07 -13.01 -1.75
CA SER F 122 37.50 -12.90 -1.97
C SER F 122 37.90 -13.79 -3.15
N TRP F 123 38.68 -13.24 -4.07
CA TRP F 123 39.17 -14.02 -5.20
C TRP F 123 40.52 -13.48 -5.62
N LYS F 124 41.05 -14.01 -6.72
CA LYS F 124 42.37 -13.66 -7.21
C LYS F 124 42.27 -13.11 -8.62
N ASP F 125 43.05 -12.07 -8.91
CA ASP F 125 43.08 -11.45 -10.22
C ASP F 125 44.53 -11.02 -10.48
N GLU F 126 45.27 -11.83 -11.23
CA GLU F 126 46.68 -11.55 -11.47
C GLU F 126 46.90 -10.26 -12.26
N ARG F 127 45.87 -9.80 -13.00
CA ARG F 127 46.03 -8.59 -13.79
C ARG F 127 46.21 -7.34 -12.94
N LEU F 128 45.84 -7.40 -11.65
CA LEU F 128 45.90 -6.25 -10.75
C LEU F 128 46.98 -6.43 -9.69
N LYS F 129 48.11 -7.05 -10.06
CA LYS F 129 49.27 -7.09 -9.19
C LYS F 129 50.01 -5.76 -9.25
N PHE F 130 50.85 -5.52 -8.25
CA PHE F 130 51.62 -4.29 -8.19
C PHE F 130 52.70 -4.46 -7.13
N LYS F 131 53.54 -3.44 -7.00
CA LYS F 131 54.54 -3.34 -5.94
C LYS F 131 54.54 -1.92 -5.41
N GLY F 132 54.70 -1.79 -4.09
CA GLY F 132 54.70 -0.49 -3.46
C GLY F 132 54.95 -0.57 -1.97
N PRO F 133 55.03 0.58 -1.31
CA PRO F 133 55.24 0.57 0.16
C PRO F 133 54.14 -0.15 0.91
N MET F 134 52.89 0.01 0.49
CA MET F 134 51.74 -0.57 1.16
C MET F 134 51.32 -1.84 0.43
N THR F 135 51.27 -2.96 1.15
CA THR F 135 50.85 -4.22 0.55
C THR F 135 49.40 -4.17 0.11
N VAL F 136 48.53 -3.60 0.93
CA VAL F 136 47.09 -3.56 0.69
C VAL F 136 46.68 -2.13 0.39
N LEU F 137 45.65 -1.98 -0.44
CA LEU F 137 45.10 -0.66 -0.74
C LEU F 137 43.60 -0.78 -0.95
N ARG F 138 42.92 0.35 -0.84
CA ARG F 138 41.46 0.43 -0.91
C ARG F 138 41.06 1.26 -2.11
N LEU F 139 39.87 1.00 -2.62
CA LEU F 139 39.34 1.64 -3.81
C LEU F 139 38.00 2.29 -3.52
N ASN F 140 37.75 3.42 -4.16
CA ASN F 140 36.43 4.03 -4.11
C ASN F 140 35.48 3.25 -5.01
N ASN F 141 34.22 3.69 -5.07
CA ASN F 141 33.24 2.93 -5.84
C ASN F 141 33.45 3.07 -7.34
N LEU F 142 34.06 4.16 -7.79
CA LEU F 142 34.31 4.34 -9.22
C LEU F 142 35.32 3.32 -9.72
N MET F 143 36.46 3.21 -9.05
CA MET F 143 37.46 2.21 -9.43
C MET F 143 36.91 0.80 -9.26
N ALA F 144 36.06 0.58 -8.25
CA ALA F 144 35.43 -0.72 -8.10
C ALA F 144 34.54 -1.05 -9.30
N SER F 145 33.76 -0.07 -9.76
CA SER F 145 32.92 -0.28 -10.93
C SER F 145 33.74 -0.43 -12.20
N LYS F 146 34.97 0.07 -12.22
CA LYS F 146 35.85 -0.11 -13.37
C LYS F 146 36.57 -1.46 -13.38
N ILE F 147 36.35 -2.31 -12.37
CA ILE F 147 37.06 -3.58 -12.21
C ILE F 147 36.04 -4.71 -12.23
N TRP F 148 36.40 -5.82 -12.85
CA TRP F 148 35.53 -6.99 -12.88
C TRP F 148 35.28 -7.49 -11.46
N THR F 149 34.02 -7.83 -11.19
CA THR F 149 33.60 -8.41 -9.93
C THR F 149 32.58 -9.51 -10.21
N PRO F 150 32.46 -10.51 -9.34
CA PRO F 150 31.53 -11.59 -9.62
C PRO F 150 30.09 -11.11 -9.62
N ASP F 151 29.27 -11.73 -10.47
CA ASP F 151 27.87 -11.36 -10.63
C ASP F 151 26.96 -12.18 -9.71
N THR F 152 27.30 -12.22 -8.42
CA THR F 152 26.58 -13.03 -7.47
C THR F 152 25.15 -12.51 -7.32
N PHE F 153 24.20 -13.45 -7.26
CA PHE F 153 22.80 -13.10 -7.04
C PHE F 153 22.16 -14.20 -6.20
N PHE F 154 21.11 -13.83 -5.49
CA PHE F 154 20.41 -14.74 -4.61
C PHE F 154 19.26 -15.39 -5.36
N HIS F 155 19.27 -16.73 -5.42
CA HIS F 155 18.33 -17.45 -6.26
C HIS F 155 16.89 -17.22 -5.80
N ASN F 156 16.66 -17.23 -4.48
CA ASN F 156 15.32 -17.14 -3.92
C ASN F 156 15.00 -15.73 -3.42
N GLY F 157 15.72 -14.72 -3.88
CA GLY F 157 15.41 -13.36 -3.50
C GLY F 157 14.14 -12.85 -4.16
N LYS F 158 13.50 -11.89 -3.50
CA LYS F 158 12.31 -11.23 -4.01
C LYS F 158 12.57 -9.76 -4.32
N LYS F 159 13.09 -9.00 -3.37
CA LYS F 159 13.46 -7.61 -3.63
C LYS F 159 14.47 -7.19 -2.56
N SER F 160 15.74 -7.20 -2.91
CA SER F 160 16.82 -6.77 -2.03
C SER F 160 17.25 -5.36 -2.39
N VAL F 161 18.03 -4.76 -1.50
CA VAL F 161 18.56 -3.41 -1.70
C VAL F 161 20.00 -3.37 -1.20
N ALA F 162 20.85 -2.70 -1.96
CA ALA F 162 22.23 -2.42 -1.56
C ALA F 162 22.26 -1.03 -0.97
N HIS F 163 22.69 -0.93 0.28
CA HIS F 163 22.59 0.32 1.01
C HIS F 163 23.52 1.38 0.42
N ASN F 164 22.99 2.58 0.26
CA ASN F 164 23.70 3.71 -0.35
C ASN F 164 23.50 4.96 0.48
N MET F 165 23.75 4.84 1.79
CA MET F 165 23.39 5.87 2.76
C MET F 165 24.01 7.22 2.45
N THR F 166 25.34 7.31 2.53
CA THR F 166 26.10 8.49 2.14
C THR F 166 27.02 8.21 0.97
N MET F 167 27.69 7.08 0.99
CA MET F 167 28.40 6.50 -0.14
C MET F 167 27.96 5.05 -0.27
N PRO F 168 28.09 4.45 -1.46
CA PRO F 168 27.61 3.08 -1.63
C PRO F 168 28.36 2.13 -0.72
N ASN F 169 27.60 1.38 0.09
CA ASN F 169 28.19 0.58 1.15
C ASN F 169 28.92 -0.62 0.56
N LYS F 170 30.08 -0.36 -0.06
CA LYS F 170 30.92 -1.40 -0.63
C LYS F 170 32.37 -1.03 -0.35
N LEU F 171 33.23 -2.05 -0.38
CA LEU F 171 34.65 -1.86 -0.13
C LEU F 171 35.40 -2.94 -0.90
N LEU F 172 36.24 -2.50 -1.84
CA LEU F 172 37.05 -3.41 -2.65
C LEU F 172 38.51 -3.15 -2.30
N ARG F 173 39.09 -4.05 -1.51
CA ARG F 173 40.50 -3.97 -1.14
C ARG F 173 41.30 -4.91 -2.02
N ILE F 174 42.50 -4.48 -2.39
CA ILE F 174 43.40 -5.23 -3.24
C ILE F 174 44.72 -5.41 -2.51
N THR F 175 45.21 -6.64 -2.46
CA THR F 175 46.52 -6.96 -1.91
C THR F 175 47.55 -6.96 -3.02
N GLU F 176 48.82 -6.83 -2.64
CA GLU F 176 49.90 -6.76 -3.63
C GLU F 176 49.97 -8.01 -4.50
N ASP F 177 49.54 -9.15 -3.99
CA ASP F 177 49.58 -10.41 -4.72
C ASP F 177 48.34 -10.64 -5.58
N GLY F 178 47.58 -9.58 -5.88
CA GLY F 178 46.43 -9.71 -6.74
C GLY F 178 45.17 -10.23 -6.07
N THR F 179 45.18 -10.40 -4.75
CA THR F 179 44.01 -10.89 -4.05
C THR F 179 43.02 -9.74 -3.84
N LEU F 180 41.83 -9.89 -4.42
CA LEU F 180 40.75 -8.93 -4.28
C LEU F 180 39.81 -9.41 -3.19
N LEU F 181 39.33 -8.46 -2.38
CA LEU F 181 38.35 -8.73 -1.34
C LEU F 181 37.25 -7.68 -1.44
N TYR F 182 36.02 -8.12 -1.71
CA TYR F 182 34.90 -7.25 -2.00
C TYR F 182 33.84 -7.48 -0.93
N THR F 183 33.66 -6.50 -0.06
CA THR F 183 32.68 -6.56 1.02
C THR F 183 31.56 -5.57 0.73
N MET F 184 30.34 -5.96 1.07
CA MET F 184 29.20 -5.08 0.83
C MET F 184 28.08 -5.46 1.77
N ARG F 185 27.12 -4.56 1.91
CA ARG F 185 26.03 -4.68 2.87
C ARG F 185 24.71 -4.80 2.12
N LEU F 186 23.90 -5.80 2.47
CA LEU F 186 22.66 -6.08 1.77
C LEU F 186 21.54 -6.31 2.75
N THR F 187 20.33 -6.03 2.29
CA THR F 187 19.08 -6.31 3.01
C THR F 187 18.24 -7.14 2.05
N VAL F 188 18.41 -8.44 2.12
CA VAL F 188 17.74 -9.37 1.21
C VAL F 188 16.36 -9.70 1.79
N ARG F 189 15.41 -9.93 0.90
CA ARG F 189 14.07 -10.41 1.25
C ARG F 189 13.83 -11.67 0.43
N ALA F 190 14.08 -12.82 1.03
CA ALA F 190 14.05 -14.10 0.33
C ALA F 190 12.72 -14.79 0.56
N GLU F 191 12.13 -15.30 -0.51
CA GLU F 191 10.88 -16.05 -0.40
C GLU F 191 11.10 -17.30 0.44
N CYS F 192 10.16 -17.59 1.33
CA CYS F 192 10.26 -18.67 2.29
C CYS F 192 9.10 -19.63 2.14
N PRO F 193 9.22 -20.71 1.37
CA PRO F 193 8.12 -21.69 1.32
C PRO F 193 7.89 -22.32 2.69
N MET F 194 6.62 -22.57 3.00
CA MET F 194 6.22 -23.11 4.29
C MET F 194 5.18 -24.20 4.10
N HIS F 195 5.11 -25.09 5.08
CA HIS F 195 4.09 -26.14 5.16
C HIS F 195 3.35 -25.91 6.47
N LEU F 196 2.24 -25.17 6.41
CA LEU F 196 1.48 -24.79 7.59
C LEU F 196 0.42 -25.81 7.96
N GLU F 197 0.61 -27.08 7.58
CA GLU F 197 -0.33 -28.11 8.00
C GLU F 197 -0.35 -28.27 9.52
N ASP F 198 0.77 -28.00 10.19
CA ASP F 198 0.89 -28.12 11.63
C ASP F 198 0.85 -26.77 12.34
N PHE F 199 0.23 -25.77 11.71
CA PHE F 199 0.16 -24.44 12.30
C PHE F 199 -0.60 -24.52 13.63
N PRO F 200 -0.08 -23.94 14.73
CA PRO F 200 1.16 -23.21 14.98
C PRO F 200 2.34 -24.08 15.44
N MET F 201 2.20 -25.40 15.39
CA MET F 201 3.27 -26.31 15.79
C MET F 201 4.09 -26.75 14.58
N ASP F 202 4.75 -25.77 13.95
CA ASP F 202 5.47 -25.97 12.70
C ASP F 202 6.89 -25.46 12.82
N ALA F 203 7.78 -26.07 12.04
CA ALA F 203 9.17 -25.66 11.91
C ALA F 203 9.51 -25.57 10.43
N HIS F 204 10.23 -24.51 10.06
CA HIS F 204 10.57 -24.24 8.68
C HIS F 204 12.06 -23.92 8.57
N ALA F 205 12.61 -24.18 7.39
CA ALA F 205 14.00 -23.84 7.07
C ALA F 205 14.09 -22.78 5.98
N CYS F 206 13.56 -23.06 4.78
CA CYS F 206 13.52 -22.18 3.63
C CYS F 206 14.82 -21.42 3.39
N PRO F 207 15.85 -22.06 2.82
CA PRO F 207 17.20 -21.51 2.87
C PRO F 207 17.35 -20.22 2.09
N LEU F 208 18.54 -19.63 2.26
CA LEU F 208 19.06 -18.59 1.40
C LEU F 208 20.00 -19.24 0.39
N LYS F 209 19.72 -19.07 -0.89
CA LYS F 209 20.48 -19.67 -1.97
C LYS F 209 21.09 -18.57 -2.81
N PHE F 210 22.35 -18.77 -3.24
CA PHE F 210 22.97 -17.75 -4.08
C PHE F 210 24.06 -18.37 -4.95
N GLY F 211 24.43 -17.64 -5.99
CA GLY F 211 25.46 -18.08 -6.90
C GLY F 211 25.59 -17.12 -8.06
N SER F 212 26.48 -17.47 -8.98
CA SER F 212 26.67 -16.64 -10.16
C SER F 212 25.45 -16.73 -11.07
N TYR F 213 25.14 -15.60 -11.72
CA TYR F 213 24.02 -15.57 -12.65
C TYR F 213 24.44 -16.00 -14.05
N ALA F 214 25.55 -15.46 -14.54
CA ALA F 214 25.97 -15.67 -15.92
C ALA F 214 27.02 -16.76 -16.09
N TYR F 215 27.91 -16.94 -15.12
CA TYR F 215 29.04 -17.84 -15.26
C TYR F 215 28.69 -19.22 -14.73
N THR F 216 28.86 -20.23 -15.58
CA THR F 216 28.53 -21.60 -15.21
C THR F 216 29.67 -22.20 -14.38
N ARG F 217 29.52 -23.48 -14.04
CA ARG F 217 30.53 -24.15 -13.23
C ARG F 217 31.86 -24.21 -13.95
N ALA F 218 31.85 -24.25 -15.29
CA ALA F 218 33.09 -24.31 -16.05
C ALA F 218 33.89 -23.02 -16.02
N GLU F 219 33.31 -21.92 -15.53
CA GLU F 219 33.94 -20.60 -15.56
C GLU F 219 34.15 -20.00 -14.18
N VAL F 220 33.16 -20.12 -13.28
CA VAL F 220 33.25 -19.55 -11.93
C VAL F 220 32.79 -20.59 -10.94
N VAL F 221 33.56 -20.77 -9.87
CA VAL F 221 33.27 -21.73 -8.81
C VAL F 221 33.34 -20.99 -7.48
N TYR F 222 32.32 -21.17 -6.66
CA TYR F 222 32.25 -20.57 -5.33
C TYR F 222 32.78 -21.53 -4.28
N GLU F 223 33.30 -20.96 -3.20
CA GLU F 223 33.82 -21.71 -2.08
C GLU F 223 33.47 -21.00 -0.79
N TRP F 224 33.51 -21.75 0.31
CA TRP F 224 33.39 -21.16 1.64
C TRP F 224 34.79 -20.82 2.13
N THR F 225 34.94 -19.61 2.69
CA THR F 225 36.25 -19.09 3.06
C THR F 225 36.93 -20.00 4.07
N ARG F 226 36.37 -20.07 5.27
CA ARG F 226 36.80 -21.00 6.30
C ARG F 226 35.93 -22.26 6.17
N GLU F 227 35.91 -23.10 7.20
CA GLU F 227 35.07 -24.29 7.16
C GLU F 227 33.61 -23.87 6.98
N PRO F 228 32.77 -24.72 6.38
CA PRO F 228 31.42 -24.26 5.99
C PRO F 228 30.57 -23.78 7.15
N ALA F 229 30.48 -24.56 8.22
CA ALA F 229 29.63 -24.19 9.36
C ALA F 229 30.08 -22.88 9.99
N ARG F 230 31.38 -22.59 9.95
CA ARG F 230 31.90 -21.35 10.52
C ARG F 230 31.82 -20.18 9.56
N SER F 231 31.51 -20.40 8.28
CA SER F 231 31.47 -19.31 7.32
C SER F 231 30.30 -18.38 7.59
N VAL F 232 29.08 -18.91 7.54
CA VAL F 232 27.91 -18.11 7.85
C VAL F 232 27.85 -17.92 9.36
N VAL F 233 27.79 -16.67 9.80
CA VAL F 233 27.75 -16.32 11.21
C VAL F 233 26.62 -15.33 11.42
N VAL F 234 25.86 -15.54 12.50
CA VAL F 234 24.70 -14.71 12.84
C VAL F 234 24.99 -14.01 14.17
N ALA F 235 24.78 -12.70 14.19
CA ALA F 235 24.99 -11.95 15.42
C ALA F 235 24.01 -12.40 16.49
N GLU F 236 24.55 -12.78 17.65
CA GLU F 236 23.71 -13.28 18.74
C GLU F 236 22.74 -12.21 19.21
N ASP F 237 23.20 -10.97 19.32
CA ASP F 237 22.31 -9.89 19.74
C ASP F 237 21.22 -9.63 18.71
N GLY F 238 21.55 -9.73 17.42
CA GLY F 238 20.60 -9.46 16.36
C GLY F 238 19.80 -10.68 15.98
N SER F 239 18.58 -10.79 16.51
CA SER F 239 17.64 -11.85 16.17
C SER F 239 16.45 -11.32 15.40
N ARG F 240 15.76 -10.31 15.93
CA ARG F 240 14.70 -9.60 15.21
C ARG F 240 13.53 -10.51 14.87
N LEU F 241 13.33 -11.58 15.63
CA LEU F 241 12.23 -12.51 15.43
C LEU F 241 11.31 -12.44 16.65
N ASN F 242 10.03 -12.13 16.39
CA ASN F 242 9.07 -12.00 17.48
C ASN F 242 8.60 -13.34 18.00
N GLN F 243 8.47 -14.34 17.12
CA GLN F 243 7.75 -15.57 17.44
C GLN F 243 8.43 -16.86 17.00
N TYR F 244 9.58 -16.79 16.33
CA TYR F 244 10.11 -17.97 15.63
C TYR F 244 11.24 -18.66 16.36
N ASP F 245 12.08 -17.94 17.10
CA ASP F 245 13.14 -18.56 17.91
C ASP F 245 14.10 -19.39 17.04
N LEU F 246 14.85 -18.66 16.21
CA LEU F 246 15.82 -19.30 15.32
C LEU F 246 16.76 -20.21 16.08
N LEU F 247 16.96 -21.42 15.56
CA LEU F 247 17.71 -22.48 16.24
C LEU F 247 19.14 -22.58 15.72
N GLY F 248 19.31 -22.79 14.41
CA GLY F 248 20.64 -23.00 13.88
C GLY F 248 20.66 -22.89 12.37
N GLN F 249 21.85 -23.15 11.82
CA GLN F 249 22.11 -23.00 10.40
C GLN F 249 22.64 -24.32 9.84
N THR F 250 22.41 -24.53 8.55
CA THR F 250 22.96 -25.67 7.82
C THR F 250 23.40 -25.16 6.45
N VAL F 251 24.70 -25.04 6.26
CA VAL F 251 25.27 -24.51 5.03
C VAL F 251 25.80 -25.66 4.19
N ASP F 252 25.70 -25.51 2.87
CA ASP F 252 26.21 -26.52 1.97
C ASP F 252 26.33 -25.92 0.57
N SER F 253 26.91 -26.71 -0.33
CA SER F 253 27.12 -26.35 -1.72
C SER F 253 26.45 -27.37 -2.62
N GLY F 254 26.18 -26.97 -3.85
CA GLY F 254 25.59 -27.90 -4.80
C GLY F 254 25.70 -27.38 -6.21
N ILE F 255 25.25 -28.22 -7.14
CA ILE F 255 25.20 -27.88 -8.56
C ILE F 255 23.74 -27.86 -8.98
N VAL F 256 23.33 -26.80 -9.65
CA VAL F 256 21.97 -26.62 -10.14
C VAL F 256 22.00 -26.65 -11.66
N GLN F 257 21.18 -27.51 -12.24
CA GLN F 257 20.98 -27.52 -13.68
C GLN F 257 20.13 -26.33 -14.10
N SER F 258 20.16 -26.03 -15.39
CA SER F 258 19.34 -24.95 -15.94
C SER F 258 19.36 -25.07 -17.45
N SER F 259 18.56 -24.22 -18.09
CA SER F 259 18.53 -24.21 -19.55
C SER F 259 19.87 -23.78 -20.13
N THR F 260 20.62 -22.95 -19.42
CA THR F 260 21.87 -22.40 -19.91
C THR F 260 23.08 -23.28 -19.55
N GLY F 261 23.10 -23.83 -18.35
CA GLY F 261 24.22 -24.66 -17.94
C GLY F 261 24.14 -24.99 -16.47
N GLU F 262 25.24 -25.56 -15.96
CA GLU F 262 25.33 -25.98 -14.58
C GLU F 262 25.99 -24.88 -13.75
N TYR F 263 25.34 -24.51 -12.65
CA TYR F 263 25.78 -23.39 -11.82
C TYR F 263 26.03 -23.88 -10.40
N VAL F 264 27.13 -23.38 -9.82
CA VAL F 264 27.40 -23.64 -8.41
C VAL F 264 26.46 -22.79 -7.57
N VAL F 265 25.78 -23.41 -6.62
CA VAL F 265 24.80 -22.76 -5.76
C VAL F 265 25.16 -23.05 -4.32
N MET F 266 25.36 -22.00 -3.53
CA MET F 266 25.58 -22.11 -2.10
C MET F 266 24.26 -21.93 -1.39
N THR F 267 23.92 -22.89 -0.52
CA THR F 267 22.65 -22.91 0.19
C THR F 267 22.90 -22.80 1.69
N THR F 268 21.99 -22.11 2.38
CA THR F 268 22.09 -21.93 3.83
C THR F 268 20.69 -22.01 4.42
N HIS F 269 20.34 -23.17 4.98
CA HIS F 269 19.07 -23.35 5.65
C HIS F 269 19.13 -22.73 7.04
N PHE F 270 18.12 -21.92 7.37
CA PHE F 270 17.96 -21.30 8.68
C PHE F 270 16.81 -21.99 9.38
N HIS F 271 17.13 -22.92 10.28
CA HIS F 271 16.08 -23.68 10.95
C HIS F 271 15.33 -22.80 11.94
N LEU F 272 14.01 -22.91 11.92
CA LEU F 272 13.13 -22.08 12.73
C LEU F 272 12.08 -22.93 13.43
N LYS F 273 11.61 -22.44 14.57
CA LYS F 273 10.52 -23.02 15.34
C LYS F 273 9.40 -21.98 15.37
N ARG F 274 8.34 -22.27 16.14
CA ARG F 274 7.27 -21.31 16.35
C ARG F 274 6.99 -21.19 17.84
N LYS F 275 6.73 -19.97 18.29
CA LYS F 275 6.33 -19.73 19.68
C LYS F 275 4.84 -20.03 19.81
N ILE F 276 4.50 -21.03 20.62
CA ILE F 276 3.12 -21.44 20.81
C ILE F 276 2.40 -20.64 21.89
N GLY F 277 3.12 -19.80 22.64
CA GLY F 277 2.51 -19.14 23.79
C GLY F 277 1.35 -18.24 23.42
N TYR F 278 1.51 -17.47 22.34
CA TYR F 278 0.46 -16.53 21.94
C TYR F 278 -0.81 -17.25 21.52
N PHE F 279 -0.67 -18.34 20.77
CA PHE F 279 -1.85 -19.06 20.31
C PHE F 279 -2.53 -19.83 21.44
N VAL F 280 -1.75 -20.41 22.36
CA VAL F 280 -2.39 -21.14 23.47
C VAL F 280 -3.07 -20.16 24.41
N ILE F 281 -2.43 -19.01 24.68
CA ILE F 281 -3.08 -18.04 25.56
C ILE F 281 -4.28 -17.38 24.89
N GLN F 282 -4.28 -17.21 23.57
CA GLN F 282 -5.25 -16.31 22.95
C GLN F 282 -6.31 -17.01 22.14
N THR F 283 -6.04 -18.20 21.59
CA THR F 283 -7.02 -18.93 20.77
C THR F 283 -7.48 -20.23 21.39
N TYR F 284 -6.56 -21.10 21.80
CA TYR F 284 -6.97 -22.41 22.31
C TYR F 284 -7.74 -22.28 23.62
N LEU F 285 -7.24 -21.47 24.54
CA LEU F 285 -7.86 -21.39 25.86
C LEU F 285 -9.27 -20.81 25.81
N PRO F 286 -9.56 -19.71 25.10
CA PRO F 286 -10.96 -19.28 24.99
C PRO F 286 -11.87 -20.32 24.39
N CYS F 287 -11.38 -21.08 23.41
CA CYS F 287 -12.16 -22.19 22.87
C CYS F 287 -12.46 -23.21 23.97
N ILE F 288 -11.47 -23.50 24.80
CA ILE F 288 -11.66 -24.48 25.87
C ILE F 288 -12.69 -23.99 26.88
N MET F 289 -12.63 -22.72 27.28
CA MET F 289 -13.64 -22.22 28.21
C MET F 289 -15.03 -22.19 27.58
N THR F 290 -15.13 -21.83 26.30
CA THR F 290 -16.47 -21.81 25.68
C THR F 290 -17.06 -23.21 25.61
N VAL F 291 -16.27 -24.20 25.21
CA VAL F 291 -16.82 -25.55 25.20
C VAL F 291 -17.12 -26.00 26.61
N ILE F 292 -16.32 -25.61 27.61
CA ILE F 292 -16.63 -25.99 28.98
C ILE F 292 -17.91 -25.34 29.46
N LEU F 293 -18.21 -24.12 29.00
CA LEU F 293 -19.52 -23.54 29.29
C LEU F 293 -20.62 -24.39 28.68
N SER F 294 -20.41 -24.85 27.45
CA SER F 294 -21.36 -25.79 26.85
C SER F 294 -21.48 -27.06 27.68
N GLN F 295 -20.37 -27.50 28.28
CA GLN F 295 -20.40 -28.69 29.14
C GLN F 295 -21.28 -28.45 30.36
N VAL F 296 -21.02 -27.37 31.10
CA VAL F 296 -21.77 -27.11 32.32
C VAL F 296 -23.19 -26.64 32.05
N SER F 297 -23.54 -26.39 30.78
CA SER F 297 -24.94 -26.13 30.46
C SER F 297 -25.84 -27.31 30.84
N PHE F 298 -25.31 -28.53 30.83
CA PHE F 298 -26.14 -29.70 31.12
C PHE F 298 -26.56 -29.75 32.58
N TRP F 299 -25.70 -29.29 33.50
CA TRP F 299 -25.91 -29.53 34.91
C TRP F 299 -27.02 -28.69 35.53
N LEU F 300 -27.55 -27.68 34.82
CA LEU F 300 -28.49 -26.77 35.44
C LEU F 300 -29.79 -27.45 35.87
N ASN F 301 -30.60 -27.85 34.88
CA ASN F 301 -31.91 -28.45 35.14
C ASN F 301 -32.55 -28.81 33.81
N ARG F 302 -33.77 -29.35 33.83
CA ARG F 302 -34.53 -29.62 32.63
C ARG F 302 -35.69 -28.67 32.39
N GLU F 303 -36.17 -28.00 33.44
CA GLU F 303 -37.38 -27.19 33.32
C GLU F 303 -37.11 -25.79 32.79
N SER F 304 -35.92 -25.25 33.03
CA SER F 304 -35.59 -23.88 32.62
C SER F 304 -35.18 -23.87 31.15
N VAL F 305 -36.18 -24.06 30.27
CA VAL F 305 -35.92 -24.00 28.84
C VAL F 305 -35.36 -22.65 28.39
N PRO F 306 -35.83 -21.48 28.89
CA PRO F 306 -35.27 -20.24 28.33
C PRO F 306 -33.81 -20.05 28.69
N ALA F 307 -33.44 -20.34 29.93
CA ALA F 307 -32.07 -20.16 30.38
C ALA F 307 -31.11 -21.04 29.60
N ARG F 308 -31.45 -22.32 29.45
CA ARG F 308 -30.57 -23.23 28.72
C ARG F 308 -30.53 -22.87 27.23
N THR F 309 -31.65 -22.42 26.69
CA THR F 309 -31.66 -22.02 25.28
C THR F 309 -30.73 -20.84 25.04
N VAL F 310 -30.85 -19.79 25.86
CA VAL F 310 -29.98 -18.63 25.68
C VAL F 310 -28.53 -19.02 25.95
N PHE F 311 -28.29 -19.90 26.93
CA PHE F 311 -26.95 -20.38 27.20
C PHE F 311 -26.34 -21.02 25.95
N GLY F 312 -27.05 -21.97 25.35
CA GLY F 312 -26.52 -22.68 24.20
C GLY F 312 -26.30 -21.77 23.01
N VAL F 313 -27.27 -20.91 22.70
CA VAL F 313 -27.16 -20.10 21.50
C VAL F 313 -26.08 -19.04 21.67
N THR F 314 -25.96 -18.45 22.86
CA THR F 314 -24.90 -17.47 23.07
C THR F 314 -23.54 -18.14 23.10
N THR F 315 -23.46 -19.39 23.57
CA THR F 315 -22.20 -20.13 23.44
C THR F 315 -21.85 -20.35 21.98
N VAL F 316 -22.85 -20.66 21.16
CA VAL F 316 -22.62 -20.83 19.73
C VAL F 316 -22.11 -19.53 19.12
N LEU F 317 -22.72 -18.41 19.50
CA LEU F 317 -22.27 -17.11 18.99
C LEU F 317 -20.84 -16.80 19.43
N THR F 318 -20.53 -17.07 20.69
CA THR F 318 -19.19 -16.82 21.19
C THR F 318 -18.16 -17.66 20.45
N MET F 319 -18.48 -18.93 20.22
CA MET F 319 -17.54 -19.77 19.48
C MET F 319 -17.43 -19.35 18.03
N THR F 320 -18.51 -18.85 17.44
CA THR F 320 -18.43 -18.32 16.09
C THR F 320 -17.46 -17.15 16.03
N THR F 321 -17.57 -16.25 16.99
CA THR F 321 -16.65 -15.11 17.05
C THR F 321 -15.21 -15.57 17.22
N LEU F 322 -14.98 -16.51 18.12
CA LEU F 322 -13.62 -16.98 18.37
C LEU F 322 -13.03 -17.67 17.14
N SER F 323 -13.83 -18.52 16.48
CA SER F 323 -13.34 -19.21 15.28
C SER F 323 -13.04 -18.21 14.18
N ILE F 324 -13.90 -17.21 14.01
CA ILE F 324 -13.69 -16.19 12.99
C ILE F 324 -12.38 -15.46 13.23
N SER F 325 -12.17 -15.01 14.47
CA SER F 325 -10.94 -14.29 14.78
C SER F 325 -9.71 -15.19 14.59
N ALA F 326 -9.81 -16.44 15.04
CA ALA F 326 -8.67 -17.35 14.96
C ALA F 326 -8.27 -17.60 13.52
N ARG F 327 -9.24 -17.83 12.64
CA ARG F 327 -8.88 -18.10 11.24
C ARG F 327 -8.49 -16.82 10.51
N ASN F 328 -9.04 -15.67 10.91
CA ASN F 328 -8.59 -14.41 10.32
C ASN F 328 -7.14 -14.11 10.68
N SER F 329 -6.70 -14.56 11.85
CA SER F 329 -5.32 -14.30 12.26
C SER F 329 -4.32 -14.97 11.34
N LEU F 330 -4.50 -16.27 11.09
CA LEU F 330 -3.52 -17.03 10.34
C LEU F 330 -3.63 -16.74 8.84
N PRO F 331 -2.54 -16.91 8.08
CA PRO F 331 -2.55 -16.47 6.68
C PRO F 331 -3.47 -17.33 5.82
N LYS F 332 -3.89 -16.73 4.71
CA LYS F 332 -4.85 -17.39 3.83
C LYS F 332 -4.21 -18.62 3.17
N VAL F 333 -4.90 -19.75 3.27
CA VAL F 333 -4.45 -21.01 2.69
C VAL F 333 -5.69 -21.84 2.36
N ALA F 334 -5.48 -22.94 1.63
CA ALA F 334 -6.54 -23.88 1.30
C ALA F 334 -6.54 -25.10 2.21
N TYR F 335 -5.40 -25.74 2.36
CA TYR F 335 -5.29 -26.92 3.23
C TYR F 335 -5.64 -26.57 4.67
N ALA F 336 -6.28 -27.51 5.36
CA ALA F 336 -6.65 -27.32 6.75
C ALA F 336 -5.46 -27.58 7.66
N THR F 337 -5.35 -26.78 8.72
CA THR F 337 -4.25 -26.83 9.67
C THR F 337 -4.73 -27.41 11.00
N ALA F 338 -3.83 -27.44 11.98
CA ALA F 338 -4.19 -27.91 13.31
C ALA F 338 -5.24 -27.01 13.94
N MET F 339 -5.08 -25.70 13.76
CA MET F 339 -6.08 -24.75 14.26
C MET F 339 -7.46 -25.05 13.69
N ASP F 340 -7.53 -25.32 12.39
CA ASP F 340 -8.82 -25.55 11.75
C ASP F 340 -9.48 -26.80 12.31
N TRP F 341 -8.71 -27.88 12.49
CA TRP F 341 -9.30 -29.11 13.01
C TRP F 341 -9.75 -28.94 14.45
N PHE F 342 -8.93 -28.29 15.28
CA PHE F 342 -9.31 -28.09 16.68
C PHE F 342 -10.57 -27.23 16.78
N ILE F 343 -10.62 -26.14 16.01
CA ILE F 343 -11.78 -25.25 16.05
C ILE F 343 -13.01 -25.97 15.54
N ALA F 344 -12.87 -26.75 14.46
CA ALA F 344 -14.01 -27.46 13.93
C ALA F 344 -14.54 -28.48 14.93
N VAL F 345 -13.64 -29.22 15.58
CA VAL F 345 -14.06 -30.23 16.54
C VAL F 345 -14.79 -29.58 17.70
N CYS F 346 -14.23 -28.49 18.23
CA CYS F 346 -14.85 -27.85 19.38
C CYS F 346 -16.18 -27.20 19.02
N TYR F 347 -16.27 -26.62 17.81
CA TYR F 347 -17.52 -26.03 17.37
C TYR F 347 -18.59 -27.08 17.18
N ALA F 348 -18.21 -28.24 16.63
CA ALA F 348 -19.14 -29.36 16.55
C ALA F 348 -19.54 -29.85 17.93
N PHE F 349 -18.63 -29.78 18.91
CA PHE F 349 -18.99 -30.15 20.27
C PHE F 349 -20.06 -29.22 20.83
N VAL F 350 -19.92 -27.92 20.60
CA VAL F 350 -20.93 -26.97 21.06
C VAL F 350 -22.27 -27.24 20.38
N PHE F 351 -22.23 -27.48 19.07
CA PHE F 351 -23.45 -27.81 18.34
C PHE F 351 -24.10 -29.07 18.90
N SER F 352 -23.30 -30.09 19.19
CA SER F 352 -23.82 -31.34 19.74
C SER F 352 -24.43 -31.12 21.12
N ALA F 353 -23.80 -30.28 21.94
CA ALA F 353 -24.36 -30.00 23.26
C ALA F 353 -25.72 -29.35 23.16
N LEU F 354 -25.86 -28.37 22.26
CA LEU F 354 -27.16 -27.72 22.14
C LEU F 354 -28.22 -28.66 21.54
N ILE F 355 -27.82 -29.53 20.61
CA ILE F 355 -28.76 -30.52 20.09
C ILE F 355 -29.17 -31.49 21.19
N GLU F 356 -28.23 -31.84 22.06
CA GLU F 356 -28.53 -32.71 23.20
C GLU F 356 -29.57 -32.06 24.10
N PHE F 357 -29.41 -30.78 24.39
CA PHE F 357 -30.42 -30.08 25.18
C PHE F 357 -31.76 -30.06 24.45
N ALA F 358 -31.74 -29.87 23.13
CA ALA F 358 -32.98 -29.81 22.38
C ALA F 358 -33.75 -31.11 22.48
N THR F 359 -33.07 -32.25 22.30
CA THR F 359 -33.76 -33.52 22.43
C THR F 359 -34.20 -33.79 23.86
N VAL F 360 -33.41 -33.35 24.85
CA VAL F 360 -33.83 -33.49 26.24
C VAL F 360 -35.13 -32.74 26.49
N ASN F 361 -35.21 -31.51 26.00
CA ASN F 361 -36.43 -30.73 26.14
C ASN F 361 -37.58 -31.35 25.36
N TYR F 362 -37.28 -32.01 24.25
CA TYR F 362 -38.33 -32.71 23.52
C TYR F 362 -38.91 -33.84 24.36
N PHE F 363 -38.07 -34.58 25.07
CA PHE F 363 -38.50 -35.70 25.89
C PHE F 363 -38.73 -35.33 27.35
N THR F 364 -38.92 -34.05 27.67
CA THR F 364 -39.11 -33.64 29.06
C THR F 364 -40.55 -33.78 29.53
N LYS F 365 -41.51 -33.65 28.62
CA LYS F 365 -42.92 -33.75 28.99
C LYS F 365 -43.42 -35.19 29.03
N SER F 366 -42.93 -36.02 28.12
CA SER F 366 -43.24 -37.45 28.09
C SER F 366 -41.98 -38.22 28.42
N GLN F 367 -42.15 -39.33 29.17
CA GLN F 367 -41.11 -40.14 29.78
C GLN F 367 -39.97 -39.27 30.33
N PRO F 368 -40.20 -38.51 31.40
CA PRO F 368 -39.11 -37.71 31.98
C PRO F 368 -37.94 -38.54 32.46
N ALA F 369 -38.15 -39.82 32.77
CA ALA F 369 -37.03 -40.69 33.12
C ALA F 369 -36.05 -40.80 31.97
N ARG F 370 -36.56 -40.86 30.73
CA ARG F 370 -35.67 -40.89 29.57
C ARG F 370 -34.85 -39.62 29.47
N ALA F 371 -35.48 -38.46 29.72
CA ALA F 371 -34.74 -37.21 29.68
C ALA F 371 -33.66 -37.16 30.77
N ALA F 372 -34.00 -37.63 31.98
CA ALA F 372 -33.01 -37.67 33.04
C ALA F 372 -31.86 -38.60 32.70
N LYS F 373 -32.17 -39.75 32.09
CA LYS F 373 -31.11 -40.67 31.67
C LYS F 373 -30.24 -40.03 30.61
N ILE F 374 -30.83 -39.30 29.67
CA ILE F 374 -30.05 -38.66 28.61
C ILE F 374 -29.12 -37.61 29.22
N ASP F 375 -29.63 -36.80 30.15
CA ASP F 375 -28.77 -35.82 30.80
C ASP F 375 -27.64 -36.48 31.58
N ARG F 376 -27.96 -37.55 32.32
CA ARG F 376 -26.93 -38.23 33.10
C ARG F 376 -25.87 -38.82 32.18
N LEU F 377 -26.28 -39.45 31.08
CA LEU F 377 -25.32 -40.01 30.15
C LEU F 377 -24.46 -38.93 29.52
N SER F 378 -25.08 -37.81 29.13
CA SER F 378 -24.33 -36.73 28.49
C SER F 378 -23.30 -36.14 29.45
N ARG F 379 -23.66 -35.99 30.72
CA ARG F 379 -22.78 -35.35 31.69
C ARG F 379 -21.44 -36.07 31.81
N ILE F 380 -21.40 -37.37 31.56
CA ILE F 380 -20.16 -38.15 31.62
C ILE F 380 -19.60 -38.34 30.21
N ALA F 381 -20.47 -38.46 29.21
CA ALA F 381 -19.99 -38.74 27.87
C ALA F 381 -19.24 -37.56 27.27
N PHE F 382 -19.83 -36.36 27.36
CA PHE F 382 -19.22 -35.20 26.70
C PHE F 382 -17.86 -34.84 27.27
N PRO F 383 -17.67 -34.71 28.60
CA PRO F 383 -16.33 -34.36 29.11
C PRO F 383 -15.27 -35.38 28.75
N LEU F 384 -15.60 -36.68 28.83
CA LEU F 384 -14.62 -37.69 28.47
C LEU F 384 -14.27 -37.62 26.99
N LEU F 385 -15.27 -37.41 26.13
CA LEU F 385 -15.00 -37.29 24.69
C LEU F 385 -14.08 -36.10 24.42
N PHE F 386 -14.38 -34.95 25.02
CA PHE F 386 -13.53 -33.78 24.84
C PHE F 386 -12.14 -34.02 25.38
N GLY F 387 -12.03 -34.69 26.53
CA GLY F 387 -10.72 -34.95 27.11
C GLY F 387 -9.87 -35.85 26.23
N ILE F 388 -10.45 -36.93 25.71
CA ILE F 388 -9.65 -37.82 24.88
C ILE F 388 -9.28 -37.14 23.56
N PHE F 389 -10.19 -36.33 23.01
CA PHE F 389 -9.84 -35.60 21.79
C PHE F 389 -8.70 -34.63 22.06
N ASN F 390 -8.75 -33.92 23.18
CA ASN F 390 -7.69 -32.97 23.52
C ASN F 390 -6.37 -33.70 23.72
N LEU F 391 -6.39 -34.83 24.42
CA LEU F 391 -5.17 -35.59 24.65
C LEU F 391 -4.57 -36.08 23.33
N VAL F 392 -5.41 -36.63 22.45
CA VAL F 392 -4.93 -37.14 21.17
C VAL F 392 -4.34 -36.00 20.35
N TYR F 393 -5.06 -34.87 20.28
CA TYR F 393 -4.60 -33.74 19.47
C TYR F 393 -3.27 -33.21 19.98
N TRP F 394 -3.19 -32.92 21.28
CA TRP F 394 -1.98 -32.32 21.82
C TRP F 394 -0.80 -33.28 21.74
N ALA F 395 -1.01 -34.56 22.07
CA ALA F 395 0.09 -35.52 21.98
C ALA F 395 0.58 -35.66 20.55
N THR F 396 -0.34 -35.76 19.59
CA THR F 396 0.06 -35.92 18.20
C THR F 396 0.84 -34.71 17.70
N TYR F 397 0.39 -33.50 18.05
CA TYR F 397 0.95 -32.29 17.47
C TYR F 397 2.08 -31.68 18.30
N LEU F 398 2.41 -32.24 19.47
CA LEU F 398 3.60 -31.84 20.21
C LEU F 398 4.69 -32.90 20.24
N ASN F 399 4.34 -34.19 20.25
CA ASN F 399 5.37 -35.22 20.28
C ASN F 399 6.12 -35.32 18.95
N ARG F 400 5.58 -34.76 17.87
CA ARG F 400 6.26 -34.78 16.58
C ARG F 400 7.59 -34.02 16.65
N ILE G 1 -20.01 45.54 -36.78
CA ILE G 1 -20.48 44.21 -37.27
C ILE G 1 -19.31 43.23 -37.33
N ARG G 2 -18.12 43.75 -37.63
CA ARG G 2 -16.90 42.93 -37.72
C ARG G 2 -16.19 43.00 -36.38
N CYS G 3 -16.37 41.95 -35.57
CA CYS G 3 -15.65 41.81 -34.32
C CYS G 3 -14.75 40.57 -34.40
N PHE G 4 -14.13 40.23 -33.29
CA PHE G 4 -13.26 39.06 -33.16
C PHE G 4 -13.90 38.03 -32.23
N ILE G 5 -13.89 36.77 -32.65
CA ILE G 5 -14.44 35.67 -31.87
C ILE G 5 -13.29 34.86 -31.27
N THR G 6 -13.49 34.38 -30.05
CA THR G 6 -12.45 33.90 -29.15
C THR G 6 -11.66 32.63 -29.51
N PRO G 7 -12.18 31.65 -30.30
CA PRO G 7 -11.45 30.37 -30.43
C PRO G 7 -10.00 30.48 -30.87
N ASP G 8 -9.67 31.46 -31.71
CA ASP G 8 -8.30 31.77 -32.09
C ASP G 8 -7.90 33.07 -31.39
N ILE G 9 -6.60 33.40 -31.50
CA ILE G 9 -6.12 34.66 -30.93
C ILE G 9 -6.81 35.84 -31.58
N THR G 10 -6.92 35.82 -32.90
CA THR G 10 -7.63 36.87 -33.64
C THR G 10 -8.29 36.23 -34.85
N SER G 11 -9.61 36.32 -34.91
CA SER G 11 -10.38 35.81 -36.03
C SER G 11 -10.47 36.89 -37.11
N LYS G 12 -11.33 36.69 -38.10
CA LYS G 12 -11.40 37.55 -39.28
C LYS G 12 -12.67 38.39 -39.28
N ASP G 13 -13.84 37.78 -39.20
CA ASP G 13 -15.10 38.50 -39.30
C ASP G 13 -16.18 37.73 -38.56
N CYS G 14 -17.26 38.45 -38.22
CA CYS G 14 -18.36 37.91 -37.43
C CYS G 14 -19.66 38.53 -37.93
N PRO G 15 -20.10 38.15 -39.14
CA PRO G 15 -21.27 38.84 -39.74
C PRO G 15 -22.56 38.70 -38.97
N ASN G 16 -22.79 37.55 -38.32
CA ASN G 16 -24.14 37.23 -37.84
C ASN G 16 -24.59 38.17 -36.74
N GLY G 17 -23.74 38.42 -35.74
CA GLY G 17 -24.14 39.22 -34.60
C GLY G 17 -23.98 40.71 -34.85
N HIS G 18 -25.09 41.44 -34.79
CA HIS G 18 -25.03 42.89 -34.90
C HIS G 18 -24.20 43.48 -33.77
N VAL G 19 -24.69 43.32 -32.54
CA VAL G 19 -23.94 43.69 -31.35
C VAL G 19 -22.98 42.57 -30.96
N CYS G 20 -22.20 42.83 -29.92
CA CYS G 20 -20.78 42.49 -29.78
C CYS G 20 -20.22 42.89 -28.43
N TYR G 21 -19.25 42.13 -27.91
CA TYR G 21 -18.75 42.38 -26.56
C TYR G 21 -17.43 41.64 -26.37
N THR G 22 -16.72 42.02 -25.29
CA THR G 22 -15.39 41.52 -24.99
C THR G 22 -15.38 40.51 -23.85
N LYS G 23 -15.90 40.89 -22.67
CA LYS G 23 -16.02 39.99 -21.53
C LYS G 23 -14.67 39.41 -21.10
N THR G 24 -13.79 40.29 -20.65
CA THR G 24 -12.58 39.89 -19.94
C THR G 24 -12.90 39.84 -18.46
N TRP G 25 -12.72 38.66 -17.85
CA TRP G 25 -13.22 38.41 -16.50
C TRP G 25 -12.15 37.74 -15.63
N CYS G 26 -12.26 37.97 -14.33
CA CYS G 26 -11.40 37.36 -13.33
C CYS G 26 -12.15 36.21 -12.66
N ASP G 27 -11.42 35.13 -12.40
CA ASP G 27 -12.01 33.89 -11.90
C ASP G 27 -10.89 33.11 -11.20
N ALA G 28 -11.09 31.80 -11.02
CA ALA G 28 -9.96 30.94 -10.71
C ALA G 28 -8.94 31.04 -11.83
N PHE G 29 -7.66 30.99 -11.47
CA PHE G 29 -6.56 31.06 -12.44
C PHE G 29 -6.45 32.46 -13.04
N CYS G 30 -6.73 33.49 -12.24
CA CYS G 30 -6.64 34.88 -12.67
C CYS G 30 -5.25 35.48 -12.45
N SER G 31 -4.36 34.79 -11.74
CA SER G 31 -3.04 35.34 -11.41
C SER G 31 -1.99 34.92 -12.42
N ILE G 32 -1.77 33.62 -12.57
CA ILE G 32 -0.73 33.10 -13.45
C ILE G 32 -1.30 33.00 -14.87
N ARG G 33 -0.41 33.19 -15.85
CA ARG G 33 -0.71 33.21 -17.28
C ARG G 33 -1.57 34.40 -17.70
N GLY G 34 -1.78 35.37 -16.82
CA GLY G 34 -2.60 36.52 -17.15
C GLY G 34 -4.08 36.26 -16.93
N LYS G 35 -4.87 37.16 -17.48
CA LYS G 35 -6.32 37.19 -17.27
C LYS G 35 -7.02 36.63 -18.49
N ARG G 36 -7.96 35.71 -18.26
CA ARG G 36 -8.65 35.04 -19.36
C ARG G 36 -9.56 36.00 -20.11
N VAL G 37 -9.68 35.78 -21.42
CA VAL G 37 -10.49 36.61 -22.31
C VAL G 37 -11.40 35.71 -23.13
N ASP G 38 -12.59 36.21 -23.47
CA ASP G 38 -13.49 35.49 -24.35
C ASP G 38 -14.31 36.51 -25.15
N LEU G 39 -13.80 36.87 -26.33
CA LEU G 39 -14.45 37.84 -27.19
C LEU G 39 -15.69 37.20 -27.81
N GLY G 40 -16.80 37.96 -27.86
CA GLY G 40 -18.09 37.39 -28.20
C GLY G 40 -18.92 38.27 -29.09
N CYS G 41 -19.87 37.61 -29.78
CA CYS G 41 -20.68 38.17 -30.85
C CYS G 41 -22.18 38.05 -30.56
N ALA G 42 -22.60 38.17 -29.31
CA ALA G 42 -24.00 37.98 -28.97
C ALA G 42 -24.89 38.95 -29.73
N ALA G 43 -26.00 38.44 -30.28
CA ALA G 43 -26.91 39.27 -31.05
C ALA G 43 -27.57 40.35 -30.19
N THR G 44 -27.64 40.14 -28.88
CA THR G 44 -27.96 41.19 -27.91
C THR G 44 -26.77 41.31 -26.97
N CYS G 45 -26.44 42.55 -26.58
CA CYS G 45 -25.31 42.76 -25.70
C CYS G 45 -25.57 42.06 -24.37
N PRO G 46 -24.70 41.16 -23.91
CA PRO G 46 -25.10 40.23 -22.85
C PRO G 46 -25.30 40.91 -21.51
N THR G 47 -26.10 40.25 -20.67
CA THR G 47 -26.34 40.74 -19.32
C THR G 47 -25.04 40.76 -18.52
N VAL G 48 -24.89 41.77 -17.68
CA VAL G 48 -23.66 41.98 -16.93
C VAL G 48 -23.68 41.15 -15.66
N LYS G 49 -22.62 40.38 -15.44
CA LYS G 49 -22.44 39.60 -14.23
C LYS G 49 -21.77 40.46 -13.17
N THR G 50 -21.87 40.03 -11.91
CA THR G 50 -21.36 40.82 -10.80
C THR G 50 -19.84 40.84 -10.80
N GLY G 51 -19.28 41.73 -11.63
CA GLY G 51 -17.85 41.93 -11.73
C GLY G 51 -17.27 41.28 -12.96
N VAL G 52 -17.14 42.05 -14.03
CA VAL G 52 -16.54 41.59 -15.28
C VAL G 52 -16.35 42.80 -16.18
N ASP G 53 -15.31 42.79 -17.02
CA ASP G 53 -15.03 43.91 -17.91
C ASP G 53 -15.68 43.66 -19.27
N ILE G 54 -17.00 43.84 -19.29
CA ILE G 54 -17.77 43.75 -20.53
C ILE G 54 -17.75 45.12 -21.20
N GLN G 55 -16.82 45.32 -22.12
CA GLN G 55 -16.74 46.55 -22.90
C GLN G 55 -17.57 46.33 -24.17
N CYS G 56 -18.83 46.73 -24.14
CA CYS G 56 -19.74 46.40 -25.22
C CYS G 56 -19.36 47.18 -26.47
N CYS G 57 -19.50 46.52 -27.61
CA CYS G 57 -19.05 47.01 -28.91
C CYS G 57 -19.91 48.18 -29.38
N SER G 58 -19.41 48.88 -30.42
CA SER G 58 -20.21 49.82 -31.20
C SER G 58 -20.10 49.61 -32.70
N THR G 59 -18.91 49.31 -33.22
CA THR G 59 -18.63 49.25 -34.65
C THR G 59 -17.60 48.15 -34.87
N ASP G 60 -16.94 48.16 -36.04
CA ASP G 60 -15.96 47.13 -36.38
C ASP G 60 -14.75 47.18 -35.45
N ASN G 61 -13.82 46.24 -35.65
CA ASN G 61 -12.71 45.95 -34.74
C ASN G 61 -13.28 45.42 -33.44
N CYS G 62 -13.93 46.30 -32.68
CA CYS G 62 -15.15 46.00 -31.94
C CYS G 62 -14.64 45.43 -30.61
N ASN G 63 -13.95 44.29 -30.67
CA ASN G 63 -13.28 43.69 -29.52
C ASN G 63 -11.84 43.36 -29.90
N PRO G 64 -10.98 44.37 -30.02
CA PRO G 64 -9.56 44.10 -30.26
C PRO G 64 -8.94 43.36 -29.08
N PHE G 65 -7.95 42.52 -29.39
CA PHE G 65 -7.25 41.80 -28.36
C PHE G 65 -6.44 42.77 -27.49
N PRO G 66 -6.26 42.47 -26.19
CA PRO G 66 -5.36 43.31 -25.40
C PRO G 66 -3.94 43.30 -25.95
N THR G 67 -3.28 44.45 -25.88
CA THR G 67 -1.96 44.61 -26.47
C THR G 67 -0.92 43.86 -25.64
N ARG G 68 -0.27 42.88 -26.26
CA ARG G 68 0.85 42.15 -25.69
C ARG G 68 0.56 41.52 -24.33
N LYS G 69 -0.72 41.27 -24.02
CA LYS G 69 -1.12 40.74 -22.72
C LYS G 69 -0.67 41.66 -21.58
N ARG G 70 -1.10 42.91 -21.66
CA ARG G 70 -0.74 43.89 -20.63
C ARG G 70 -1.23 43.50 -19.25
N PRO G 71 -2.52 43.17 -19.04
CA PRO G 71 -2.95 42.75 -17.71
C PRO G 71 -2.66 41.28 -17.44
N ILE H 1 54.84 2.11 35.98
CA ILE H 1 53.69 1.36 35.40
C ILE H 1 53.81 1.36 33.88
N ARG H 2 53.54 0.20 33.27
CA ARG H 2 53.55 0.07 31.82
C ARG H 2 52.38 -0.78 31.33
N CYS H 3 51.24 -0.69 32.03
CA CYS H 3 50.01 -1.33 31.57
C CYS H 3 49.43 -0.45 30.47
N PHE H 4 49.50 -0.94 29.23
CA PHE H 4 48.91 -0.21 28.11
C PHE H 4 47.40 -0.30 28.23
N ILE H 5 46.80 0.75 28.77
CA ILE H 5 45.36 0.76 29.01
C ILE H 5 44.66 1.12 27.71
N THR H 6 43.58 0.40 27.42
CA THR H 6 42.76 0.68 26.25
C THR H 6 41.41 1.22 26.73
N PRO H 7 41.32 2.53 26.98
CA PRO H 7 40.06 3.26 26.82
C PRO H 7 39.92 3.78 25.39
N ASP H 8 40.17 2.88 24.42
CA ASP H 8 40.25 3.11 22.99
C ASP H 8 41.55 3.81 22.58
N ILE H 9 42.43 4.15 23.51
CA ILE H 9 43.72 4.76 23.20
C ILE H 9 44.78 3.89 23.86
N THR H 10 45.39 2.99 23.08
CA THR H 10 46.33 2.01 23.61
C THR H 10 47.76 2.57 23.56
N SER H 11 47.92 3.72 24.20
CA SER H 11 49.22 4.39 24.33
C SER H 11 49.52 4.80 25.77
N LYS H 12 48.50 5.20 26.53
CA LYS H 12 48.67 5.78 27.86
C LYS H 12 48.49 4.72 28.93
N ASP H 13 49.23 4.90 30.03
CA ASP H 13 49.26 3.98 31.14
C ASP H 13 48.67 4.65 32.38
N CYS H 14 48.20 3.83 33.33
CA CYS H 14 47.46 4.33 34.49
C CYS H 14 48.37 4.38 35.71
N PRO H 15 48.74 5.56 36.22
CA PRO H 15 49.36 5.60 37.55
C PRO H 15 48.49 5.02 38.64
N ASN H 16 47.16 5.23 38.56
CA ASN H 16 46.27 4.76 39.62
C ASN H 16 46.25 3.24 39.69
N GLY H 17 46.04 2.58 38.55
CA GLY H 17 46.01 1.14 38.53
C GLY H 17 47.37 0.54 38.84
N HIS H 18 47.35 -0.61 39.51
CA HIS H 18 48.56 -1.29 39.96
C HIS H 18 48.95 -2.46 39.07
N VAL H 19 47.97 -3.22 38.57
CA VAL H 19 48.23 -4.41 37.75
C VAL H 19 47.29 -4.42 36.56
N CYS H 20 47.83 -4.83 35.41
CA CYS H 20 47.14 -4.78 34.13
C CYS H 20 45.93 -5.71 34.13
N TYR H 21 45.26 -5.75 32.99
CA TYR H 21 44.08 -6.59 32.79
C TYR H 21 43.89 -6.76 31.29
N THR H 22 44.01 -8.00 30.80
CA THR H 22 43.86 -8.31 29.38
C THR H 22 42.67 -9.24 29.19
N LYS H 23 41.89 -8.97 28.14
CA LYS H 23 40.71 -9.77 27.84
C LYS H 23 40.46 -9.71 26.34
N THR H 24 40.45 -10.87 25.69
CA THR H 24 40.27 -10.98 24.24
C THR H 24 39.19 -12.03 23.96
N TRP H 25 37.94 -11.61 23.96
CA TRP H 25 36.83 -12.49 23.68
C TRP H 25 36.44 -12.41 22.21
N CYS H 26 35.57 -13.34 21.80
CA CYS H 26 35.13 -13.49 20.41
C CYS H 26 33.62 -13.30 20.37
N ASP H 27 33.18 -12.06 20.18
CA ASP H 27 31.76 -11.73 20.08
C ASP H 27 31.56 -10.71 18.96
N ALA H 28 30.41 -10.81 18.30
CA ALA H 28 30.06 -9.86 17.25
C ALA H 28 30.94 -10.05 16.03
N PHE H 29 31.69 -9.01 15.65
CA PHE H 29 32.56 -9.05 14.48
C PHE H 29 33.82 -9.84 14.81
N CYS H 30 33.64 -11.14 14.98
CA CYS H 30 34.74 -12.04 15.31
C CYS H 30 35.33 -12.71 14.07
N SER H 31 34.46 -13.36 13.28
CA SER H 31 34.91 -13.99 12.05
C SER H 31 35.25 -13.00 10.95
N ILE H 32 34.89 -11.73 11.10
CA ILE H 32 35.05 -10.73 10.06
C ILE H 32 36.09 -9.68 10.41
N ARG H 33 36.32 -9.42 11.70
CA ARG H 33 37.14 -8.30 12.14
C ARG H 33 38.19 -8.66 13.18
N GLY H 34 38.06 -9.78 13.87
CA GLY H 34 39.02 -10.25 14.85
C GLY H 34 38.42 -10.30 16.23
N LYS H 35 39.24 -10.79 17.16
CA LYS H 35 38.82 -10.89 18.55
C LYS H 35 38.68 -9.51 19.18
N ARG H 36 37.76 -9.41 20.15
CA ARG H 36 37.52 -8.16 20.86
C ARG H 36 38.61 -7.98 21.91
N VAL H 37 39.77 -7.50 21.46
CA VAL H 37 40.87 -7.20 22.37
C VAL H 37 40.46 -6.08 23.30
N ASP H 38 40.76 -6.23 24.58
CA ASP H 38 40.35 -5.24 25.59
C ASP H 38 41.36 -5.28 26.73
N LEU H 39 42.10 -4.19 26.91
CA LEU H 39 43.05 -4.05 27.99
C LEU H 39 42.46 -3.15 29.08
N GLY H 40 43.23 -2.96 30.15
CA GLY H 40 42.79 -2.15 31.26
C GLY H 40 43.73 -2.38 32.44
N CYS H 41 43.33 -1.85 33.59
CA CYS H 41 44.11 -2.05 34.80
C CYS H 41 43.21 -1.96 36.03
N ALA H 42 43.68 -2.55 37.12
CA ALA H 42 42.96 -2.59 38.38
C ALA H 42 43.98 -2.79 39.49
N ALA H 43 43.50 -2.70 40.74
CA ALA H 43 44.40 -2.79 41.89
C ALA H 43 44.91 -4.21 42.13
N THR H 44 44.26 -5.22 41.58
CA THR H 44 44.66 -6.61 41.81
C THR H 44 44.18 -7.45 40.64
N CYS H 45 44.80 -8.65 40.50
CA CYS H 45 44.39 -9.58 39.46
C CYS H 45 42.95 -10.02 39.74
N PRO H 46 41.96 -9.65 38.92
CA PRO H 46 40.58 -9.99 39.26
C PRO H 46 40.21 -11.38 38.74
N THR H 47 38.93 -11.72 38.87
CA THR H 47 38.44 -13.04 38.52
C THR H 47 38.61 -13.32 37.02
N VAL H 48 38.25 -14.54 36.63
CA VAL H 48 38.40 -15.05 35.27
C VAL H 48 37.03 -15.48 34.77
N LYS H 49 36.72 -15.13 33.52
CA LYS H 49 35.52 -15.58 32.84
C LYS H 49 35.85 -16.69 31.85
N THR H 50 34.85 -17.53 31.58
CA THR H 50 35.01 -18.66 30.69
C THR H 50 34.95 -18.22 29.23
N GLY H 51 35.76 -18.85 28.39
CA GLY H 51 35.78 -18.59 26.97
C GLY H 51 36.74 -17.51 26.53
N VAL H 52 37.38 -16.80 27.48
CA VAL H 52 38.30 -15.72 27.17
C VAL H 52 39.49 -15.80 28.11
N ASP H 53 40.68 -15.55 27.56
CA ASP H 53 41.91 -15.69 28.32
C ASP H 53 42.11 -14.51 29.29
N ILE H 54 42.98 -14.73 30.26
CA ILE H 54 43.33 -13.70 31.24
C ILE H 54 44.76 -13.91 31.68
N GLN H 55 45.51 -12.81 31.78
CA GLN H 55 46.88 -12.83 32.29
C GLN H 55 47.05 -11.62 33.21
N CYS H 56 47.59 -11.86 34.41
CA CYS H 56 47.92 -10.75 35.28
C CYS H 56 49.25 -10.16 34.82
N CYS H 57 49.86 -9.30 35.64
CA CYS H 57 50.81 -8.33 35.13
C CYS H 57 51.68 -7.79 36.25
N SER H 58 52.60 -6.90 35.88
CA SER H 58 53.57 -6.30 36.78
C SER H 58 53.72 -4.83 36.40
N THR H 59 54.78 -4.19 36.93
CA THR H 59 54.94 -2.76 36.71
C THR H 59 55.33 -2.45 35.26
N ASP H 60 56.32 -3.15 34.72
CA ASP H 60 56.96 -2.77 33.47
C ASP H 60 56.86 -3.91 32.46
N ASN H 61 56.79 -3.53 31.18
CA ASN H 61 56.77 -4.48 30.06
C ASN H 61 55.61 -5.48 30.21
N CYS H 62 54.40 -4.93 30.22
CA CYS H 62 53.24 -5.71 30.60
C CYS H 62 52.49 -6.31 29.42
N ASN H 63 51.96 -5.46 28.53
CA ASN H 63 50.99 -5.90 27.55
C ASN H 63 50.95 -4.97 26.34
N PRO H 64 51.85 -5.11 25.38
CA PRO H 64 51.68 -4.38 24.12
C PRO H 64 50.49 -4.92 23.35
N PHE H 65 49.95 -4.07 22.47
CA PHE H 65 48.82 -4.48 21.67
C PHE H 65 49.23 -5.63 20.75
N PRO H 66 48.55 -6.78 20.79
CA PRO H 66 49.02 -7.92 19.98
C PRO H 66 48.91 -7.64 18.49
N THR H 67 49.90 -8.09 17.75
CA THR H 67 49.94 -7.89 16.30
C THR H 67 50.88 -8.90 15.65
#